data_2JU2
# 
_entry.id   2JU2 
# 
_audit_conform.dict_name       mmcif_pdbx.dic 
_audit_conform.dict_version    5.392 
_audit_conform.dict_location   http://mmcif.pdb.org/dictionaries/ascii/mmcif_pdbx.dic 
# 
loop_
_database_2.database_id 
_database_2.database_code 
_database_2.pdbx_database_accession 
_database_2.pdbx_DOI 
PDB   2JU2         pdb_00002ju2 10.2210/pdb2ju2/pdb 
RCSB  RCSB100290   ?            ?                   
WWPDB D_1000100290 ?            ?                   
# 
loop_
_pdbx_audit_revision_history.ordinal 
_pdbx_audit_revision_history.data_content_type 
_pdbx_audit_revision_history.major_revision 
_pdbx_audit_revision_history.minor_revision 
_pdbx_audit_revision_history.revision_date 
1 'Structure model' 1 0 2007-10-02 
2 'Structure model' 1 1 2011-07-13 
3 'Structure model' 1 2 2022-03-16 
4 'Structure model' 1 3 2024-05-29 
# 
_pdbx_audit_revision_details.ordinal             1 
_pdbx_audit_revision_details.revision_ordinal    1 
_pdbx_audit_revision_details.data_content_type   'Structure model' 
_pdbx_audit_revision_details.provider            repository 
_pdbx_audit_revision_details.type                'Initial release' 
_pdbx_audit_revision_details.description         ? 
_pdbx_audit_revision_details.details             ? 
# 
loop_
_pdbx_audit_revision_group.ordinal 
_pdbx_audit_revision_group.revision_ordinal 
_pdbx_audit_revision_group.data_content_type 
_pdbx_audit_revision_group.group 
1 2 'Structure model' 'Version format compliance' 
2 3 'Structure model' 'Database references'       
3 3 'Structure model' 'Derived calculations'      
4 4 'Structure model' 'Data collection'           
# 
loop_
_pdbx_audit_revision_category.ordinal 
_pdbx_audit_revision_category.revision_ordinal 
_pdbx_audit_revision_category.data_content_type 
_pdbx_audit_revision_category.category 
1 3 'Structure model' database_2            
2 3 'Structure model' pdbx_struct_assembly  
3 3 'Structure model' pdbx_struct_oper_list 
4 3 'Structure model' struct_ref_seq_dif    
5 4 'Structure model' chem_comp_atom        
6 4 'Structure model' chem_comp_bond        
# 
loop_
_pdbx_audit_revision_item.ordinal 
_pdbx_audit_revision_item.revision_ordinal 
_pdbx_audit_revision_item.data_content_type 
_pdbx_audit_revision_item.item 
1 3 'Structure model' '_database_2.pdbx_DOI'                
2 3 'Structure model' '_database_2.pdbx_database_accession' 
3 3 'Structure model' '_struct_ref_seq_dif.details'         
# 
_pdbx_database_status.deposit_site                    BMRB 
_pdbx_database_status.entry_id                        2JU2 
_pdbx_database_status.process_site                    RCSB 
_pdbx_database_status.recvd_initial_deposition_date   2007-08-12 
_pdbx_database_status.SG_entry                        ? 
_pdbx_database_status.status_code                     REL 
_pdbx_database_status.status_code_mr                  REL 
_pdbx_database_status.status_code_sf                  ? 
_pdbx_database_status.pdb_format_compatible           Y 
_pdbx_database_status.status_code_cs                  ? 
_pdbx_database_status.status_code_nmr_data            ? 
_pdbx_database_status.methods_development_category    ? 
# 
_pdbx_database_related.db_id          2ju1 
_pdbx_database_related.db_name        PDB 
_pdbx_database_related.details        
'ensemble of 30 structures of the acyl carrier protein domain from module 2 of the 6-deoxyerythronolide B synthase (DEBS)' 
_pdbx_database_related.content_type   unspecified 
# 
loop_
_audit_author.name 
_audit_author.pdbx_ordinal 
'Alekseyev, V.Y.' 1 
'Liu, C.W.'       2 
'Puglisi, J.D.'   3 
'Khosla, C.'      4 
# 
_citation.id                        primary 
_citation.title                     
;Solution structure and proposed domain domain recognition interface of an acyl carrier protein domain from a modular polyketide synthase.
;
_citation.journal_abbrev            'Protein Sci.' 
_citation.journal_volume            16 
_citation.page_first                2093 
_citation.page_last                 2107 
_citation.year                      2007 
_citation.journal_id_ASTM           PRCIEI 
_citation.country                   US 
_citation.journal_id_ISSN           0961-8368 
_citation.journal_id_CSD            0795 
_citation.book_publisher            ? 
_citation.pdbx_database_id_PubMed   17893358 
_citation.pdbx_database_id_DOI      10.1110/ps.073011407 
# 
loop_
_citation_author.citation_id 
_citation_author.name 
_citation_author.ordinal 
_citation_author.identifier_ORCID 
primary 'Alekseyev, V.Y.' 1 ? 
primary 'Liu, C.W.'       2 ? 
primary 'Cane, D.E.'      3 ? 
primary 'Puglisi, J.D.'   4 ? 
primary 'Khosla, C.'      5 ? 
# 
_entity.id                         1 
_entity.type                       polymer 
_entity.src_method                 man 
_entity.pdbx_description           'Erythronolide synthase' 
_entity.formula_weight             10160.617 
_entity.pdbx_number_of_molecules   1 
_entity.pdbx_ec                    2.3.1.94 
_entity.pdbx_mutation              ? 
_entity.pdbx_fragment              'acyl carrier protein domain' 
_entity.details                    ? 
# 
_entity_name_com.entity_id   1 
_entity_name_com.name        'ORF 1, 6-deoxyerythronolide B synthase I, DEBS 1' 
# 
_entity_poly.entity_id                      1 
_entity_poly.type                           'polypeptide(L)' 
_entity_poly.nstd_linkage                   no 
_entity_poly.nstd_monomer                   no 
_entity_poly.pdbx_seq_one_letter_code       
;GSHMLRDRLAGLPRAERTAELVRLVRTSTATVLGHDDPKAVRATTPFKELGFDSLAAVRLRNLLNAATGLRLPSTLVFDH
PNASAVAGFLDAELG
;
_entity_poly.pdbx_seq_one_letter_code_can   
;GSHMLRDRLAGLPRAERTAELVRLVRTSTATVLGHDDPKAVRATTPFKELGFDSLAAVRLRNLLNAATGLRLPSTLVFDH
PNASAVAGFLDAELG
;
_entity_poly.pdbx_strand_id                 A 
_entity_poly.pdbx_target_identifier         ? 
# 
loop_
_entity_poly_seq.entity_id 
_entity_poly_seq.num 
_entity_poly_seq.mon_id 
_entity_poly_seq.hetero 
1 1  GLY n 
1 2  SER n 
1 3  HIS n 
1 4  MET n 
1 5  LEU n 
1 6  ARG n 
1 7  ASP n 
1 8  ARG n 
1 9  LEU n 
1 10 ALA n 
1 11 GLY n 
1 12 LEU n 
1 13 PRO n 
1 14 ARG n 
1 15 ALA n 
1 16 GLU n 
1 17 ARG n 
1 18 THR n 
1 19 ALA n 
1 20 GLU n 
1 21 LEU n 
1 22 VAL n 
1 23 ARG n 
1 24 LEU n 
1 25 VAL n 
1 26 ARG n 
1 27 THR n 
1 28 SER n 
1 29 THR n 
1 30 ALA n 
1 31 THR n 
1 32 VAL n 
1 33 LEU n 
1 34 GLY n 
1 35 HIS n 
1 36 ASP n 
1 37 ASP n 
1 38 PRO n 
1 39 LYS n 
1 40 ALA n 
1 41 VAL n 
1 42 ARG n 
1 43 ALA n 
1 44 THR n 
1 45 THR n 
1 46 PRO n 
1 47 PHE n 
1 48 LYS n 
1 49 GLU n 
1 50 LEU n 
1 51 GLY n 
1 52 PHE n 
1 53 ASP n 
1 54 SER n 
1 55 LEU n 
1 56 ALA n 
1 57 ALA n 
1 58 VAL n 
1 59 ARG n 
1 60 LEU n 
1 61 ARG n 
1 62 ASN n 
1 63 LEU n 
1 64 LEU n 
1 65 ASN n 
1 66 ALA n 
1 67 ALA n 
1 68 THR n 
1 69 GLY n 
1 70 LEU n 
1 71 ARG n 
1 72 LEU n 
1 73 PRO n 
1 74 SER n 
1 75 THR n 
1 76 LEU n 
1 77 VAL n 
1 78 PHE n 
1 79 ASP n 
1 80 HIS n 
1 81 PRO n 
1 82 ASN n 
1 83 ALA n 
1 84 SER n 
1 85 ALA n 
1 86 VAL n 
1 87 ALA n 
1 88 GLY n 
1 89 PHE n 
1 90 LEU n 
1 91 ASP n 
1 92 ALA n 
1 93 GLU n 
1 94 LEU n 
1 95 GLY n 
# 
_entity_src_gen.entity_id                          1 
_entity_src_gen.pdbx_src_id                        1 
_entity_src_gen.pdbx_alt_source_flag               sample 
_entity_src_gen.pdbx_seq_type                      ? 
_entity_src_gen.pdbx_beg_seq_num                   ? 
_entity_src_gen.pdbx_end_seq_num                   ? 
_entity_src_gen.gene_src_common_name               ? 
_entity_src_gen.gene_src_genus                     Saccharopolyspora 
_entity_src_gen.pdbx_gene_src_gene                 eryA 
_entity_src_gen.gene_src_species                   ? 
_entity_src_gen.gene_src_strain                    ? 
_entity_src_gen.gene_src_tissue                    ? 
_entity_src_gen.gene_src_tissue_fraction           ? 
_entity_src_gen.gene_src_details                   ? 
_entity_src_gen.pdbx_gene_src_fragment             ? 
_entity_src_gen.pdbx_gene_src_scientific_name      'Saccharopolyspora erythraea' 
_entity_src_gen.pdbx_gene_src_ncbi_taxonomy_id     1836 
_entity_src_gen.pdbx_gene_src_variant              ? 
_entity_src_gen.pdbx_gene_src_cell_line            ? 
_entity_src_gen.pdbx_gene_src_atcc                 ? 
_entity_src_gen.pdbx_gene_src_organ                ? 
_entity_src_gen.pdbx_gene_src_organelle            ? 
_entity_src_gen.pdbx_gene_src_cell                 ? 
_entity_src_gen.pdbx_gene_src_cellular_location    ? 
_entity_src_gen.host_org_common_name               ? 
_entity_src_gen.pdbx_host_org_scientific_name      'Escherichia coli BL21(DE3)' 
_entity_src_gen.pdbx_host_org_ncbi_taxonomy_id     469008 
_entity_src_gen.host_org_genus                     Escherichia 
_entity_src_gen.pdbx_host_org_gene                 ? 
_entity_src_gen.pdbx_host_org_organ                ? 
_entity_src_gen.host_org_species                   'Escherichia coli' 
_entity_src_gen.pdbx_host_org_tissue               ? 
_entity_src_gen.pdbx_host_org_tissue_fraction      ? 
_entity_src_gen.pdbx_host_org_strain               'BL21(DE3)' 
_entity_src_gen.pdbx_host_org_variant              ? 
_entity_src_gen.pdbx_host_org_cell_line            ? 
_entity_src_gen.pdbx_host_org_atcc                 ? 
_entity_src_gen.pdbx_host_org_culture_collection   ? 
_entity_src_gen.pdbx_host_org_cell                 ? 
_entity_src_gen.pdbx_host_org_organelle            ? 
_entity_src_gen.pdbx_host_org_cellular_location    ? 
_entity_src_gen.pdbx_host_org_vector_type          plasmid 
_entity_src_gen.pdbx_host_org_vector               ? 
_entity_src_gen.host_org_details                   ? 
_entity_src_gen.expression_system_id               ? 
_entity_src_gen.plasmid_name                       'pET28(a)' 
_entity_src_gen.plasmid_details                    ? 
_entity_src_gen.pdbx_description                   
'stop codon at the C-terminus, before the C-terminal His-tag present in the expression vector plasmid' 
# 
loop_
_chem_comp.id 
_chem_comp.type 
_chem_comp.mon_nstd_flag 
_chem_comp.name 
_chem_comp.pdbx_synonyms 
_chem_comp.formula 
_chem_comp.formula_weight 
ALA 'L-peptide linking' y ALANINE         ? 'C3 H7 N O2'     89.093  
ARG 'L-peptide linking' y ARGININE        ? 'C6 H15 N4 O2 1' 175.209 
ASN 'L-peptide linking' y ASPARAGINE      ? 'C4 H8 N2 O3'    132.118 
ASP 'L-peptide linking' y 'ASPARTIC ACID' ? 'C4 H7 N O4'     133.103 
GLU 'L-peptide linking' y 'GLUTAMIC ACID' ? 'C5 H9 N O4'     147.129 
GLY 'peptide linking'   y GLYCINE         ? 'C2 H5 N O2'     75.067  
HIS 'L-peptide linking' y HISTIDINE       ? 'C6 H10 N3 O2 1' 156.162 
LEU 'L-peptide linking' y LEUCINE         ? 'C6 H13 N O2'    131.173 
LYS 'L-peptide linking' y LYSINE          ? 'C6 H15 N2 O2 1' 147.195 
MET 'L-peptide linking' y METHIONINE      ? 'C5 H11 N O2 S'  149.211 
PHE 'L-peptide linking' y PHENYLALANINE   ? 'C9 H11 N O2'    165.189 
PRO 'L-peptide linking' y PROLINE         ? 'C5 H9 N O2'     115.130 
SER 'L-peptide linking' y SERINE          ? 'C3 H7 N O3'     105.093 
THR 'L-peptide linking' y THREONINE       ? 'C4 H9 N O3'     119.119 
VAL 'L-peptide linking' y VALINE          ? 'C5 H11 N O2'    117.146 
# 
loop_
_pdbx_poly_seq_scheme.asym_id 
_pdbx_poly_seq_scheme.entity_id 
_pdbx_poly_seq_scheme.seq_id 
_pdbx_poly_seq_scheme.mon_id 
_pdbx_poly_seq_scheme.ndb_seq_num 
_pdbx_poly_seq_scheme.pdb_seq_num 
_pdbx_poly_seq_scheme.auth_seq_num 
_pdbx_poly_seq_scheme.pdb_mon_id 
_pdbx_poly_seq_scheme.auth_mon_id 
_pdbx_poly_seq_scheme.pdb_strand_id 
_pdbx_poly_seq_scheme.pdb_ins_code 
_pdbx_poly_seq_scheme.hetero 
A 1 1  GLY 1  1  1  GLY GLY A . n 
A 1 2  SER 2  2  2  SER SER A . n 
A 1 3  HIS 3  3  3  HIS HIS A . n 
A 1 4  MET 4  4  4  MET MET A . n 
A 1 5  LEU 5  5  5  LEU LEU A . n 
A 1 6  ARG 6  6  6  ARG ARG A . n 
A 1 7  ASP 7  7  7  ASP ASP A . n 
A 1 8  ARG 8  8  8  ARG ARG A . n 
A 1 9  LEU 9  9  9  LEU LEU A . n 
A 1 10 ALA 10 10 10 ALA ALA A . n 
A 1 11 GLY 11 11 11 GLY GLY A . n 
A 1 12 LEU 12 12 12 LEU LEU A . n 
A 1 13 PRO 13 13 13 PRO PRO A . n 
A 1 14 ARG 14 14 14 ARG ARG A . n 
A 1 15 ALA 15 15 15 ALA ALA A . n 
A 1 16 GLU 16 16 16 GLU GLU A . n 
A 1 17 ARG 17 17 17 ARG ARG A . n 
A 1 18 THR 18 18 18 THR THR A . n 
A 1 19 ALA 19 19 19 ALA ALA A . n 
A 1 20 GLU 20 20 20 GLU GLU A . n 
A 1 21 LEU 21 21 21 LEU LEU A . n 
A 1 22 VAL 22 22 22 VAL VAL A . n 
A 1 23 ARG 23 23 23 ARG ARG A . n 
A 1 24 LEU 24 24 24 LEU LEU A . n 
A 1 25 VAL 25 25 25 VAL VAL A . n 
A 1 26 ARG 26 26 26 ARG ARG A . n 
A 1 27 THR 27 27 27 THR THR A . n 
A 1 28 SER 28 28 28 SER SER A . n 
A 1 29 THR 29 29 29 THR THR A . n 
A 1 30 ALA 30 30 30 ALA ALA A . n 
A 1 31 THR 31 31 31 THR THR A . n 
A 1 32 VAL 32 32 32 VAL VAL A . n 
A 1 33 LEU 33 33 33 LEU LEU A . n 
A 1 34 GLY 34 34 34 GLY GLY A . n 
A 1 35 HIS 35 35 35 HIS HIS A . n 
A 1 36 ASP 36 36 36 ASP ASP A . n 
A 1 37 ASP 37 37 37 ASP ASP A . n 
A 1 38 PRO 38 38 38 PRO PRO A . n 
A 1 39 LYS 39 39 39 LYS LYS A . n 
A 1 40 ALA 40 40 40 ALA ALA A . n 
A 1 41 VAL 41 41 41 VAL VAL A . n 
A 1 42 ARG 42 42 42 ARG ARG A . n 
A 1 43 ALA 43 43 43 ALA ALA A . n 
A 1 44 THR 44 44 44 THR THR A . n 
A 1 45 THR 45 45 45 THR THR A . n 
A 1 46 PRO 46 46 46 PRO PRO A . n 
A 1 47 PHE 47 47 47 PHE PHE A . n 
A 1 48 LYS 48 48 48 LYS LYS A . n 
A 1 49 GLU 49 49 49 GLU GLU A . n 
A 1 50 LEU 50 50 50 LEU LEU A . n 
A 1 51 GLY 51 51 51 GLY GLY A . n 
A 1 52 PHE 52 52 52 PHE PHE A . n 
A 1 53 ASP 53 53 53 ASP ASP A . n 
A 1 54 SER 54 54 54 SER SER A . n 
A 1 55 LEU 55 55 55 LEU LEU A . n 
A 1 56 ALA 56 56 56 ALA ALA A . n 
A 1 57 ALA 57 57 57 ALA ALA A . n 
A 1 58 VAL 58 58 58 VAL VAL A . n 
A 1 59 ARG 59 59 59 ARG ARG A . n 
A 1 60 LEU 60 60 60 LEU LEU A . n 
A 1 61 ARG 61 61 61 ARG ARG A . n 
A 1 62 ASN 62 62 62 ASN ASN A . n 
A 1 63 LEU 63 63 63 LEU LEU A . n 
A 1 64 LEU 64 64 64 LEU LEU A . n 
A 1 65 ASN 65 65 65 ASN ASN A . n 
A 1 66 ALA 66 66 66 ALA ALA A . n 
A 1 67 ALA 67 67 67 ALA ALA A . n 
A 1 68 THR 68 68 68 THR THR A . n 
A 1 69 GLY 69 69 69 GLY GLY A . n 
A 1 70 LEU 70 70 70 LEU LEU A . n 
A 1 71 ARG 71 71 71 ARG ARG A . n 
A 1 72 LEU 72 72 72 LEU LEU A . n 
A 1 73 PRO 73 73 73 PRO PRO A . n 
A 1 74 SER 74 74 74 SER SER A . n 
A 1 75 THR 75 75 75 THR THR A . n 
A 1 76 LEU 76 76 76 LEU LEU A . n 
A 1 77 VAL 77 77 77 VAL VAL A . n 
A 1 78 PHE 78 78 78 PHE PHE A . n 
A 1 79 ASP 79 79 79 ASP ASP A . n 
A 1 80 HIS 80 80 80 HIS HIS A . n 
A 1 81 PRO 81 81 81 PRO PRO A . n 
A 1 82 ASN 82 82 82 ASN ASN A . n 
A 1 83 ALA 83 83 83 ALA ALA A . n 
A 1 84 SER 84 84 84 SER SER A . n 
A 1 85 ALA 85 85 85 ALA ALA A . n 
A 1 86 VAL 86 86 86 VAL VAL A . n 
A 1 87 ALA 87 87 87 ALA ALA A . n 
A 1 88 GLY 88 88 88 GLY GLY A . n 
A 1 89 PHE 89 89 89 PHE PHE A . n 
A 1 90 LEU 90 90 90 LEU LEU A . n 
A 1 91 ASP 91 91 91 ASP ASP A . n 
A 1 92 ALA 92 92 92 ALA ALA A . n 
A 1 93 GLU 93 93 93 GLU GLU A . n 
A 1 94 LEU 94 94 94 LEU LEU A . n 
A 1 95 GLY 95 95 95 GLY GLY A . n 
# 
_cell.entry_id           2JU2 
_cell.length_a           1.000 
_cell.length_b           1.000 
_cell.length_c           1.000 
_cell.angle_alpha        90.00 
_cell.angle_beta         90.00 
_cell.angle_gamma        90.00 
_cell.Z_PDB              1 
_cell.pdbx_unique_axis   ? 
# 
_symmetry.entry_id                         2JU2 
_symmetry.space_group_name_H-M             'P 1' 
_symmetry.pdbx_full_space_group_name_H-M   ? 
_symmetry.cell_setting                     ? 
_symmetry.Int_Tables_number                1 
# 
_exptl.absorpt_coefficient_mu     ? 
_exptl.absorpt_correction_T_max   ? 
_exptl.absorpt_correction_T_min   ? 
_exptl.absorpt_correction_type    ? 
_exptl.absorpt_process_details    ? 
_exptl.crystals_number            ? 
_exptl.details                    
'residues 5-95 are identical to the DEBS residues 3318-3408 (EryA, EntrezProtein accession no. AAA26493)' 
_exptl.entry_id                   2JU2 
_exptl.method                     'SOLUTION NMR' 
_exptl.method_details             ? 
# 
_struct.entry_id                  2JU2 
_struct.title                     
'Minimized mean solution structure of the acyl carrier protein domain from module 2 of 6-deoxyerythronolide B synthase (DEBS)' 
_struct.pdbx_model_details        
'residues 5-95 are identical to the DEBS residues 3318-3408 (EryA, EntrezProtein accession no. AAA26493)' 
_struct.pdbx_CASP_flag            ? 
_struct.pdbx_model_type_details   'minimized average' 
# 
_struct_keywords.entry_id        2JU2 
_struct_keywords.pdbx_keywords   TRANSFERASE 
_struct_keywords.text            
;carrier protein domain, modular polyketide synthase, alpha-helical bundle, Acyltransferase, Antibiotic biosynthesis, Multifunctional enzyme, NADP, Phosphopantetheine, Transferase
;
# 
_struct_asym.id                            A 
_struct_asym.pdbx_blank_PDB_chainid_flag   N 
_struct_asym.pdbx_modified                 N 
_struct_asym.entity_id                     1 
_struct_asym.details                       ? 
# 
_struct_ref.id                         1 
_struct_ref.db_name                    UNP 
_struct_ref.db_code                    ERYA1_SACER 
_struct_ref.pdbx_db_accession          Q03131 
_struct_ref.entity_id                  1 
_struct_ref.pdbx_seq_one_letter_code   
;LRDRLAGLPRAERTAELVRLVRTSTATVLGHDDPKAVRATTPFKELGFDSLAAVRLRNLLNAATGLRLPSTLVFDHPNAS
AVAGFLDAELG
;
_struct_ref.pdbx_align_begin           3318 
_struct_ref.pdbx_db_isoform            ? 
# 
_struct_ref_seq.align_id                      1 
_struct_ref_seq.ref_id                        1 
_struct_ref_seq.pdbx_PDB_id_code              2JU2 
_struct_ref_seq.pdbx_strand_id                A 
_struct_ref_seq.seq_align_beg                 5 
_struct_ref_seq.pdbx_seq_align_beg_ins_code   ? 
_struct_ref_seq.seq_align_end                 95 
_struct_ref_seq.pdbx_seq_align_end_ins_code   ? 
_struct_ref_seq.pdbx_db_accession             Q03131 
_struct_ref_seq.db_align_beg                  3318 
_struct_ref_seq.pdbx_db_align_beg_ins_code    ? 
_struct_ref_seq.db_align_end                  3408 
_struct_ref_seq.pdbx_db_align_end_ins_code    ? 
_struct_ref_seq.pdbx_auth_seq_align_beg       5 
_struct_ref_seq.pdbx_auth_seq_align_end       95 
# 
loop_
_struct_ref_seq_dif.align_id 
_struct_ref_seq_dif.pdbx_pdb_id_code 
_struct_ref_seq_dif.mon_id 
_struct_ref_seq_dif.pdbx_pdb_strand_id 
_struct_ref_seq_dif.seq_num 
_struct_ref_seq_dif.pdbx_pdb_ins_code 
_struct_ref_seq_dif.pdbx_seq_db_name 
_struct_ref_seq_dif.pdbx_seq_db_accession_code 
_struct_ref_seq_dif.db_mon_id 
_struct_ref_seq_dif.pdbx_seq_db_seq_num 
_struct_ref_seq_dif.details 
_struct_ref_seq_dif.pdbx_auth_seq_num 
_struct_ref_seq_dif.pdbx_ordinal 
1 2JU2 GLY A 1 ? UNP Q03131 ? ? 'expression tag' 1 1 
1 2JU2 SER A 2 ? UNP Q03131 ? ? 'expression tag' 2 2 
1 2JU2 HIS A 3 ? UNP Q03131 ? ? 'expression tag' 3 3 
1 2JU2 MET A 4 ? UNP Q03131 ? ? 'expression tag' 4 4 
# 
_pdbx_struct_assembly.id                   1 
_pdbx_struct_assembly.details              author_defined_assembly 
_pdbx_struct_assembly.method_details       ? 
_pdbx_struct_assembly.oligomeric_details   monomeric 
_pdbx_struct_assembly.oligomeric_count     1 
# 
_pdbx_struct_assembly_gen.assembly_id       1 
_pdbx_struct_assembly_gen.oper_expression   1 
_pdbx_struct_assembly_gen.asym_id_list      A 
# 
_pdbx_struct_oper_list.id                   1 
_pdbx_struct_oper_list.type                 'identity operation' 
_pdbx_struct_oper_list.name                 1_555 
_pdbx_struct_oper_list.symmetry_operation   x,y,z 
_pdbx_struct_oper_list.matrix[1][1]         1.0000000000 
_pdbx_struct_oper_list.matrix[1][2]         0.0000000000 
_pdbx_struct_oper_list.matrix[1][3]         0.0000000000 
_pdbx_struct_oper_list.vector[1]            0.0000000000 
_pdbx_struct_oper_list.matrix[2][1]         0.0000000000 
_pdbx_struct_oper_list.matrix[2][2]         1.0000000000 
_pdbx_struct_oper_list.matrix[2][3]         0.0000000000 
_pdbx_struct_oper_list.vector[2]            0.0000000000 
_pdbx_struct_oper_list.matrix[3][1]         0.0000000000 
_pdbx_struct_oper_list.matrix[3][2]         0.0000000000 
_pdbx_struct_oper_list.matrix[3][3]         1.0000000000 
_pdbx_struct_oper_list.vector[3]            0.0000000000 
# 
_struct_biol.id   1 
# 
loop_
_struct_conf.conf_type_id 
_struct_conf.id 
_struct_conf.pdbx_PDB_helix_id 
_struct_conf.beg_label_comp_id 
_struct_conf.beg_label_asym_id 
_struct_conf.beg_label_seq_id 
_struct_conf.pdbx_beg_PDB_ins_code 
_struct_conf.end_label_comp_id 
_struct_conf.end_label_asym_id 
_struct_conf.end_label_seq_id 
_struct_conf.pdbx_end_PDB_ins_code 
_struct_conf.beg_auth_comp_id 
_struct_conf.beg_auth_asym_id 
_struct_conf.beg_auth_seq_id 
_struct_conf.end_auth_comp_id 
_struct_conf.end_auth_asym_id 
_struct_conf.end_auth_seq_id 
_struct_conf.pdbx_PDB_helix_class 
_struct_conf.details 
_struct_conf.pdbx_PDB_helix_length 
HELX_P HELX_P1 1 MET A 4  ? ALA A 10 ? MET A 4  ALA A 10 1 ? 7  
HELX_P HELX_P2 2 PRO A 13 ? GLY A 34 ? PRO A 13 GLY A 34 1 ? 22 
HELX_P HELX_P3 3 ASP A 37 ? VAL A 41 ? ASP A 37 VAL A 41 5 ? 5  
HELX_P HELX_P4 4 PRO A 46 ? PHE A 52 ? PRO A 46 PHE A 52 1 ? 7  
HELX_P HELX_P5 5 SER A 54 ? GLY A 69 ? SER A 54 GLY A 69 1 ? 16 
HELX_P HELX_P6 6 THR A 75 ? HIS A 80 ? THR A 75 HIS A 80 1 ? 6  
HELX_P HELX_P7 7 ASN A 82 ? GLY A 95 ? ASN A 82 GLY A 95 1 ? 14 
# 
_struct_conf_type.id          HELX_P 
_struct_conf_type.criteria    ? 
_struct_conf_type.reference   ? 
# 
loop_
_pdbx_validate_close_contact.id 
_pdbx_validate_close_contact.PDB_model_num 
_pdbx_validate_close_contact.auth_atom_id_1 
_pdbx_validate_close_contact.auth_asym_id_1 
_pdbx_validate_close_contact.auth_comp_id_1 
_pdbx_validate_close_contact.auth_seq_id_1 
_pdbx_validate_close_contact.PDB_ins_code_1 
_pdbx_validate_close_contact.label_alt_id_1 
_pdbx_validate_close_contact.auth_atom_id_2 
_pdbx_validate_close_contact.auth_asym_id_2 
_pdbx_validate_close_contact.auth_comp_id_2 
_pdbx_validate_close_contact.auth_seq_id_2 
_pdbx_validate_close_contact.PDB_ins_code_2 
_pdbx_validate_close_contact.label_alt_id_2 
_pdbx_validate_close_contact.dist 
1 1 O A LEU 60 ? ? H A LEU 64 ? ? 1.52 
2 1 O A ARG 14 ? ? H A THR 18 ? ? 1.53 
3 1 O A LEU 24 ? ? H A SER 28 ? ? 1.53 
4 1 O A THR 27 ? ? H A THR 31 ? ? 1.53 
5 1 O A THR 75 ? ? H A ASP 79 ? ? 1.54 
6 1 O A ALA 43 ? ? H A SER 84 ? ? 1.56 
7 1 O A LEU 76 ? ? H A HIS 80 ? ? 1.56 
8 1 O A GLY 88 ? ? H A ALA 92 ? ? 1.57 
9 1 O A LEU 5  ? ? H A LEU 9  ? ? 1.59 
# 
loop_
_pdbx_validate_torsion.id 
_pdbx_validate_torsion.PDB_model_num 
_pdbx_validate_torsion.auth_comp_id 
_pdbx_validate_torsion.auth_asym_id 
_pdbx_validate_torsion.auth_seq_id 
_pdbx_validate_torsion.PDB_ins_code 
_pdbx_validate_torsion.label_alt_id 
_pdbx_validate_torsion.phi 
_pdbx_validate_torsion.psi 
1  1 HIS A 3  ? ? 71.74   -65.32 
2  1 MET A 4  ? ? -88.41  38.75  
3  1 ALA A 10 ? ? -85.40  34.68  
4  1 LEU A 12 ? ? 30.60   86.21  
5  1 ALA A 15 ? ? -42.35  -70.26 
6  1 ASP A 36 ? ? -114.92 55.10  
7  1 ALA A 40 ? ? -93.13  41.13  
8  1 ASP A 53 ? ? -137.64 -60.86 
9  1 SER A 54 ? ? -144.72 -61.48 
10 1 LEU A 60 ? ? -55.26  -76.25 
11 1 THR A 68 ? ? -112.55 -73.31 
12 1 LEU A 72 ? ? -44.83  160.59 
13 1 SER A 84 ? ? -36.64  -39.69 
# 
_pdbx_nmr_ensemble.average_constraint_violations_per_residue     ? 
_pdbx_nmr_ensemble.average_constraints_per_residue               ? 
_pdbx_nmr_ensemble.average_distance_constraint_violation         ? 
_pdbx_nmr_ensemble.average_torsion_angle_constraint_violation    ? 
_pdbx_nmr_ensemble.conformer_selection_criteria                  'structures with the lowest energy' 
_pdbx_nmr_ensemble.conformers_calculated_total_number            50 
_pdbx_nmr_ensemble.conformers_submitted_total_number             1 
_pdbx_nmr_ensemble.distance_constraint_violation_method          ? 
_pdbx_nmr_ensemble.entry_id                                      2JU2 
_pdbx_nmr_ensemble.maximum_distance_constraint_violation         ? 
_pdbx_nmr_ensemble.maximum_lower_distance_constraint_violation   ? 
_pdbx_nmr_ensemble.maximum_torsion_angle_constraint_violation    ? 
_pdbx_nmr_ensemble.maximum_upper_distance_constraint_violation   ? 
_pdbx_nmr_ensemble.torsion_angle_constraint_violation_method     ? 
# 
_pdbx_nmr_representative.conformer_id         1 
_pdbx_nmr_representative.entry_id             2JU2 
_pdbx_nmr_representative.selection_criteria   'minimized average structure' 
# 
_pdbx_nmr_sample_details.contents         
'0.8-1 mM [U-13C; U-15N] acyl carrier protein, 0.05 % sodium azide, 30 mM sodium phosphate, 90% H2O/10% D2O' 
_pdbx_nmr_sample_details.solution_id      1 
_pdbx_nmr_sample_details.solvent_system   '90% H2O/10% D2O' 
# 
loop_
_pdbx_nmr_exptl_sample.component 
_pdbx_nmr_exptl_sample.concentration 
_pdbx_nmr_exptl_sample.concentration_units 
_pdbx_nmr_exptl_sample.isotopic_labeling 
_pdbx_nmr_exptl_sample.solution_id 
'acyl carrier protein' 0.8  mM '[U-13C; U-15N]' 1 
'sodium azide'         0.05 %  ?                1 
'sodium phosphate'     30   mM ?                1 
# 
_pdbx_nmr_exptl_sample_conditions.conditions_id       1 
_pdbx_nmr_exptl_sample_conditions.ionic_strength      30 
_pdbx_nmr_exptl_sample_conditions.pH                  5.5 
_pdbx_nmr_exptl_sample_conditions.pressure            ambient 
_pdbx_nmr_exptl_sample_conditions.pressure_units      ? 
_pdbx_nmr_exptl_sample_conditions.temperature         288 
_pdbx_nmr_exptl_sample_conditions.temperature_units   K 
# 
loop_
_pdbx_nmr_exptl.conditions_id 
_pdbx_nmr_exptl.experiment_id 
_pdbx_nmr_exptl.solution_id 
_pdbx_nmr_exptl.type 
1 1 1 '3D 1H-15N NOESY'     
1 2 1 '3D 1H-13C/15N NOESY' 
1 3 1 '3D HCCH-TOCSY'       
1 4 1 '3D HNHA'             
1 5 1 '2D 1H-15N HSQC'      
1 6 1 '3D HNCACB'           
1 7 1 '3D C(CO)NH'          
# 
_pdbx_nmr_refine.entry_id           2JU2 
_pdbx_nmr_refine.method             'simulated annealing, torsion angle dynamics' 
_pdbx_nmr_refine.details            
;The standard simulated annealing protocol included as part of DYANA software was used to calculate a total of 50 structures, of which 30 structures with the lowest target function values were chosen for the solution structure ensemble. The helical regions of these 30 structures were superimposed and the mean structure was obtained using MOLMOL software, then subjected to the standard variable target function minimization implemented in DYANA. The resulting minimized mean structure is deposited here. The ensemble of 30 structures is deposited in the PDB entry 2ju1.
;
_pdbx_nmr_refine.software_ordinal   1 
# 
loop_
_pdbx_nmr_software.authors 
_pdbx_nmr_software.classification 
_pdbx_nmr_software.name 
_pdbx_nmr_software.version 
_pdbx_nmr_software.ordinal 
'Guntert, P. et al.' 'structure solution' DYANA 1.5 1 
'Guntert, P. et al.' refinement           DYANA 1.5 2 
# 
loop_
_chem_comp_atom.comp_id 
_chem_comp_atom.atom_id 
_chem_comp_atom.type_symbol 
_chem_comp_atom.pdbx_aromatic_flag 
_chem_comp_atom.pdbx_stereo_config 
_chem_comp_atom.pdbx_ordinal 
ALA N    N N N 1   
ALA CA   C N S 2   
ALA C    C N N 3   
ALA O    O N N 4   
ALA CB   C N N 5   
ALA OXT  O N N 6   
ALA H    H N N 7   
ALA H2   H N N 8   
ALA HA   H N N 9   
ALA HB1  H N N 10  
ALA HB2  H N N 11  
ALA HB3  H N N 12  
ALA HXT  H N N 13  
ARG N    N N N 14  
ARG CA   C N S 15  
ARG C    C N N 16  
ARG O    O N N 17  
ARG CB   C N N 18  
ARG CG   C N N 19  
ARG CD   C N N 20  
ARG NE   N N N 21  
ARG CZ   C N N 22  
ARG NH1  N N N 23  
ARG NH2  N N N 24  
ARG OXT  O N N 25  
ARG H    H N N 26  
ARG H2   H N N 27  
ARG HA   H N N 28  
ARG HB2  H N N 29  
ARG HB3  H N N 30  
ARG HG2  H N N 31  
ARG HG3  H N N 32  
ARG HD2  H N N 33  
ARG HD3  H N N 34  
ARG HE   H N N 35  
ARG HH11 H N N 36  
ARG HH12 H N N 37  
ARG HH21 H N N 38  
ARG HH22 H N N 39  
ARG HXT  H N N 40  
ASN N    N N N 41  
ASN CA   C N S 42  
ASN C    C N N 43  
ASN O    O N N 44  
ASN CB   C N N 45  
ASN CG   C N N 46  
ASN OD1  O N N 47  
ASN ND2  N N N 48  
ASN OXT  O N N 49  
ASN H    H N N 50  
ASN H2   H N N 51  
ASN HA   H N N 52  
ASN HB2  H N N 53  
ASN HB3  H N N 54  
ASN HD21 H N N 55  
ASN HD22 H N N 56  
ASN HXT  H N N 57  
ASP N    N N N 58  
ASP CA   C N S 59  
ASP C    C N N 60  
ASP O    O N N 61  
ASP CB   C N N 62  
ASP CG   C N N 63  
ASP OD1  O N N 64  
ASP OD2  O N N 65  
ASP OXT  O N N 66  
ASP H    H N N 67  
ASP H2   H N N 68  
ASP HA   H N N 69  
ASP HB2  H N N 70  
ASP HB3  H N N 71  
ASP HD2  H N N 72  
ASP HXT  H N N 73  
GLU N    N N N 74  
GLU CA   C N S 75  
GLU C    C N N 76  
GLU O    O N N 77  
GLU CB   C N N 78  
GLU CG   C N N 79  
GLU CD   C N N 80  
GLU OE1  O N N 81  
GLU OE2  O N N 82  
GLU OXT  O N N 83  
GLU H    H N N 84  
GLU H2   H N N 85  
GLU HA   H N N 86  
GLU HB2  H N N 87  
GLU HB3  H N N 88  
GLU HG2  H N N 89  
GLU HG3  H N N 90  
GLU HE2  H N N 91  
GLU HXT  H N N 92  
GLY N    N N N 93  
GLY CA   C N N 94  
GLY C    C N N 95  
GLY O    O N N 96  
GLY OXT  O N N 97  
GLY H    H N N 98  
GLY H2   H N N 99  
GLY HA2  H N N 100 
GLY HA3  H N N 101 
GLY HXT  H N N 102 
HIS N    N N N 103 
HIS CA   C N S 104 
HIS C    C N N 105 
HIS O    O N N 106 
HIS CB   C N N 107 
HIS CG   C Y N 108 
HIS ND1  N Y N 109 
HIS CD2  C Y N 110 
HIS CE1  C Y N 111 
HIS NE2  N Y N 112 
HIS OXT  O N N 113 
HIS H    H N N 114 
HIS H2   H N N 115 
HIS HA   H N N 116 
HIS HB2  H N N 117 
HIS HB3  H N N 118 
HIS HD1  H N N 119 
HIS HD2  H N N 120 
HIS HE1  H N N 121 
HIS HE2  H N N 122 
HIS HXT  H N N 123 
LEU N    N N N 124 
LEU CA   C N S 125 
LEU C    C N N 126 
LEU O    O N N 127 
LEU CB   C N N 128 
LEU CG   C N N 129 
LEU CD1  C N N 130 
LEU CD2  C N N 131 
LEU OXT  O N N 132 
LEU H    H N N 133 
LEU H2   H N N 134 
LEU HA   H N N 135 
LEU HB2  H N N 136 
LEU HB3  H N N 137 
LEU HG   H N N 138 
LEU HD11 H N N 139 
LEU HD12 H N N 140 
LEU HD13 H N N 141 
LEU HD21 H N N 142 
LEU HD22 H N N 143 
LEU HD23 H N N 144 
LEU HXT  H N N 145 
LYS N    N N N 146 
LYS CA   C N S 147 
LYS C    C N N 148 
LYS O    O N N 149 
LYS CB   C N N 150 
LYS CG   C N N 151 
LYS CD   C N N 152 
LYS CE   C N N 153 
LYS NZ   N N N 154 
LYS OXT  O N N 155 
LYS H    H N N 156 
LYS H2   H N N 157 
LYS HA   H N N 158 
LYS HB2  H N N 159 
LYS HB3  H N N 160 
LYS HG2  H N N 161 
LYS HG3  H N N 162 
LYS HD2  H N N 163 
LYS HD3  H N N 164 
LYS HE2  H N N 165 
LYS HE3  H N N 166 
LYS HZ1  H N N 167 
LYS HZ2  H N N 168 
LYS HZ3  H N N 169 
LYS HXT  H N N 170 
MET N    N N N 171 
MET CA   C N S 172 
MET C    C N N 173 
MET O    O N N 174 
MET CB   C N N 175 
MET CG   C N N 176 
MET SD   S N N 177 
MET CE   C N N 178 
MET OXT  O N N 179 
MET H    H N N 180 
MET H2   H N N 181 
MET HA   H N N 182 
MET HB2  H N N 183 
MET HB3  H N N 184 
MET HG2  H N N 185 
MET HG3  H N N 186 
MET HE1  H N N 187 
MET HE2  H N N 188 
MET HE3  H N N 189 
MET HXT  H N N 190 
PHE N    N N N 191 
PHE CA   C N S 192 
PHE C    C N N 193 
PHE O    O N N 194 
PHE CB   C N N 195 
PHE CG   C Y N 196 
PHE CD1  C Y N 197 
PHE CD2  C Y N 198 
PHE CE1  C Y N 199 
PHE CE2  C Y N 200 
PHE CZ   C Y N 201 
PHE OXT  O N N 202 
PHE H    H N N 203 
PHE H2   H N N 204 
PHE HA   H N N 205 
PHE HB2  H N N 206 
PHE HB3  H N N 207 
PHE HD1  H N N 208 
PHE HD2  H N N 209 
PHE HE1  H N N 210 
PHE HE2  H N N 211 
PHE HZ   H N N 212 
PHE HXT  H N N 213 
PRO N    N N N 214 
PRO CA   C N S 215 
PRO C    C N N 216 
PRO O    O N N 217 
PRO CB   C N N 218 
PRO CG   C N N 219 
PRO CD   C N N 220 
PRO OXT  O N N 221 
PRO H    H N N 222 
PRO HA   H N N 223 
PRO HB2  H N N 224 
PRO HB3  H N N 225 
PRO HG2  H N N 226 
PRO HG3  H N N 227 
PRO HD2  H N N 228 
PRO HD3  H N N 229 
PRO HXT  H N N 230 
SER N    N N N 231 
SER CA   C N S 232 
SER C    C N N 233 
SER O    O N N 234 
SER CB   C N N 235 
SER OG   O N N 236 
SER OXT  O N N 237 
SER H    H N N 238 
SER H2   H N N 239 
SER HA   H N N 240 
SER HB2  H N N 241 
SER HB3  H N N 242 
SER HG   H N N 243 
SER HXT  H N N 244 
THR N    N N N 245 
THR CA   C N S 246 
THR C    C N N 247 
THR O    O N N 248 
THR CB   C N R 249 
THR OG1  O N N 250 
THR CG2  C N N 251 
THR OXT  O N N 252 
THR H    H N N 253 
THR H2   H N N 254 
THR HA   H N N 255 
THR HB   H N N 256 
THR HG1  H N N 257 
THR HG21 H N N 258 
THR HG22 H N N 259 
THR HG23 H N N 260 
THR HXT  H N N 261 
VAL N    N N N 262 
VAL CA   C N S 263 
VAL C    C N N 264 
VAL O    O N N 265 
VAL CB   C N N 266 
VAL CG1  C N N 267 
VAL CG2  C N N 268 
VAL OXT  O N N 269 
VAL H    H N N 270 
VAL H2   H N N 271 
VAL HA   H N N 272 
VAL HB   H N N 273 
VAL HG11 H N N 274 
VAL HG12 H N N 275 
VAL HG13 H N N 276 
VAL HG21 H N N 277 
VAL HG22 H N N 278 
VAL HG23 H N N 279 
VAL HXT  H N N 280 
# 
loop_
_chem_comp_bond.comp_id 
_chem_comp_bond.atom_id_1 
_chem_comp_bond.atom_id_2 
_chem_comp_bond.value_order 
_chem_comp_bond.pdbx_aromatic_flag 
_chem_comp_bond.pdbx_stereo_config 
_chem_comp_bond.pdbx_ordinal 
ALA N   CA   sing N N 1   
ALA N   H    sing N N 2   
ALA N   H2   sing N N 3   
ALA CA  C    sing N N 4   
ALA CA  CB   sing N N 5   
ALA CA  HA   sing N N 6   
ALA C   O    doub N N 7   
ALA C   OXT  sing N N 8   
ALA CB  HB1  sing N N 9   
ALA CB  HB2  sing N N 10  
ALA CB  HB3  sing N N 11  
ALA OXT HXT  sing N N 12  
ARG N   CA   sing N N 13  
ARG N   H    sing N N 14  
ARG N   H2   sing N N 15  
ARG CA  C    sing N N 16  
ARG CA  CB   sing N N 17  
ARG CA  HA   sing N N 18  
ARG C   O    doub N N 19  
ARG C   OXT  sing N N 20  
ARG CB  CG   sing N N 21  
ARG CB  HB2  sing N N 22  
ARG CB  HB3  sing N N 23  
ARG CG  CD   sing N N 24  
ARG CG  HG2  sing N N 25  
ARG CG  HG3  sing N N 26  
ARG CD  NE   sing N N 27  
ARG CD  HD2  sing N N 28  
ARG CD  HD3  sing N N 29  
ARG NE  CZ   sing N N 30  
ARG NE  HE   sing N N 31  
ARG CZ  NH1  sing N N 32  
ARG CZ  NH2  doub N N 33  
ARG NH1 HH11 sing N N 34  
ARG NH1 HH12 sing N N 35  
ARG NH2 HH21 sing N N 36  
ARG NH2 HH22 sing N N 37  
ARG OXT HXT  sing N N 38  
ASN N   CA   sing N N 39  
ASN N   H    sing N N 40  
ASN N   H2   sing N N 41  
ASN CA  C    sing N N 42  
ASN CA  CB   sing N N 43  
ASN CA  HA   sing N N 44  
ASN C   O    doub N N 45  
ASN C   OXT  sing N N 46  
ASN CB  CG   sing N N 47  
ASN CB  HB2  sing N N 48  
ASN CB  HB3  sing N N 49  
ASN CG  OD1  doub N N 50  
ASN CG  ND2  sing N N 51  
ASN ND2 HD21 sing N N 52  
ASN ND2 HD22 sing N N 53  
ASN OXT HXT  sing N N 54  
ASP N   CA   sing N N 55  
ASP N   H    sing N N 56  
ASP N   H2   sing N N 57  
ASP CA  C    sing N N 58  
ASP CA  CB   sing N N 59  
ASP CA  HA   sing N N 60  
ASP C   O    doub N N 61  
ASP C   OXT  sing N N 62  
ASP CB  CG   sing N N 63  
ASP CB  HB2  sing N N 64  
ASP CB  HB3  sing N N 65  
ASP CG  OD1  doub N N 66  
ASP CG  OD2  sing N N 67  
ASP OD2 HD2  sing N N 68  
ASP OXT HXT  sing N N 69  
GLU N   CA   sing N N 70  
GLU N   H    sing N N 71  
GLU N   H2   sing N N 72  
GLU CA  C    sing N N 73  
GLU CA  CB   sing N N 74  
GLU CA  HA   sing N N 75  
GLU C   O    doub N N 76  
GLU C   OXT  sing N N 77  
GLU CB  CG   sing N N 78  
GLU CB  HB2  sing N N 79  
GLU CB  HB3  sing N N 80  
GLU CG  CD   sing N N 81  
GLU CG  HG2  sing N N 82  
GLU CG  HG3  sing N N 83  
GLU CD  OE1  doub N N 84  
GLU CD  OE2  sing N N 85  
GLU OE2 HE2  sing N N 86  
GLU OXT HXT  sing N N 87  
GLY N   CA   sing N N 88  
GLY N   H    sing N N 89  
GLY N   H2   sing N N 90  
GLY CA  C    sing N N 91  
GLY CA  HA2  sing N N 92  
GLY CA  HA3  sing N N 93  
GLY C   O    doub N N 94  
GLY C   OXT  sing N N 95  
GLY OXT HXT  sing N N 96  
HIS N   CA   sing N N 97  
HIS N   H    sing N N 98  
HIS N   H2   sing N N 99  
HIS CA  C    sing N N 100 
HIS CA  CB   sing N N 101 
HIS CA  HA   sing N N 102 
HIS C   O    doub N N 103 
HIS C   OXT  sing N N 104 
HIS CB  CG   sing N N 105 
HIS CB  HB2  sing N N 106 
HIS CB  HB3  sing N N 107 
HIS CG  ND1  sing Y N 108 
HIS CG  CD2  doub Y N 109 
HIS ND1 CE1  doub Y N 110 
HIS ND1 HD1  sing N N 111 
HIS CD2 NE2  sing Y N 112 
HIS CD2 HD2  sing N N 113 
HIS CE1 NE2  sing Y N 114 
HIS CE1 HE1  sing N N 115 
HIS NE2 HE2  sing N N 116 
HIS OXT HXT  sing N N 117 
LEU N   CA   sing N N 118 
LEU N   H    sing N N 119 
LEU N   H2   sing N N 120 
LEU CA  C    sing N N 121 
LEU CA  CB   sing N N 122 
LEU CA  HA   sing N N 123 
LEU C   O    doub N N 124 
LEU C   OXT  sing N N 125 
LEU CB  CG   sing N N 126 
LEU CB  HB2  sing N N 127 
LEU CB  HB3  sing N N 128 
LEU CG  CD1  sing N N 129 
LEU CG  CD2  sing N N 130 
LEU CG  HG   sing N N 131 
LEU CD1 HD11 sing N N 132 
LEU CD1 HD12 sing N N 133 
LEU CD1 HD13 sing N N 134 
LEU CD2 HD21 sing N N 135 
LEU CD2 HD22 sing N N 136 
LEU CD2 HD23 sing N N 137 
LEU OXT HXT  sing N N 138 
LYS N   CA   sing N N 139 
LYS N   H    sing N N 140 
LYS N   H2   sing N N 141 
LYS CA  C    sing N N 142 
LYS CA  CB   sing N N 143 
LYS CA  HA   sing N N 144 
LYS C   O    doub N N 145 
LYS C   OXT  sing N N 146 
LYS CB  CG   sing N N 147 
LYS CB  HB2  sing N N 148 
LYS CB  HB3  sing N N 149 
LYS CG  CD   sing N N 150 
LYS CG  HG2  sing N N 151 
LYS CG  HG3  sing N N 152 
LYS CD  CE   sing N N 153 
LYS CD  HD2  sing N N 154 
LYS CD  HD3  sing N N 155 
LYS CE  NZ   sing N N 156 
LYS CE  HE2  sing N N 157 
LYS CE  HE3  sing N N 158 
LYS NZ  HZ1  sing N N 159 
LYS NZ  HZ2  sing N N 160 
LYS NZ  HZ3  sing N N 161 
LYS OXT HXT  sing N N 162 
MET N   CA   sing N N 163 
MET N   H    sing N N 164 
MET N   H2   sing N N 165 
MET CA  C    sing N N 166 
MET CA  CB   sing N N 167 
MET CA  HA   sing N N 168 
MET C   O    doub N N 169 
MET C   OXT  sing N N 170 
MET CB  CG   sing N N 171 
MET CB  HB2  sing N N 172 
MET CB  HB3  sing N N 173 
MET CG  SD   sing N N 174 
MET CG  HG2  sing N N 175 
MET CG  HG3  sing N N 176 
MET SD  CE   sing N N 177 
MET CE  HE1  sing N N 178 
MET CE  HE2  sing N N 179 
MET CE  HE3  sing N N 180 
MET OXT HXT  sing N N 181 
PHE N   CA   sing N N 182 
PHE N   H    sing N N 183 
PHE N   H2   sing N N 184 
PHE CA  C    sing N N 185 
PHE CA  CB   sing N N 186 
PHE CA  HA   sing N N 187 
PHE C   O    doub N N 188 
PHE C   OXT  sing N N 189 
PHE CB  CG   sing N N 190 
PHE CB  HB2  sing N N 191 
PHE CB  HB3  sing N N 192 
PHE CG  CD1  doub Y N 193 
PHE CG  CD2  sing Y N 194 
PHE CD1 CE1  sing Y N 195 
PHE CD1 HD1  sing N N 196 
PHE CD2 CE2  doub Y N 197 
PHE CD2 HD2  sing N N 198 
PHE CE1 CZ   doub Y N 199 
PHE CE1 HE1  sing N N 200 
PHE CE2 CZ   sing Y N 201 
PHE CE2 HE2  sing N N 202 
PHE CZ  HZ   sing N N 203 
PHE OXT HXT  sing N N 204 
PRO N   CA   sing N N 205 
PRO N   CD   sing N N 206 
PRO N   H    sing N N 207 
PRO CA  C    sing N N 208 
PRO CA  CB   sing N N 209 
PRO CA  HA   sing N N 210 
PRO C   O    doub N N 211 
PRO C   OXT  sing N N 212 
PRO CB  CG   sing N N 213 
PRO CB  HB2  sing N N 214 
PRO CB  HB3  sing N N 215 
PRO CG  CD   sing N N 216 
PRO CG  HG2  sing N N 217 
PRO CG  HG3  sing N N 218 
PRO CD  HD2  sing N N 219 
PRO CD  HD3  sing N N 220 
PRO OXT HXT  sing N N 221 
SER N   CA   sing N N 222 
SER N   H    sing N N 223 
SER N   H2   sing N N 224 
SER CA  C    sing N N 225 
SER CA  CB   sing N N 226 
SER CA  HA   sing N N 227 
SER C   O    doub N N 228 
SER C   OXT  sing N N 229 
SER CB  OG   sing N N 230 
SER CB  HB2  sing N N 231 
SER CB  HB3  sing N N 232 
SER OG  HG   sing N N 233 
SER OXT HXT  sing N N 234 
THR N   CA   sing N N 235 
THR N   H    sing N N 236 
THR N   H2   sing N N 237 
THR CA  C    sing N N 238 
THR CA  CB   sing N N 239 
THR CA  HA   sing N N 240 
THR C   O    doub N N 241 
THR C   OXT  sing N N 242 
THR CB  OG1  sing N N 243 
THR CB  CG2  sing N N 244 
THR CB  HB   sing N N 245 
THR OG1 HG1  sing N N 246 
THR CG2 HG21 sing N N 247 
THR CG2 HG22 sing N N 248 
THR CG2 HG23 sing N N 249 
THR OXT HXT  sing N N 250 
VAL N   CA   sing N N 251 
VAL N   H    sing N N 252 
VAL N   H2   sing N N 253 
VAL CA  C    sing N N 254 
VAL CA  CB   sing N N 255 
VAL CA  HA   sing N N 256 
VAL C   O    doub N N 257 
VAL C   OXT  sing N N 258 
VAL CB  CG1  sing N N 259 
VAL CB  CG2  sing N N 260 
VAL CB  HB   sing N N 261 
VAL CG1 HG11 sing N N 262 
VAL CG1 HG12 sing N N 263 
VAL CG1 HG13 sing N N 264 
VAL CG2 HG21 sing N N 265 
VAL CG2 HG22 sing N N 266 
VAL CG2 HG23 sing N N 267 
VAL OXT HXT  sing N N 268 
# 
loop_
_pdbx_nmr_spectrometer.field_strength 
_pdbx_nmr_spectrometer.manufacturer 
_pdbx_nmr_spectrometer.model 
_pdbx_nmr_spectrometer.spectrometer_id 
_pdbx_nmr_spectrometer.type 
800 Varian INOVA 1 'Varian INOVA' 
500 Varian INOVA 2 'Varian INOVA' 
600 Varian INOVA 3 'Varian INOVA' 
# 
_atom_sites.entry_id                    2JU2 
_atom_sites.fract_transf_matrix[1][1]   1.000000 
_atom_sites.fract_transf_matrix[1][2]   0.000000 
_atom_sites.fract_transf_matrix[1][3]   0.000000 
_atom_sites.fract_transf_matrix[2][1]   0.000000 
_atom_sites.fract_transf_matrix[2][2]   1.000000 
_atom_sites.fract_transf_matrix[2][3]   0.000000 
_atom_sites.fract_transf_matrix[3][1]   0.000000 
_atom_sites.fract_transf_matrix[3][2]   0.000000 
_atom_sites.fract_transf_matrix[3][3]   1.000000 
_atom_sites.fract_transf_vector[1]      0.00000 
_atom_sites.fract_transf_vector[2]      0.00000 
_atom_sites.fract_transf_vector[3]      0.00000 
# 
loop_
_atom_type.symbol 
C 
H 
N 
O 
S 
# 
loop_
_atom_site.group_PDB 
_atom_site.id 
_atom_site.type_symbol 
_atom_site.label_atom_id 
_atom_site.label_alt_id 
_atom_site.label_comp_id 
_atom_site.label_asym_id 
_atom_site.label_entity_id 
_atom_site.label_seq_id 
_atom_site.pdbx_PDB_ins_code 
_atom_site.Cartn_x 
_atom_site.Cartn_y 
_atom_site.Cartn_z 
_atom_site.occupancy 
_atom_site.B_iso_or_equiv 
_atom_site.pdbx_formal_charge 
_atom_site.auth_seq_id 
_atom_site.auth_comp_id 
_atom_site.auth_asym_id 
_atom_site.auth_atom_id 
_atom_site.pdbx_PDB_model_num 
ATOM 1    N N    . GLY A 1 1  ? 17.412  3.682   13.938  1.00 0.00 ? 1  GLY A N    1 
ATOM 2    C CA   . GLY A 1 1  ? 17.711  5.062   14.278  1.00 0.00 ? 1  GLY A CA   1 
ATOM 3    C C    . GLY A 1 1  ? 18.745  5.138   15.403  1.00 0.00 ? 1  GLY A C    1 
ATOM 4    O O    . GLY A 1 1  ? 18.619  4.449   16.414  1.00 0.00 ? 1  GLY A O    1 
ATOM 5    H H1   . GLY A 1 1  ? 16.701  3.561   13.245  1.00 0.00 ? 1  GLY A H1   1 
ATOM 6    H HA2  . GLY A 1 1  ? 18.087  5.583   13.397  1.00 0.00 ? 1  GLY A HA2  1 
ATOM 7    H HA3  . GLY A 1 1  ? 16.797  5.571   14.584  1.00 0.00 ? 1  GLY A HA3  1 
ATOM 8    N N    . SER A 1 2  ? 19.744  5.981   15.190  1.00 0.00 ? 2  SER A N    1 
ATOM 9    C CA   . SER A 1 2  ? 20.799  6.157   16.173  1.00 0.00 ? 2  SER A CA   1 
ATOM 10   C C    . SER A 1 2  ? 21.231  7.624   16.221  1.00 0.00 ? 2  SER A C    1 
ATOM 11   O O    . SER A 1 2  ? 21.408  8.258   15.182  1.00 0.00 ? 2  SER A O    1 
ATOM 12   C CB   . SER A 1 2  ? 21.999  5.260   15.861  1.00 0.00 ? 2  SER A CB   1 
ATOM 13   O OG   . SER A 1 2  ? 22.478  5.453   14.532  1.00 0.00 ? 2  SER A OG   1 
ATOM 14   H H    . SER A 1 2  ? 19.839  6.538   14.364  1.00 0.00 ? 2  SER A H    1 
ATOM 15   H HA   . SER A 1 2  ? 20.359  5.856   17.125  1.00 0.00 ? 2  SER A HA   1 
ATOM 16   H HB2  . SER A 1 2  ? 22.801  5.468   16.569  1.00 0.00 ? 2  SER A HB2  1 
ATOM 17   H HB3  . SER A 1 2  ? 21.716  4.216   15.996  1.00 0.00 ? 2  SER A HB3  1 
ATOM 18   H HG   . SER A 1 2  ? 22.021  4.819   13.909  1.00 0.00 ? 2  SER A HG   1 
ATOM 19   N N    . HIS A 1 3  ? 21.388  8.121   17.440  1.00 0.00 ? 3  HIS A N    1 
ATOM 20   C CA   . HIS A 1 3  ? 21.798  9.501   17.637  1.00 0.00 ? 3  HIS A CA   1 
ATOM 21   C C    . HIS A 1 3  ? 20.644  10.436  17.270  1.00 0.00 ? 3  HIS A C    1 
ATOM 22   O O    . HIS A 1 3  ? 20.107  11.132  18.130  1.00 0.00 ? 3  HIS A O    1 
ATOM 23   C CB   . HIS A 1 3  ? 23.079  9.805   16.858  1.00 0.00 ? 3  HIS A CB   1 
ATOM 24   C CG   . HIS A 1 3  ? 24.204  8.834   17.122  1.00 0.00 ? 3  HIS A CG   1 
ATOM 25   N ND1  . HIS A 1 3  ? 24.243  7.563   16.574  1.00 0.00 ? 3  HIS A ND1  1 
ATOM 26   C CD2  . HIS A 1 3  ? 25.330  8.960   17.881  1.00 0.00 ? 3  HIS A CD2  1 
ATOM 27   C CE1  . HIS A 1 3  ? 25.346  6.961   16.992  1.00 0.00 ? 3  HIS A CE1  1 
ATOM 28   N NE2  . HIS A 1 3  ? 26.019  7.828   17.802  1.00 0.00 ? 3  HIS A NE2  1 
ATOM 29   H H    . HIS A 1 3  ? 21.242  7.600   18.280  1.00 0.00 ? 3  HIS A H    1 
ATOM 30   H HA   . HIS A 1 3  ? 22.021  9.613   18.698  1.00 0.00 ? 3  HIS A HA   1 
ATOM 31   H HB2  . HIS A 1 3  ? 22.852  9.801   15.791  1.00 0.00 ? 3  HIS A HB2  1 
ATOM 32   H HB3  . HIS A 1 3  ? 23.414  10.811  17.107  1.00 0.00 ? 3  HIS A HB3  1 
ATOM 33   H HD1  . HIS A 1 3  ? 23.555  7.168   15.966  1.00 0.00 ? 3  HIS A HD1  1 
ATOM 34   H HD2  . HIS A 1 3  ? 25.615  9.842   18.456  1.00 0.00 ? 3  HIS A HD2  1 
ATOM 35   H HE1  . HIS A 1 3  ? 25.663  5.951   16.733  1.00 0.00 ? 3  HIS A HE1  1 
ATOM 36   N N    . MET A 1 4  ? 20.297  10.422  15.991  1.00 0.00 ? 4  MET A N    1 
ATOM 37   C CA   . MET A 1 4  ? 19.216  11.260  15.500  1.00 0.00 ? 4  MET A CA   1 
ATOM 38   C C    . MET A 1 4  ? 17.870  10.543  15.616  1.00 0.00 ? 4  MET A C    1 
ATOM 39   O O    . MET A 1 4  ? 17.023  10.659  14.732  1.00 0.00 ? 4  MET A O    1 
ATOM 40   C CB   . MET A 1 4  ? 19.477  11.624  14.036  1.00 0.00 ? 4  MET A CB   1 
ATOM 41   C CG   . MET A 1 4  ? 20.303  12.908  13.928  1.00 0.00 ? 4  MET A CG   1 
ATOM 42   S SD   . MET A 1 4  ? 19.220  14.315  13.748  1.00 0.00 ? 4  MET A SD   1 
ATOM 43   C CE   . MET A 1 4  ? 19.168  14.885  15.439  1.00 0.00 ? 4  MET A CE   1 
ATOM 44   H H    . MET A 1 4  ? 20.739  9.852   15.298  1.00 0.00 ? 4  MET A H    1 
ATOM 45   H HA   . MET A 1 4  ? 19.221  12.146  16.135  1.00 0.00 ? 4  MET A HA   1 
ATOM 46   H HB2  . MET A 1 4  ? 20.004  10.806  13.544  1.00 0.00 ? 4  MET A HB2  1 
ATOM 47   H HB3  . MET A 1 4  ? 18.528  11.752  13.515  1.00 0.00 ? 4  MET A HB3  1 
ATOM 48   H HG2  . MET A 1 4  ? 20.922  13.027  14.818  1.00 0.00 ? 4  MET A HG2  1 
ATOM 49   H HG3  . MET A 1 4  ? 20.978  12.846  13.076  1.00 0.00 ? 4  MET A HG3  1 
ATOM 50   H HE1  . MET A 1 4  ? 18.594  14.180  16.042  1.00 0.00 ? 4  MET A HE1  1 
ATOM 51   H HE2  . MET A 1 4  ? 20.182  14.957  15.830  1.00 0.00 ? 4  MET A HE2  1 
ATOM 52   H HE3  . MET A 1 4  ? 18.693  15.866  15.477  1.00 0.00 ? 4  MET A HE3  1 
ATOM 53   N N    . LEU A 1 5  ? 17.714  9.818   16.714  1.00 0.00 ? 5  LEU A N    1 
ATOM 54   C CA   . LEU A 1 5  ? 16.486  9.082   16.957  1.00 0.00 ? 5  LEU A CA   1 
ATOM 55   C C    . LEU A 1 5  ? 15.296  10.039  16.856  1.00 0.00 ? 5  LEU A C    1 
ATOM 56   O O    . LEU A 1 5  ? 14.434  9.876   15.993  1.00 0.00 ? 5  LEU A O    1 
ATOM 57   C CB   . LEU A 1 5  ? 16.563  8.335   18.291  1.00 0.00 ? 5  LEU A CB   1 
ATOM 58   C CG   . LEU A 1 5  ? 16.676  6.813   18.200  1.00 0.00 ? 5  LEU A CG   1 
ATOM 59   C CD1  . LEU A 1 5  ? 17.816  6.294   19.079  1.00 0.00 ? 5  LEU A CD1  1 
ATOM 60   C CD2  . LEU A 1 5  ? 15.342  6.143   18.538  1.00 0.00 ? 5  LEU A CD2  1 
ATOM 61   H H    . LEU A 1 5  ? 18.409  9.730   17.428  1.00 0.00 ? 5  LEU A H    1 
ATOM 62   H HA   . LEU A 1 5  ? 16.393  8.332   16.173  1.00 0.00 ? 5  LEU A HA   1 
ATOM 63   H HB2  . LEU A 1 5  ? 17.423  8.712   18.845  1.00 0.00 ? 5  LEU A HB2  1 
ATOM 64   H HB3  . LEU A 1 5  ? 15.675  8.582   18.873  1.00 0.00 ? 5  LEU A HB3  1 
ATOM 65   H HG   . LEU A 1 5  ? 16.916  6.548   17.170  1.00 0.00 ? 5  LEU A HG   1 
ATOM 66   H HD11 . LEU A 1 5  ? 18.241  5.397   18.629  1.00 0.00 ? 5  LEU A HD11 1 
ATOM 67   H HD12 . LEU A 1 5  ? 18.587  7.059   19.161  1.00 0.00 ? 5  LEU A HD12 1 
ATOM 68   H HD13 . LEU A 1 5  ? 17.431  6.057   20.070  1.00 0.00 ? 5  LEU A HD13 1 
ATOM 69   H HD21 . LEU A 1 5  ? 15.499  5.388   19.308  1.00 0.00 ? 5  LEU A HD21 1 
ATOM 70   H HD22 . LEU A 1 5  ? 14.641  6.894   18.904  1.00 0.00 ? 5  LEU A HD22 1 
ATOM 71   H HD23 . LEU A 1 5  ? 14.935  5.671   17.644  1.00 0.00 ? 5  LEU A HD23 1 
ATOM 72   N N    . ARG A 1 6  ? 15.285  11.016  17.750  1.00 0.00 ? 6  ARG A N    1 
ATOM 73   C CA   . ARG A 1 6  ? 14.215  11.999  17.773  1.00 0.00 ? 6  ARG A CA   1 
ATOM 74   C C    . ARG A 1 6  ? 13.810  12.375  16.347  1.00 0.00 ? 6  ARG A C    1 
ATOM 75   O O    . ARG A 1 6  ? 12.646  12.239  15.972  1.00 0.00 ? 6  ARG A O    1 
ATOM 76   C CB   . ARG A 1 6  ? 14.642  13.261  18.525  1.00 0.00 ? 6  ARG A CB   1 
ATOM 77   C CG   . ARG A 1 6  ? 14.660  13.020  20.036  1.00 0.00 ? 6  ARG A CG   1 
ATOM 78   C CD   . ARG A 1 6  ? 14.194  14.264  20.794  1.00 0.00 ? 6  ARG A CD   1 
ATOM 79   N NE   . ARG A 1 6  ? 14.965  14.411  22.049  1.00 0.00 ? 6  ARG A NE   1 
ATOM 80   C CZ   . ARG A 1 6  ? 15.259  15.597  22.623  1.00 0.00 ? 6  ARG A CZ   1 
ATOM 81   N NH1  . ARG A 1 6  ? 14.848  16.752  22.057  1.00 0.00 ? 6  ARG A NH1  1 
ATOM 82   N NH2  . ARG A 1 6  ? 15.955  15.610  23.744  1.00 0.00 ? 6  ARG A NH2  1 
ATOM 83   H H    . ARG A 1 6  ? 15.990  11.142  18.450  1.00 0.00 ? 6  ARG A H    1 
ATOM 84   H HA   . ARG A 1 6  ? 13.396  11.506  18.296  1.00 0.00 ? 6  ARG A HA   1 
ATOM 85   H HB2  . ARG A 1 6  ? 15.633  13.570  18.190  1.00 0.00 ? 6  ARG A HB2  1 
ATOM 86   H HB3  . ARG A 1 6  ? 13.958  14.077  18.291  1.00 0.00 ? 6  ARG A HB3  1 
ATOM 87   H HG2  . ARG A 1 6  ? 14.015  12.177  20.281  1.00 0.00 ? 6  ARG A HG2  1 
ATOM 88   H HG3  . ARG A 1 6  ? 15.668  12.753  20.353  1.00 0.00 ? 6  ARG A HG3  1 
ATOM 89   H HD2  . ARG A 1 6  ? 14.324  15.150  20.172  1.00 0.00 ? 6  ARG A HD2  1 
ATOM 90   H HD3  . ARG A 1 6  ? 13.130  14.187  21.019  1.00 0.00 ? 6  ARG A HD3  1 
ATOM 91   H HE   . ARG A 1 6  ? 15.289  13.579  22.500  1.00 0.00 ? 6  ARG A HE   1 
ATOM 92   H HH11 . ARG A 1 6  ? 14.322  16.733  21.208  1.00 0.00 ? 6  ARG A HH11 1 
ATOM 93   H HH12 . ARG A 1 6  ? 15.070  17.627  22.489  1.00 0.00 ? 6  ARG A HH12 1 
ATOM 94   H HH22 . ARG A 1 6  ? 16.215  16.444  24.233  1.00 0.00 ? 6  ARG A HH22 1 
ATOM 95   N N    . ASP A 1 7  ? 14.793  12.841  15.590  1.00 0.00 ? 7  ASP A N    1 
ATOM 96   C CA   . ASP A 1 7  ? 14.553  13.237  14.212  1.00 0.00 ? 7  ASP A CA   1 
ATOM 97   C C    . ASP A 1 7  ? 13.853  12.095  13.472  1.00 0.00 ? 7  ASP A C    1 
ATOM 98   O O    . ASP A 1 7  ? 12.753  12.272  12.951  1.00 0.00 ? 7  ASP A O    1 
ATOM 99   C CB   . ASP A 1 7  ? 15.868  13.534  13.488  1.00 0.00 ? 7  ASP A CB   1 
ATOM 100  C CG   . ASP A 1 7  ? 15.849  14.779  12.599  1.00 0.00 ? 7  ASP A CG   1 
ATOM 101  O OD1  . ASP A 1 7  ? 14.851  15.064  11.921  1.00 0.00 ? 7  ASP A OD1  1 
ATOM 102  O OD2  . ASP A 1 7  ? 16.931  15.480  12.620  1.00 0.00 ? 7  ASP A OD2  1 
ATOM 103  H H    . ASP A 1 7  ? 15.736  12.948  15.903  1.00 0.00 ? 7  ASP A H    1 
ATOM 104  H HA   . ASP A 1 7  ? 13.936  14.133  14.276  1.00 0.00 ? 7  ASP A HA   1 
ATOM 105  H HB2  . ASP A 1 7  ? 16.657  13.649  14.232  1.00 0.00 ? 7  ASP A HB2  1 
ATOM 106  H HB3  . ASP A 1 7  ? 16.130  12.672  12.875  1.00 0.00 ? 7  ASP A HB3  1 
ATOM 107  H HD2  . ASP A 1 7  ? 17.567  15.149  11.923  1.00 0.00 ? 7  ASP A HD2  1 
ATOM 108  N N    . ARG A 1 8  ? 14.519  10.951  13.450  1.00 0.00 ? 8  ARG A N    1 
ATOM 109  C CA   . ARG A 1 8  ? 13.974  9.780   12.783  1.00 0.00 ? 8  ARG A CA   1 
ATOM 110  C C    . ARG A 1 8  ? 12.529  9.544   13.223  1.00 0.00 ? 8  ARG A C    1 
ATOM 111  O O    . ARG A 1 8  ? 11.634  9.415   12.389  1.00 0.00 ? 8  ARG A O    1 
ATOM 112  C CB   . ARG A 1 8  ? 14.805  8.534   13.091  1.00 0.00 ? 8  ARG A CB   1 
ATOM 113  C CG   . ARG A 1 8  ? 15.222  7.820   11.804  1.00 0.00 ? 8  ARG A CG   1 
ATOM 114  C CD   . ARG A 1 8  ? 16.744  7.696   11.713  1.00 0.00 ? 8  ARG A CD   1 
ATOM 115  N NE   . ARG A 1 8  ? 17.180  7.830   10.305  1.00 0.00 ? 8  ARG A NE   1 
ATOM 116  C CZ   . ARG A 1 8  ? 18.306  7.279   9.804   1.00 0.00 ? 8  ARG A CZ   1 
ATOM 117  N NH1  . ARG A 1 8  ? 19.122  6.550   10.596  1.00 0.00 ? 8  ARG A NH1  1 
ATOM 118  N NH2  . ARG A 1 8  ? 18.598  7.463   8.531   1.00 0.00 ? 8  ARG A NH2  1 
ATOM 119  H H    . ARG A 1 8  ? 15.413  10.816  13.876  1.00 0.00 ? 8  ARG A H    1 
ATOM 120  H HA   . ARG A 1 8  ? 14.027  10.016  11.720  1.00 0.00 ? 8  ARG A HA   1 
ATOM 121  H HB2  . ARG A 1 8  ? 15.693  8.815   13.658  1.00 0.00 ? 8  ARG A HB2  1 
ATOM 122  H HB3  . ARG A 1 8  ? 14.229  7.853   13.718  1.00 0.00 ? 8  ARG A HB3  1 
ATOM 123  H HG2  . ARG A 1 8  ? 14.770  6.829   11.770  1.00 0.00 ? 8  ARG A HG2  1 
ATOM 124  H HG3  . ARG A 1 8  ? 14.846  8.370   10.941  1.00 0.00 ? 8  ARG A HG3  1 
ATOM 125  H HD2  . ARG A 1 8  ? 17.217  8.465   12.323  1.00 0.00 ? 8  ARG A HD2  1 
ATOM 126  H HD3  . ARG A 1 8  ? 17.062  6.732   12.110  1.00 0.00 ? 8  ARG A HD3  1 
ATOM 127  H HE   . ARG A 1 8  ? 16.604  8.363   9.685   1.00 0.00 ? 8  ARG A HE   1 
ATOM 128  H HH11 . ARG A 1 8  ? 18.892  6.415   11.561  1.00 0.00 ? 8  ARG A HH11 1 
ATOM 129  H HH12 . ARG A 1 8  ? 19.954  6.145   10.218  1.00 0.00 ? 8  ARG A HH12 1 
ATOM 130  H HH22 . ARG A 1 8  ? 19.412  7.090   8.084   1.00 0.00 ? 8  ARG A HH22 1 
ATOM 131  N N    . LEU A 1 9  ? 12.344  9.493   14.534  1.00 0.00 ? 9  LEU A N    1 
ATOM 132  C CA   . LEU A 1 9  ? 11.022  9.273   15.096  1.00 0.00 ? 9  LEU A CA   1 
ATOM 133  C C    . LEU A 1 9  ? 10.053  10.312  14.529  1.00 0.00 ? 9  LEU A C    1 
ATOM 134  O O    . LEU A 1 9  ? 9.100   9.962   13.834  1.00 0.00 ? 9  LEU A O    1 
ATOM 135  C CB   . LEU A 1 9  ? 11.085  9.260   16.625  1.00 0.00 ? 9  LEU A CB   1 
ATOM 136  C CG   . LEU A 1 9  ? 11.765  8.044   17.259  1.00 0.00 ? 9  LEU A CG   1 
ATOM 137  C CD1  . LEU A 1 9  ? 11.912  8.224   18.770  1.00 0.00 ? 9  LEU A CD1  1 
ATOM 138  C CD2  . LEU A 1 9  ? 11.022  6.754   16.904  1.00 0.00 ? 9  LEU A CD2  1 
ATOM 139  H H    . LEU A 1 9  ? 13.077  9.598   15.206  1.00 0.00 ? 9  LEU A H    1 
ATOM 140  H HA   . LEU A 1 9  ? 10.693  8.283   14.779  1.00 0.00 ? 9  LEU A HA   1 
ATOM 141  H HB2  . LEU A 1 9  ? 11.609  10.157  16.955  1.00 0.00 ? 9  LEU A HB2  1 
ATOM 142  H HB3  . LEU A 1 9  ? 10.068  9.325   17.011  1.00 0.00 ? 9  LEU A HB3  1 
ATOM 143  H HG   . LEU A 1 9  ? 12.770  7.960   16.844  1.00 0.00 ? 9  LEU A HG   1 
ATOM 144  H HD11 . LEU A 1 9  ? 10.935  8.426   19.209  1.00 0.00 ? 9  LEU A HD11 1 
ATOM 145  H HD12 . LEU A 1 9  ? 12.325  7.315   19.206  1.00 0.00 ? 9  LEU A HD12 1 
ATOM 146  H HD13 . LEU A 1 9  ? 12.581  9.060   18.974  1.00 0.00 ? 9  LEU A HD13 1 
ATOM 147  H HD21 . LEU A 1 9  ? 11.417  5.932   17.502  1.00 0.00 ? 9  LEU A HD21 1 
ATOM 148  H HD22 . LEU A 1 9  ? 9.959   6.878   17.112  1.00 0.00 ? 9  LEU A HD22 1 
ATOM 149  H HD23 . LEU A 1 9  ? 11.161  6.534   15.845  1.00 0.00 ? 9  LEU A HD23 1 
ATOM 150  N N    . ALA A 1 10 ? 10.329  11.568  14.847  1.00 0.00 ? 10 ALA A N    1 
ATOM 151  C CA   . ALA A 1 10 ? 9.493   12.659  14.378  1.00 0.00 ? 10 ALA A CA   1 
ATOM 152  C C    . ALA A 1 10 ? 9.950   13.082  12.980  1.00 0.00 ? 10 ALA A C    1 
ATOM 153  O O    . ALA A 1 10 ? 9.894   14.261  12.636  1.00 0.00 ? 10 ALA A O    1 
ATOM 154  C CB   . ALA A 1 10 ? 9.548   13.812  15.383  1.00 0.00 ? 10 ALA A CB   1 
ATOM 155  H H    . ALA A 1 10 ? 11.106  11.843  15.413  1.00 0.00 ? 10 ALA A H    1 
ATOM 156  H HA   . ALA A 1 10 ? 8.468   12.292  14.320  1.00 0.00 ? 10 ALA A HA   1 
ATOM 157  H HB1  . ALA A 1 10 ? 10.531  13.838  15.852  1.00 0.00 ? 10 ALA A HB1  1 
ATOM 158  H HB2  . ALA A 1 10 ? 9.366   14.754  14.865  1.00 0.00 ? 10 ALA A HB2  1 
ATOM 159  H HB3  . ALA A 1 10 ? 8.784   13.665  16.146  1.00 0.00 ? 10 ALA A HB3  1 
ATOM 160  N N    . GLY A 1 11 ? 10.391  12.096  12.213  1.00 0.00 ? 11 GLY A N    1 
ATOM 161  C CA   . GLY A 1 11 ? 10.857  12.350  10.861  1.00 0.00 ? 11 GLY A CA   1 
ATOM 162  C C    . GLY A 1 11 ? 10.311  11.304  9.887   1.00 0.00 ? 11 GLY A C    1 
ATOM 163  O O    . GLY A 1 11 ? 10.204  11.563  8.688   1.00 0.00 ? 11 GLY A O    1 
ATOM 164  H H    . GLY A 1 11 ? 10.433  11.139  12.501  1.00 0.00 ? 11 GLY A H    1 
ATOM 165  H HA2  . GLY A 1 11 ? 10.544  13.345  10.545  1.00 0.00 ? 11 GLY A HA2  1 
ATOM 166  H HA3  . GLY A 1 11 ? 11.947  12.338  10.839  1.00 0.00 ? 11 GLY A HA3  1 
ATOM 167  N N    . LEU A 1 12 ? 9.979   10.145  10.437  1.00 0.00 ? 12 LEU A N    1 
ATOM 168  C CA   . LEU A 1 12 ? 9.446   9.060   9.632   1.00 0.00 ? 12 LEU A CA   1 
ATOM 169  C C    . LEU A 1 12 ? 10.031  9.143   8.220   1.00 0.00 ? 12 LEU A C    1 
ATOM 170  O O    . LEU A 1 12 ? 9.428   9.738   7.328   1.00 0.00 ? 12 LEU A O    1 
ATOM 171  C CB   . LEU A 1 12 ? 7.917   9.069   9.665   1.00 0.00 ? 12 LEU A CB   1 
ATOM 172  C CG   . LEU A 1 12 ? 7.274   8.772   11.021  1.00 0.00 ? 12 LEU A CG   1 
ATOM 173  C CD1  . LEU A 1 12 ? 5.962   9.543   11.186  1.00 0.00 ? 12 LEU A CD1  1 
ATOM 174  C CD2  . LEU A 1 12 ? 7.083   7.268   11.220  1.00 0.00 ? 12 LEU A CD2  1 
ATOM 175  H H    . LEU A 1 12 ? 10.069  9.944   11.412  1.00 0.00 ? 12 LEU A H    1 
ATOM 176  H HA   . LEU A 1 12 ? 9.773   8.126   10.087  1.00 0.00 ? 12 LEU A HA   1 
ATOM 177  H HB2  . LEU A 1 12 ? 7.572   10.046  9.328   1.00 0.00 ? 12 LEU A HB2  1 
ATOM 178  H HB3  . LEU A 1 12 ? 7.553   8.337   8.945   1.00 0.00 ? 12 LEU A HB3  1 
ATOM 179  H HG   . LEU A 1 12 ? 7.951   9.117   11.803  1.00 0.00 ? 12 LEU A HG   1 
ATOM 180  H HD11 . LEU A 1 12 ? 5.125   8.846   11.159  1.00 0.00 ? 12 LEU A HD11 1 
ATOM 181  H HD12 . LEU A 1 12 ? 5.968   10.068  12.142  1.00 0.00 ? 12 LEU A HD12 1 
ATOM 182  H HD13 . LEU A 1 12 ? 5.860   10.265  10.375  1.00 0.00 ? 12 LEU A HD13 1 
ATOM 183  H HD21 . LEU A 1 12 ? 8.033   6.816   11.504  1.00 0.00 ? 12 LEU A HD21 1 
ATOM 184  H HD22 . LEU A 1 12 ? 6.349   7.096   12.007  1.00 0.00 ? 12 LEU A HD22 1 
ATOM 185  H HD23 . LEU A 1 12 ? 6.731   6.820   10.290  1.00 0.00 ? 12 LEU A HD23 1 
ATOM 186  N N    . PRO A 1 13 ? 11.230  8.523   8.057   1.00 0.00 ? 13 PRO A N    1 
ATOM 187  C CA   . PRO A 1 13 ? 11.903  8.521   6.769   1.00 0.00 ? 13 PRO A CA   1 
ATOM 188  C C    . PRO A 1 13 ? 11.229  7.547   5.800   1.00 0.00 ? 13 PRO A C    1 
ATOM 189  O O    . PRO A 1 13 ? 10.281  6.856   6.168   1.00 0.00 ? 13 PRO A O    1 
ATOM 190  C CB   . PRO A 1 13 ? 13.344  8.147   7.079   1.00 0.00 ? 13 PRO A CB   1 
ATOM 191  C CG   . PRO A 1 13 ? 13.321  7.503   8.455   1.00 0.00 ? 13 PRO A CG   1 
ATOM 192  C CD   . PRO A 1 13 ? 11.974  7.809   9.091   1.00 0.00 ? 13 PRO A CD   1 
ATOM 193  H HA   . PRO A 1 13 ? 11.838  9.422   6.343   1.00 0.00 ? 13 PRO A HA   1 
ATOM 194  H HB2  . PRO A 1 13 ? 13.738  7.458   6.332   1.00 0.00 ? 13 PRO A HB2  1 
ATOM 195  H HB3  . PRO A 1 13 ? 13.986  9.028   7.071   1.00 0.00 ? 13 PRO A HB3  1 
ATOM 196  H HG2  . PRO A 1 13 ? 13.470  6.426   8.376   1.00 0.00 ? 13 PRO A HG2  1 
ATOM 197  H HG3  . PRO A 1 13 ? 14.131  7.892   9.073   1.00 0.00 ? 13 PRO A HG3  1 
ATOM 198  H HD2  . PRO A 1 13 ? 11.460  6.894   9.389   1.00 0.00 ? 13 PRO A HD2  1 
ATOM 199  H HD3  . PRO A 1 13 ? 12.088  8.416   9.988   1.00 0.00 ? 13 PRO A HD3  1 
ATOM 200  N N    . ARG A 1 14 ? 11.744  7.527   4.580   1.00 0.00 ? 14 ARG A N    1 
ATOM 201  C CA   . ARG A 1 14 ? 11.203  6.650   3.554   1.00 0.00 ? 14 ARG A CA   1 
ATOM 202  C C    . ARG A 1 14 ? 10.911  5.267   4.139   1.00 0.00 ? 14 ARG A C    1 
ATOM 203  O O    . ARG A 1 14 ? 9.810   4.741   3.976   1.00 0.00 ? 14 ARG A O    1 
ATOM 204  C CB   . ARG A 1 14 ? 12.178  6.506   2.383   1.00 0.00 ? 14 ARG A CB   1 
ATOM 205  C CG   . ARG A 1 14 ? 11.439  6.560   1.046   1.00 0.00 ? 14 ARG A CG   1 
ATOM 206  C CD   . ARG A 1 14 ? 12.408  6.838   -0.106  1.00 0.00 ? 14 ARG A CD   1 
ATOM 207  N NE   . ARG A 1 14 ? 11.652  7.170   -1.335  1.00 0.00 ? 14 ARG A NE   1 
ATOM 208  C CZ   . ARG A 1 14 ? 12.193  7.769   -2.416  1.00 0.00 ? 14 ARG A CZ   1 
ATOM 209  N NH1  . ARG A 1 14 ? 13.500  8.108   -2.431  1.00 0.00 ? 14 ARG A NH1  1 
ATOM 210  N NH2  . ARG A 1 14 ? 11.425  8.020   -3.461  1.00 0.00 ? 14 ARG A NH2  1 
ATOM 211  H H    . ARG A 1 14 ? 12.515  8.093   4.288   1.00 0.00 ? 14 ARG A H    1 
ATOM 212  H HA   . ARG A 1 14 ? 10.286  7.139   3.225   1.00 0.00 ? 14 ARG A HA   1 
ATOM 213  H HB2  . ARG A 1 14 ? 12.922  7.302   2.424   1.00 0.00 ? 14 ARG A HB2  1 
ATOM 214  H HB3  . ARG A 1 14 ? 12.716  5.562   2.468   1.00 0.00 ? 14 ARG A HB3  1 
ATOM 215  H HG2  . ARG A 1 14 ? 10.924  5.615   0.872   1.00 0.00 ? 14 ARG A HG2  1 
ATOM 216  H HG3  . ARG A 1 14 ? 10.675  7.338   1.078   1.00 0.00 ? 14 ARG A HG3  1 
ATOM 217  H HD2  . ARG A 1 14 ? 13.071  7.661   0.157   1.00 0.00 ? 14 ARG A HD2  1 
ATOM 218  H HD3  . ARG A 1 14 ? 13.037  5.965   -0.281  1.00 0.00 ? 14 ARG A HD3  1 
ATOM 219  H HE   . ARG A 1 14 ? 10.680  6.936   -1.365  1.00 0.00 ? 14 ARG A HE   1 
ATOM 220  H HH11 . ARG A 1 14 ? 14.075  7.915   -1.636  1.00 0.00 ? 14 ARG A HH11 1 
ATOM 221  H HH12 . ARG A 1 14 ? 13.893  8.552   -3.236  1.00 0.00 ? 14 ARG A HH12 1 
ATOM 222  H HH22 . ARG A 1 14 ? 11.746  8.460   -4.299  1.00 0.00 ? 14 ARG A HH22 1 
ATOM 223  N N    . ALA A 1 15 ? 11.915  4.718   4.806   1.00 0.00 ? 15 ALA A N    1 
ATOM 224  C CA   . ALA A 1 15 ? 11.778  3.405   5.416   1.00 0.00 ? 15 ALA A CA   1 
ATOM 225  C C    . ALA A 1 15 ? 10.408  3.300   6.090   1.00 0.00 ? 15 ALA A C    1 
ATOM 226  O O    . ALA A 1 15 ? 9.537   2.570   5.621   1.00 0.00 ? 15 ALA A O    1 
ATOM 227  C CB   . ALA A 1 15 ? 12.930  3.175   6.397   1.00 0.00 ? 15 ALA A CB   1 
ATOM 228  H H    . ALA A 1 15 ? 12.806  5.151   4.933   1.00 0.00 ? 15 ALA A H    1 
ATOM 229  H HA   . ALA A 1 15 ? 11.840  2.662   4.621   1.00 0.00 ? 15 ALA A HA   1 
ATOM 230  H HB1  . ALA A 1 15 ? 12.852  3.884   7.221   1.00 0.00 ? 15 ALA A HB1  1 
ATOM 231  H HB2  . ALA A 1 15 ? 12.879  2.159   6.786   1.00 0.00 ? 15 ALA A HB2  1 
ATOM 232  H HB3  . ALA A 1 15 ? 13.880  3.320   5.881   1.00 0.00 ? 15 ALA A HB3  1 
ATOM 233  N N    . GLU A 1 16 ? 10.262  4.040   7.179   1.00 0.00 ? 16 GLU A N    1 
ATOM 234  C CA   . GLU A 1 16 ? 9.014   4.040   7.922   1.00 0.00 ? 16 GLU A CA   1 
ATOM 235  C C    . GLU A 1 16 ? 7.832   4.252   6.974   1.00 0.00 ? 16 GLU A C    1 
ATOM 236  O O    . GLU A 1 16 ? 6.790   3.615   7.122   1.00 0.00 ? 16 GLU A O    1 
ATOM 237  C CB   . GLU A 1 16 ? 9.031   5.101   9.023   1.00 0.00 ? 16 GLU A CB   1 
ATOM 238  C CG   . GLU A 1 16 ? 9.066   4.453   10.409  1.00 0.00 ? 16 GLU A CG   1 
ATOM 239  C CD   . GLU A 1 16 ? 7.764   3.703   10.696  1.00 0.00 ? 16 GLU A CD   1 
ATOM 240  O OE1  . GLU A 1 16 ? 6.678   4.297   10.630  1.00 0.00 ? 16 GLU A OE1  1 
ATOM 241  O OE2  . GLU A 1 16 ? 7.909   2.457   10.998  1.00 0.00 ? 16 GLU A OE2  1 
ATOM 242  H H    . GLU A 1 16 ? 10.976  4.631   7.554   1.00 0.00 ? 16 GLU A H    1 
ATOM 243  H HA   . GLU A 1 16 ? 8.949   3.052   8.378   1.00 0.00 ? 16 GLU A HA   1 
ATOM 244  H HB2  . GLU A 1 16 ? 9.900   5.747   8.897   1.00 0.00 ? 16 GLU A HB2  1 
ATOM 245  H HB3  . GLU A 1 16 ? 8.148   5.735   8.936   1.00 0.00 ? 16 GLU A HB3  1 
ATOM 246  H HG2  . GLU A 1 16 ? 9.909   3.765   10.470  1.00 0.00 ? 16 GLU A HG2  1 
ATOM 247  H HG3  . GLU A 1 16 ? 9.224   5.219   11.168  1.00 0.00 ? 16 GLU A HG3  1 
ATOM 248  H HE2  . GLU A 1 16 ? 8.067   2.358   11.981  1.00 0.00 ? 16 GLU A HE2  1 
ATOM 249  N N    . ARG A 1 17 ? 8.033   5.149   6.020   1.00 0.00 ? 17 ARG A N    1 
ATOM 250  C CA   . ARG A 1 17 ? 6.997   5.454   5.048   1.00 0.00 ? 17 ARG A CA   1 
ATOM 251  C C    . ARG A 1 17 ? 6.616   4.195   4.268   1.00 0.00 ? 17 ARG A C    1 
ATOM 252  O O    . ARG A 1 17 ? 5.442   3.833   4.199   1.00 0.00 ? 17 ARG A O    1 
ATOM 253  C CB   . ARG A 1 17 ? 7.461   6.533   4.068   1.00 0.00 ? 17 ARG A CB   1 
ATOM 254  C CG   . ARG A 1 17 ? 6.948   7.911   4.488   1.00 0.00 ? 17 ARG A CG   1 
ATOM 255  C CD   . ARG A 1 17 ? 5.571   8.192   3.883   1.00 0.00 ? 17 ARG A CD   1 
ATOM 256  N NE   . ARG A 1 17 ? 4.892   9.265   4.645   1.00 0.00 ? 17 ARG A NE   1 
ATOM 257  C CZ   . ARG A 1 17 ? 3.552   9.376   4.765   1.00 0.00 ? 17 ARG A CZ   1 
ATOM 258  N NH1  . ARG A 1 17 ? 2.734   8.479   4.173   1.00 0.00 ? 17 ARG A NH1  1 
ATOM 259  N NH2  . ARG A 1 17 ? 3.054   10.374  5.470   1.00 0.00 ? 17 ARG A NH2  1 
ATOM 260  H H    . ARG A 1 17 ? 8.883   5.663   5.906   1.00 0.00 ? 17 ARG A H    1 
ATOM 261  H HA   . ARG A 1 17 ? 6.156   5.817   5.641   1.00 0.00 ? 17 ARG A HA   1 
ATOM 262  H HB2  . ARG A 1 17 ? 8.550   6.544   4.023   1.00 0.00 ? 17 ARG A HB2  1 
ATOM 263  H HB3  . ARG A 1 17 ? 7.103   6.297   3.066   1.00 0.00 ? 17 ARG A HB3  1 
ATOM 264  H HG2  . ARG A 1 17 ? 6.890   7.967   5.575   1.00 0.00 ? 17 ARG A HG2  1 
ATOM 265  H HG3  . ARG A 1 17 ? 7.653   8.679   4.167   1.00 0.00 ? 17 ARG A HG3  1 
ATOM 266  H HD2  . ARG A 1 17 ? 5.677   8.487   2.839   1.00 0.00 ? 17 ARG A HD2  1 
ATOM 267  H HD3  . ARG A 1 17 ? 4.967   7.286   3.898   1.00 0.00 ? 17 ARG A HD3  1 
ATOM 268  H HE   . ARG A 1 17 ? 5.462   9.950   5.098   1.00 0.00 ? 17 ARG A HE   1 
ATOM 269  H HH11 . ARG A 1 17 ? 3.120   7.726   3.641   1.00 0.00 ? 17 ARG A HH11 1 
ATOM 270  H HH12 . ARG A 1 17 ? 1.743   8.569   4.267   1.00 0.00 ? 17 ARG A HH12 1 
ATOM 271  H HH22 . ARG A 1 17 ? 2.076   10.527  5.607   1.00 0.00 ? 17 ARG A HH22 1 
ATOM 272  N N    . THR A 1 18 ? 7.631   3.561   3.697   1.00 0.00 ? 18 THR A N    1 
ATOM 273  C CA   . THR A 1 18 ? 7.416   2.350   2.923   1.00 0.00 ? 18 THR A CA   1 
ATOM 274  C C    . THR A 1 18 ? 6.735   1.282   3.781   1.00 0.00 ? 18 THR A C    1 
ATOM 275  O O    . THR A 1 18 ? 5.776   0.647   3.343   1.00 0.00 ? 18 THR A O    1 
ATOM 276  C CB   . THR A 1 18 ? 8.767   1.904   2.358   1.00 0.00 ? 18 THR A CB   1 
ATOM 277  O OG1  . THR A 1 18 ? 9.066   2.880   1.364   1.00 0.00 ? 18 THR A OG1  1 
ATOM 278  C CG2  . THR A 1 18 ? 8.671   0.593   1.576   1.00 0.00 ? 18 THR A CG2  1 
ATOM 279  H H    . THR A 1 18 ? 8.583   3.862   3.756   1.00 0.00 ? 18 THR A H    1 
ATOM 280  H HA   . THR A 1 18 ? 6.738   2.582   2.103   1.00 0.00 ? 18 THR A HA   1 
ATOM 281  H HB   . THR A 1 18 ? 9.515   1.834   3.149   1.00 0.00 ? 18 THR A HB   1 
ATOM 282  H HG1  . THR A 1 18 ? 10.012  3.191   1.463   1.00 0.00 ? 18 THR A HG1  1 
ATOM 283  H HG21 . THR A 1 18 ? 9.055   -0.224  2.189   1.00 0.00 ? 18 THR A HG21 1 
ATOM 284  H HG22 . THR A 1 18 ? 7.630   0.398   1.320   1.00 0.00 ? 18 THR A HG22 1 
ATOM 285  H HG23 . THR A 1 18 ? 9.262   0.670   0.664   1.00 0.00 ? 18 THR A HG23 1 
ATOM 286  N N    . ALA A 1 19 ? 7.257   1.117   4.988   1.00 0.00 ? 19 ALA A N    1 
ATOM 287  C CA   . ALA A 1 19 ? 6.710   0.137   5.911   1.00 0.00 ? 19 ALA A CA   1 
ATOM 288  C C    . ALA A 1 19 ? 5.332   0.602   6.385   1.00 0.00 ? 19 ALA A C    1 
ATOM 289  O O    . ALA A 1 19 ? 4.494   -0.215  6.767   1.00 0.00 ? 19 ALA A O    1 
ATOM 290  C CB   . ALA A 1 19 ? 7.686   -0.070  7.072   1.00 0.00 ? 19 ALA A CB   1 
ATOM 291  H H    . ALA A 1 19 ? 8.036   1.638   5.336   1.00 0.00 ? 19 ALA A H    1 
ATOM 292  H HA   . ALA A 1 19 ? 6.601   -0.804  5.371   1.00 0.00 ? 19 ALA A HA   1 
ATOM 293  H HB1  . ALA A 1 19 ? 7.907   -1.133  7.175   1.00 0.00 ? 19 ALA A HB1  1 
ATOM 294  H HB2  . ALA A 1 19 ? 8.608   0.474   6.871   1.00 0.00 ? 19 ALA A HB2  1 
ATOM 295  H HB3  . ALA A 1 19 ? 7.238   0.299   7.993   1.00 0.00 ? 19 ALA A HB3  1 
ATOM 296  N N    . GLU A 1 20 ? 5.139   1.912   6.345   1.00 0.00 ? 20 GLU A N    1 
ATOM 297  C CA   . GLU A 1 20 ? 3.875   2.495   6.765   1.00 0.00 ? 20 GLU A CA   1 
ATOM 298  C C    . GLU A 1 20 ? 2.804   2.266   5.698   1.00 0.00 ? 20 GLU A C    1 
ATOM 299  O O    . GLU A 1 20 ? 1.774   1.649   5.968   1.00 0.00 ? 20 GLU A O    1 
ATOM 300  C CB   . GLU A 1 20 ? 4.035   3.986   7.071   1.00 0.00 ? 20 GLU A CB   1 
ATOM 301  C CG   . GLU A 1 20 ? 2.676   4.642   7.326   1.00 0.00 ? 20 GLU A CG   1 
ATOM 302  C CD   . GLU A 1 20 ? 2.744   5.600   8.517   1.00 0.00 ? 20 GLU A CD   1 
ATOM 303  O OE1  . GLU A 1 20 ? 3.617   5.450   9.383   1.00 0.00 ? 20 GLU A OE1  1 
ATOM 304  O OE2  . GLU A 1 20 ? 1.847   6.527   8.522   1.00 0.00 ? 20 GLU A OE2  1 
ATOM 305  H H    . GLU A 1 20 ? 5.824   2.569   6.033   1.00 0.00 ? 20 GLU A H    1 
ATOM 306  H HA   . GLU A 1 20 ? 3.605   1.970   7.681   1.00 0.00 ? 20 GLU A HA   1 
ATOM 307  H HB2  . GLU A 1 20 ? 4.674   4.115   7.944   1.00 0.00 ? 20 GLU A HB2  1 
ATOM 308  H HB3  . GLU A 1 20 ? 4.531   4.481   6.236   1.00 0.00 ? 20 GLU A HB3  1 
ATOM 309  H HG2  . GLU A 1 20 ? 2.358   5.184   6.435   1.00 0.00 ? 20 GLU A HG2  1 
ATOM 310  H HG3  . GLU A 1 20 ? 1.927   3.873   7.514   1.00 0.00 ? 20 GLU A HG3  1 
ATOM 311  H HE2  . GLU A 1 20 ? 0.972   6.159   8.209   1.00 0.00 ? 20 GLU A HE2  1 
ATOM 312  N N    . LEU A 1 21 ? 3.081   2.776   4.507   1.00 0.00 ? 21 LEU A N    1 
ATOM 313  C CA   . LEU A 1 21 ? 2.154   2.635   3.398   1.00 0.00 ? 21 LEU A CA   1 
ATOM 314  C C    . LEU A 1 21 ? 1.782   1.160   3.233   1.00 0.00 ? 21 LEU A C    1 
ATOM 315  O O    . LEU A 1 21 ? 0.615   0.829   3.030   1.00 0.00 ? 21 LEU A O    1 
ATOM 316  C CB   . LEU A 1 21 ? 2.733   3.269   2.131   1.00 0.00 ? 21 LEU A CB   1 
ATOM 317  C CG   . LEU A 1 21 ? 2.077   4.574   1.674   1.00 0.00 ? 21 LEU A CG   1 
ATOM 318  C CD1  . LEU A 1 21 ? 3.008   5.765   1.910   1.00 0.00 ? 21 LEU A CD1  1 
ATOM 319  C CD2  . LEU A 1 21 ? 1.627   4.480   0.215   1.00 0.00 ? 21 LEU A CD2  1 
ATOM 320  H H    . LEU A 1 21 ? 3.920   3.277   4.295   1.00 0.00 ? 21 LEU A H    1 
ATOM 321  H HA   . LEU A 1 21 ? 1.252   3.192   3.653   1.00 0.00 ? 21 LEU A HA   1 
ATOM 322  H HB2  . LEU A 1 21 ? 3.794   3.455   2.294   1.00 0.00 ? 21 LEU A HB2  1 
ATOM 323  H HB3  . LEU A 1 21 ? 2.658   2.545   1.320   1.00 0.00 ? 21 LEU A HB3  1 
ATOM 324  H HG   . LEU A 1 21 ? 1.184   4.737   2.277   1.00 0.00 ? 21 LEU A HG   1 
ATOM 325  H HD11 . LEU A 1 21 ? 3.223   5.853   2.975   1.00 0.00 ? 21 LEU A HD11 1 
ATOM 326  H HD12 . LEU A 1 21 ? 3.937   5.616   1.362   1.00 0.00 ? 21 LEU A HD12 1 
ATOM 327  H HD13 . LEU A 1 21 ? 2.523   6.679   1.563   1.00 0.00 ? 21 LEU A HD13 1 
ATOM 328  H HD21 . LEU A 1 21 ? 2.377   4.942   -0.427  1.00 0.00 ? 21 LEU A HD21 1 
ATOM 329  H HD22 . LEU A 1 21 ? 1.508   3.431   -0.062  1.00 0.00 ? 21 LEU A HD22 1 
ATOM 330  H HD23 . LEU A 1 21 ? 0.675   4.997   0.094   1.00 0.00 ? 21 LEU A HD23 1 
ATOM 331  N N    . VAL A 1 22 ? 2.797   0.313   3.328   1.00 0.00 ? 22 VAL A N    1 
ATOM 332  C CA   . VAL A 1 22 ? 2.592   -1.118  3.192   1.00 0.00 ? 22 VAL A CA   1 
ATOM 333  C C    . VAL A 1 22 ? 1.423   -1.549  4.080   1.00 0.00 ? 22 VAL A C    1 
ATOM 334  O O    . VAL A 1 22 ? 0.377   -1.958  3.581   1.00 0.00 ? 22 VAL A O    1 
ATOM 335  C CB   . VAL A 1 22 ? 3.890   -1.865  3.508   1.00 0.00 ? 22 VAL A CB   1 
ATOM 336  C CG1  . VAL A 1 22 ? 3.608   -3.323  3.876   1.00 0.00 ? 22 VAL A CG1  1 
ATOM 337  C CG2  . VAL A 1 22 ? 4.872   -1.775  2.338   1.00 0.00 ? 22 VAL A CG2  1 
ATOM 338  H H    . VAL A 1 22 ? 3.744   0.591   3.493   1.00 0.00 ? 22 VAL A H    1 
ATOM 339  H HA   . VAL A 1 22 ? 2.334   -1.316  2.152   1.00 0.00 ? 22 VAL A HA   1 
ATOM 340  H HB   . VAL A 1 22 ? 4.351   -1.384  4.371   1.00 0.00 ? 22 VAL A HB   1 
ATOM 341  H HG11 . VAL A 1 22 ? 2.544   -3.447  4.079   1.00 0.00 ? 22 VAL A HG11 1 
ATOM 342  H HG12 . VAL A 1 22 ? 3.898   -3.970  3.048   1.00 0.00 ? 22 VAL A HG12 1 
ATOM 343  H HG13 . VAL A 1 22 ? 4.180   -3.591  4.764   1.00 0.00 ? 22 VAL A HG13 1 
ATOM 344  H HG21 . VAL A 1 22 ? 5.876   -2.020  2.687   1.00 0.00 ? 22 VAL A HG21 1 
ATOM 345  H HG22 . VAL A 1 22 ? 4.577   -2.479  1.560   1.00 0.00 ? 22 VAL A HG22 1 
ATOM 346  H HG23 . VAL A 1 22 ? 4.866   -0.763  1.935   1.00 0.00 ? 22 VAL A HG23 1 
ATOM 347  N N    . ARG A 1 23 ? 1.641   -1.441  5.383   1.00 0.00 ? 23 ARG A N    1 
ATOM 348  C CA   . ARG A 1 23 ? 0.620   -1.814  6.347   1.00 0.00 ? 23 ARG A CA   1 
ATOM 349  C C    . ARG A 1 23 ? -0.753  -1.316  5.884   1.00 0.00 ? 23 ARG A C    1 
ATOM 350  O O    . ARG A 1 23 ? -1.740  -2.045  5.963   1.00 0.00 ? 23 ARG A O    1 
ATOM 351  C CB   . ARG A 1 23 ? 0.926   -1.232  7.728   1.00 0.00 ? 23 ARG A CB   1 
ATOM 352  C CG   . ARG A 1 23 ? 0.682   -2.269  8.826   1.00 0.00 ? 23 ARG A CG   1 
ATOM 353  C CD   . ARG A 1 23 ? 0.984   -1.687  10.208  1.00 0.00 ? 23 ARG A CD   1 
ATOM 354  N NE   . ARG A 1 23 ? 0.440   -2.574  11.261  1.00 0.00 ? 23 ARG A NE   1 
ATOM 355  C CZ   . ARG A 1 23 ? 0.555   -2.335  12.584  1.00 0.00 ? 23 ARG A CZ   1 
ATOM 356  N NH1  . ARG A 1 23 ? 1.197   -1.234  13.029  1.00 0.00 ? 23 ARG A NH1  1 
ATOM 357  N NH2  . ARG A 1 23 ? 0.030   -3.195  13.438  1.00 0.00 ? 23 ARG A NH2  1 
ATOM 358  H H    . ARG A 1 23 ? 2.496   -1.106  5.781   1.00 0.00 ? 23 ARG A H    1 
ATOM 359  H HA   . ARG A 1 23 ? 0.651   -2.903  6.379   1.00 0.00 ? 23 ARG A HA   1 
ATOM 360  H HB2  . ARG A 1 23 ? 1.963   -0.897  7.763   1.00 0.00 ? 23 ARG A HB2  1 
ATOM 361  H HB3  . ARG A 1 23 ? 0.302   -0.357  7.905   1.00 0.00 ? 23 ARG A HB3  1 
ATOM 362  H HG2  . ARG A 1 23 ? -0.354  -2.608  8.788   1.00 0.00 ? 23 ARG A HG2  1 
ATOM 363  H HG3  . ARG A 1 23 ? 1.309   -3.144  8.651   1.00 0.00 ? 23 ARG A HG3  1 
ATOM 364  H HD2  . ARG A 1 23 ? 2.061   -1.574  10.336  1.00 0.00 ? 23 ARG A HD2  1 
ATOM 365  H HD3  . ARG A 1 23 ? 0.547   -0.693  10.295  1.00 0.00 ? 23 ARG A HD3  1 
ATOM 366  H HE   . ARG A 1 23 ? -0.044  -3.401  10.973  1.00 0.00 ? 23 ARG A HE   1 
ATOM 367  H HH11 . ARG A 1 23 ? 1.593   -0.588  12.376  1.00 0.00 ? 23 ARG A HH11 1 
ATOM 368  H HH12 . ARG A 1 23 ? 1.279   -1.065  14.012  1.00 0.00 ? 23 ARG A HH12 1 
ATOM 369  H HH22 . ARG A 1 23 ? 0.071   -3.092  14.432  1.00 0.00 ? 23 ARG A HH22 1 
ATOM 370  N N    . LEU A 1 24 ? -0.768  -0.078  5.413   1.00 0.00 ? 24 LEU A N    1 
ATOM 371  C CA   . LEU A 1 24 ? -2.002  0.525   4.938   1.00 0.00 ? 24 LEU A CA   1 
ATOM 372  C C    . LEU A 1 24 ? -2.513  -0.256  3.725   1.00 0.00 ? 24 LEU A C    1 
ATOM 373  O O    . LEU A 1 24 ? -3.662  -0.695  3.704   1.00 0.00 ? 24 LEU A O    1 
ATOM 374  C CB   . LEU A 1 24 ? -1.800  2.017   4.667   1.00 0.00 ? 24 LEU A CB   1 
ATOM 375  C CG   . LEU A 1 24 ? -3.054  2.807   4.290   1.00 0.00 ? 24 LEU A CG   1 
ATOM 376  C CD1  . LEU A 1 24 ? -2.939  4.266   4.736   1.00 0.00 ? 24 LEU A CD1  1 
ATOM 377  C CD2  . LEU A 1 24 ? -3.349  2.688   2.793   1.00 0.00 ? 24 LEU A CD2  1 
ATOM 378  H H    . LEU A 1 24 ? 0.039   0.508   5.351   1.00 0.00 ? 24 LEU A H    1 
ATOM 379  H HA   . LEU A 1 24 ? -2.737  0.440   5.738   1.00 0.00 ? 24 LEU A HA   1 
ATOM 380  H HB2  . LEU A 1 24 ? -1.362  2.471   5.556   1.00 0.00 ? 24 LEU A HB2  1 
ATOM 381  H HB3  . LEU A 1 24 ? -1.071  2.125   3.862   1.00 0.00 ? 24 LEU A HB3  1 
ATOM 382  H HG   . LEU A 1 24 ? -3.903  2.375   4.821   1.00 0.00 ? 24 LEU A HG   1 
ATOM 383  H HD11 . LEU A 1 24 ? -3.935  4.675   4.904   1.00 0.00 ? 24 LEU A HD11 1 
ATOM 384  H HD12 . LEU A 1 24 ? -2.364  4.319   5.661   1.00 0.00 ? 24 LEU A HD12 1 
ATOM 385  H HD13 . LEU A 1 24 ? -2.434  4.844   3.962   1.00 0.00 ? 24 LEU A HD13 1 
ATOM 386  H HD21 . LEU A 1 24 ? -3.186  1.659   2.473   1.00 0.00 ? 24 LEU A HD21 1 
ATOM 387  H HD22 . LEU A 1 24 ? -4.386  2.967   2.603   1.00 0.00 ? 24 LEU A HD22 1 
ATOM 388  H HD23 . LEU A 1 24 ? -2.686  3.351   2.238   1.00 0.00 ? 24 LEU A HD23 1 
ATOM 389  N N    . VAL A 1 25 ? -1.635  -0.405  2.744   1.00 0.00 ? 25 VAL A N    1 
ATOM 390  C CA   . VAL A 1 25 ? -1.983  -1.125  1.531   1.00 0.00 ? 25 VAL A CA   1 
ATOM 391  C C    . VAL A 1 25 ? -2.683  -2.433  1.903   1.00 0.00 ? 25 VAL A C    1 
ATOM 392  O O    . VAL A 1 25 ? -3.802  -2.691  1.461   1.00 0.00 ? 25 VAL A O    1 
ATOM 393  C CB   . VAL A 1 25 ? -0.734  -1.338  0.673   1.00 0.00 ? 25 VAL A CB   1 
ATOM 394  C CG1  . VAL A 1 25 ? -1.061  -2.158  -0.577  1.00 0.00 ? 25 VAL A CG1  1 
ATOM 395  C CG2  . VAL A 1 25 ? -0.090  -0.002  0.300   1.00 0.00 ? 25 VAL A CG2  1 
ATOM 396  H H    . VAL A 1 25 ? -0.702  -0.045  2.769   1.00 0.00 ? 25 VAL A H    1 
ATOM 397  H HA   . VAL A 1 25 ? -2.678  -0.503  0.967   1.00 0.00 ? 25 VAL A HA   1 
ATOM 398  H HB   . VAL A 1 25 ? -0.014  -1.903  1.264   1.00 0.00 ? 25 VAL A HB   1 
ATOM 399  H HG11 . VAL A 1 25 ? -0.136  -2.505  -1.037  1.00 0.00 ? 25 VAL A HG11 1 
ATOM 400  H HG12 . VAL A 1 25 ? -1.673  -3.016  -0.300  1.00 0.00 ? 25 VAL A HG12 1 
ATOM 401  H HG13 . VAL A 1 25 ? -1.608  -1.536  -1.286  1.00 0.00 ? 25 VAL A HG13 1 
ATOM 402  H HG21 . VAL A 1 25 ? 0.995   -0.092  0.356   1.00 0.00 ? 25 VAL A HG21 1 
ATOM 403  H HG22 . VAL A 1 25 ? -0.380  0.270   -0.716  1.00 0.00 ? 25 VAL A HG22 1 
ATOM 404  H HG23 . VAL A 1 25 ? -0.427  0.769   0.993   1.00 0.00 ? 25 VAL A HG23 1 
ATOM 405  N N    . ARG A 1 26 ? -1.995  -3.226  2.712   1.00 0.00 ? 26 ARG A N    1 
ATOM 406  C CA   . ARG A 1 26 ? -2.538  -4.501  3.149   1.00 0.00 ? 26 ARG A CA   1 
ATOM 407  C C    . ARG A 1 26 ? -4.006  -4.344  3.554   1.00 0.00 ? 26 ARG A C    1 
ATOM 408  O O    . ARG A 1 26 ? -4.889  -4.948  2.948   1.00 0.00 ? 26 ARG A O    1 
ATOM 409  C CB   . ARG A 1 26 ? -1.747  -5.061  4.333   1.00 0.00 ? 26 ARG A CB   1 
ATOM 410  C CG   . ARG A 1 26 ? -0.820  -6.192  3.887   1.00 0.00 ? 26 ARG A CG   1 
ATOM 411  C CD   . ARG A 1 26 ? 0.481   -6.186  4.695   1.00 0.00 ? 26 ARG A CD   1 
ATOM 412  N NE   . ARG A 1 26 ? 0.649   -7.482  5.391   1.00 0.00 ? 26 ARG A NE   1 
ATOM 413  C CZ   . ARG A 1 26 ? 0.180   -7.742  6.630   1.00 0.00 ? 26 ARG A CZ   1 
ATOM 414  N NH1  . ARG A 1 26 ? -0.491  -6.796  7.321   1.00 0.00 ? 26 ARG A NH1  1 
ATOM 415  N NH2  . ARG A 1 26 ? 0.389   -8.935  7.156   1.00 0.00 ? 26 ARG A NH2  1 
ATOM 416  H H    . ARG A 1 26 ? -1.086  -3.010  3.067   1.00 0.00 ? 26 ARG A H    1 
ATOM 417  H HA   . ARG A 1 26 ? -2.439  -5.158  2.284   1.00 0.00 ? 26 ARG A HA   1 
ATOM 418  H HB2  . ARG A 1 26 ? -1.160  -4.264  4.791   1.00 0.00 ? 26 ARG A HB2  1 
ATOM 419  H HB3  . ARG A 1 26 ? -2.435  -5.427  5.094   1.00 0.00 ? 26 ARG A HB3  1 
ATOM 420  H HG2  . ARG A 1 26 ? -1.324  -7.151  4.010   1.00 0.00 ? 26 ARG A HG2  1 
ATOM 421  H HG3  . ARG A 1 26 ? -0.593  -6.085  2.826   1.00 0.00 ? 26 ARG A HG3  1 
ATOM 422  H HD2  . ARG A 1 26 ? 1.329   -6.006  4.034   1.00 0.00 ? 26 ARG A HD2  1 
ATOM 423  H HD3  . ARG A 1 26 ? 0.463   -5.374  5.421   1.00 0.00 ? 26 ARG A HD3  1 
ATOM 424  H HE   . ARG A 1 26 ? 1.142   -8.210  4.913   1.00 0.00 ? 26 ARG A HE   1 
ATOM 425  H HH11 . ARG A 1 26 ? -0.644  -5.896  6.916   1.00 0.00 ? 26 ARG A HH11 1 
ATOM 426  H HH12 . ARG A 1 26 ? -0.834  -6.997  8.239   1.00 0.00 ? 26 ARG A HH12 1 
ATOM 427  H HH22 . ARG A 1 26 ? 0.077   -9.207  8.066   1.00 0.00 ? 26 ARG A HH22 1 
ATOM 428  N N    . THR A 1 27 ? -4.219  -3.529  4.576   1.00 0.00 ? 27 THR A N    1 
ATOM 429  C CA   . THR A 1 27 ? -5.564  -3.284  5.069   1.00 0.00 ? 27 THR A CA   1 
ATOM 430  C C    . THR A 1 27 ? -6.440  -2.695  3.961   1.00 0.00 ? 27 THR A C    1 
ATOM 431  O O    . THR A 1 27 ? -7.482  -3.254  3.626   1.00 0.00 ? 27 THR A O    1 
ATOM 432  C CB   . THR A 1 27 ? -5.459  -2.384  6.303   1.00 0.00 ? 27 THR A CB   1 
ATOM 433  O OG1  . THR A 1 27 ? -4.659  -3.135  7.212   1.00 0.00 ? 27 THR A OG1  1 
ATOM 434  C CG2  . THR A 1 27 ? -6.798  -2.226  7.027   1.00 0.00 ? 27 THR A CG2  1 
ATOM 435  H H    . THR A 1 27 ? -3.495  -3.041  5.064   1.00 0.00 ? 27 THR A H    1 
ATOM 436  H HA   . THR A 1 27 ? -6.006  -4.239  5.351   1.00 0.00 ? 27 THR A HA   1 
ATOM 437  H HB   . THR A 1 27 ? -5.040  -1.413  6.041   1.00 0.00 ? 27 THR A HB   1 
ATOM 438  H HG1  . THR A 1 27 ? -4.094  -2.519  7.761   1.00 0.00 ? 27 THR A HG1  1 
ATOM 439  H HG21 . THR A 1 27 ? -7.419  -1.511  6.489   1.00 0.00 ? 27 THR A HG21 1 
ATOM 440  H HG22 . THR A 1 27 ? -7.305  -3.191  7.067   1.00 0.00 ? 27 THR A HG22 1 
ATOM 441  H HG23 . THR A 1 27 ? -6.621  -1.866  8.041   1.00 0.00 ? 27 THR A HG23 1 
ATOM 442  N N    . SER A 1 28 ? -5.983  -1.574  3.422   1.00 0.00 ? 28 SER A N    1 
ATOM 443  C CA   . SER A 1 28 ? -6.711  -0.903  2.359   1.00 0.00 ? 28 SER A CA   1 
ATOM 444  C C    . SER A 1 28 ? -7.242  -1.932  1.359   1.00 0.00 ? 28 SER A C    1 
ATOM 445  O O    . SER A 1 28 ? -8.417  -1.902  0.998   1.00 0.00 ? 28 SER A O    1 
ATOM 446  C CB   . SER A 1 28 ? -5.826  0.122   1.647   1.00 0.00 ? 28 SER A CB   1 
ATOM 447  O OG   . SER A 1 28 ? -6.588  1.184   1.081   1.00 0.00 ? 28 SER A OG   1 
ATOM 448  H H    . SER A 1 28 ? -5.133  -1.126  3.701   1.00 0.00 ? 28 SER A H    1 
ATOM 449  H HA   . SER A 1 28 ? -7.535  -0.390  2.853   1.00 0.00 ? 28 SER A HA   1 
ATOM 450  H HB2  . SER A 1 28 ? -5.104  0.531   2.354   1.00 0.00 ? 28 SER A HB2  1 
ATOM 451  H HB3  . SER A 1 28 ? -5.257  -0.375  0.862   1.00 0.00 ? 28 SER A HB3  1 
ATOM 452  H HG   . SER A 1 28 ? -6.211  1.439   0.192   1.00 0.00 ? 28 SER A HG   1 
ATOM 453  N N    . THR A 1 29 ? -6.350  -2.817  0.940   1.00 0.00 ? 29 THR A N    1 
ATOM 454  C CA   . THR A 1 29 ? -6.714  -3.854  -0.012  1.00 0.00 ? 29 THR A CA   1 
ATOM 455  C C    . THR A 1 29 ? -7.786  -4.770  0.582   1.00 0.00 ? 29 THR A C    1 
ATOM 456  O O    . THR A 1 29 ? -8.888  -4.871  0.045   1.00 0.00 ? 29 THR A O    1 
ATOM 457  C CB   . THR A 1 29 ? -5.438  -4.593  -0.416  1.00 0.00 ? 29 THR A CB   1 
ATOM 458  O OG1  . THR A 1 29 ? -4.507  -3.552  -0.698  1.00 0.00 ? 29 THR A OG1  1 
ATOM 459  C CG2  . THR A 1 29 ? -5.586  -5.331  -1.748  1.00 0.00 ? 29 THR A CG2  1 
ATOM 460  H H    . THR A 1 29 ? -5.396  -2.834  1.239   1.00 0.00 ? 29 THR A H    1 
ATOM 461  H HA   . THR A 1 29 ? -7.152  -3.376  -0.888  1.00 0.00 ? 29 THR A HA   1 
ATOM 462  H HB   . THR A 1 29 ? -5.116  -5.274  0.373   1.00 0.00 ? 29 THR A HB   1 
ATOM 463  H HG1  . THR A 1 29 ? -3.718  -3.624  -0.088  1.00 0.00 ? 29 THR A HG1  1 
ATOM 464  H HG21 . THR A 1 29 ? -4.599  -5.551  -2.154  1.00 0.00 ? 29 THR A HG21 1 
ATOM 465  H HG22 . THR A 1 29 ? -6.129  -6.263  -1.589  1.00 0.00 ? 29 THR A HG22 1 
ATOM 466  H HG23 . THR A 1 29 ? -6.136  -4.706  -2.451  1.00 0.00 ? 29 THR A HG23 1 
ATOM 467  N N    . ALA A 1 30 ? -7.425  -5.414  1.682   1.00 0.00 ? 30 ALA A N    1 
ATOM 468  C CA   . ALA A 1 30 ? -8.343  -6.318  2.355   1.00 0.00 ? 30 ALA A CA   1 
ATOM 469  C C    . ALA A 1 30 ? -9.692  -5.622  2.543   1.00 0.00 ? 30 ALA A C    1 
ATOM 470  O O    . ALA A 1 30 ? -10.742 -6.241  2.372   1.00 0.00 ? 30 ALA A O    1 
ATOM 471  C CB   . ALA A 1 30 ? -7.731  -6.772  3.681   1.00 0.00 ? 30 ALA A CB   1 
ATOM 472  H H    . ALA A 1 30 ? -6.527  -5.326  2.113   1.00 0.00 ? 30 ALA A H    1 
ATOM 473  H HA   . ALA A 1 30 ? -8.478  -7.190  1.714   1.00 0.00 ? 30 ALA A HA   1 
ATOM 474  H HB1  . ALA A 1 30 ? -7.635  -5.916  4.349   1.00 0.00 ? 30 ALA A HB1  1 
ATOM 475  H HB2  . ALA A 1 30 ? -8.376  -7.521  4.142   1.00 0.00 ? 30 ALA A HB2  1 
ATOM 476  H HB3  . ALA A 1 30 ? -6.746  -7.203  3.500   1.00 0.00 ? 30 ALA A HB3  1 
ATOM 477  N N    . THR A 1 31 ? -9.621  -4.346  2.891   1.00 0.00 ? 31 THR A N    1 
ATOM 478  C CA   . THR A 1 31 ? -10.824 -3.560  3.104   1.00 0.00 ? 31 THR A CA   1 
ATOM 479  C C    . THR A 1 31 ? -11.730 -3.627  1.873   1.00 0.00 ? 31 THR A C    1 
ATOM 480  O O    . THR A 1 31 ? -12.952 -3.584  1.994   1.00 0.00 ? 31 THR A O    1 
ATOM 481  C CB   . THR A 1 31 ? -10.399 -2.136  3.470   1.00 0.00 ? 31 THR A CB   1 
ATOM 482  O OG1  . THR A 1 31 ? -10.032 -2.226  4.844   1.00 0.00 ? 31 THR A OG1  1 
ATOM 483  C CG2  . THR A 1 31 ? -11.574 -1.155  3.462   1.00 0.00 ? 31 THR A CG2  1 
ATOM 484  H H    . THR A 1 31 ? -8.763  -3.852  3.029   1.00 0.00 ? 31 THR A H    1 
ATOM 485  H HA   . THR A 1 31 ? -11.379 -3.999  3.934   1.00 0.00 ? 31 THR A HA   1 
ATOM 486  H HB   . THR A 1 31 ? -9.598  -1.790  2.819   1.00 0.00 ? 31 THR A HB   1 
ATOM 487  H HG1  . THR A 1 31 ? -9.182  -1.724  5.004   1.00 0.00 ? 31 THR A HG1  1 
ATOM 488  H HG21 . THR A 1 31 ? -11.612 -0.642  2.501   1.00 0.00 ? 31 THR A HG21 1 
ATOM 489  H HG22 . THR A 1 31 ? -12.504 -1.701  3.620   1.00 0.00 ? 31 THR A HG22 1 
ATOM 490  H HG23 . THR A 1 31 ? -11.441 -0.424  4.259   1.00 0.00 ? 31 THR A HG23 1 
ATOM 491  N N    . VAL A 1 32 ? -11.093 -3.731  0.715   1.00 0.00 ? 32 VAL A N    1 
ATOM 492  C CA   . VAL A 1 32 ? -11.825 -3.804  -0.537  1.00 0.00 ? 32 VAL A CA   1 
ATOM 493  C C    . VAL A 1 32 ? -12.706 -5.055  -0.536  1.00 0.00 ? 32 VAL A C    1 
ATOM 494  O O    . VAL A 1 32 ? -13.925 -4.962  -0.676  1.00 0.00 ? 32 VAL A O    1 
ATOM 495  C CB   . VAL A 1 32 ? -10.852 -3.759  -1.717  1.00 0.00 ? 32 VAL A CB   1 
ATOM 496  C CG1  . VAL A 1 32 ? -11.604 -3.755  -3.049  1.00 0.00 ? 32 VAL A CG1  1 
ATOM 497  C CG2  . VAL A 1 32 ? -9.918  -2.551  -1.610  1.00 0.00 ? 32 VAL A CG2  1 
ATOM 498  H H    . VAL A 1 32 ? -10.098 -3.765  0.625   1.00 0.00 ? 32 VAL A H    1 
ATOM 499  H HA   . VAL A 1 32 ? -12.466 -2.924  -0.595  1.00 0.00 ? 32 VAL A HA   1 
ATOM 500  H HB   . VAL A 1 32 ? -10.239 -4.660  -1.680  1.00 0.00 ? 32 VAL A HB   1 
ATOM 501  H HG11 . VAL A 1 32 ? -11.150 -3.026  -3.720  1.00 0.00 ? 32 VAL A HG11 1 
ATOM 502  H HG12 . VAL A 1 32 ? -11.550 -4.746  -3.499  1.00 0.00 ? 32 VAL A HG12 1 
ATOM 503  H HG13 . VAL A 1 32 ? -12.648 -3.490  -2.876  1.00 0.00 ? 32 VAL A HG13 1 
ATOM 504  H HG21 . VAL A 1 32 ? -9.461  -2.359  -2.582  1.00 0.00 ? 32 VAL A HG21 1 
ATOM 505  H HG22 . VAL A 1 32 ? -10.489 -1.678  -1.298  1.00 0.00 ? 32 VAL A HG22 1 
ATOM 506  H HG23 . VAL A 1 32 ? -9.139  -2.758  -0.877  1.00 0.00 ? 32 VAL A HG23 1 
ATOM 507  N N    . LEU A 1 33 ? -12.054 -6.198  -0.377  1.00 0.00 ? 33 LEU A N    1 
ATOM 508  C CA   . LEU A 1 33 ? -12.762 -7.466  -0.356  1.00 0.00 ? 33 LEU A CA   1 
ATOM 509  C C    . LEU A 1 33 ? -14.007 -7.337  0.524   1.00 0.00 ? 33 LEU A C    1 
ATOM 510  O O    . LEU A 1 33 ? -15.062 -7.876  0.197   1.00 0.00 ? 33 LEU A O    1 
ATOM 511  C CB   . LEU A 1 33 ? -11.824 -8.597  0.070   1.00 0.00 ? 33 LEU A CB   1 
ATOM 512  C CG   . LEU A 1 33 ? -11.081 -9.313  -1.061  1.00 0.00 ? 33 LEU A CG   1 
ATOM 513  C CD1  . LEU A 1 33 ? -12.062 -10.001 -2.012  1.00 0.00 ? 33 LEU A CD1  1 
ATOM 514  C CD2  . LEU A 1 33 ? -10.146 -8.353  -1.798  1.00 0.00 ? 33 LEU A CD2  1 
ATOM 515  H H    . LEU A 1 33 ? -11.063 -6.265  -0.265  1.00 0.00 ? 33 LEU A H    1 
ATOM 516  H HA   . LEU A 1 33 ? -13.082 -7.680  -1.376  1.00 0.00 ? 33 LEU A HA   1 
ATOM 517  H HB2  . LEU A 1 33 ? -11.085 -8.190  0.761   1.00 0.00 ? 33 LEU A HB2  1 
ATOM 518  H HB3  . LEU A 1 33 ? -12.403 -9.336  0.622   1.00 0.00 ? 33 LEU A HB3  1 
ATOM 519  H HG   . LEU A 1 33 ? -10.459 -10.094 -0.621  1.00 0.00 ? 33 LEU A HG   1 
ATOM 520  H HD11 . LEU A 1 33 ? -13.069 -9.623  -1.830  1.00 0.00 ? 33 LEU A HD11 1 
ATOM 521  H HD12 . LEU A 1 33 ? -11.776 -9.791  -3.044  1.00 0.00 ? 33 LEU A HD12 1 
ATOM 522  H HD13 . LEU A 1 33 ? -12.042 -11.077 -1.841  1.00 0.00 ? 33 LEU A HD13 1 
ATOM 523  H HD21 . LEU A 1 33 ? -9.425  -8.925  -2.382  1.00 0.00 ? 33 LEU A HD21 1 
ATOM 524  H HD22 . LEU A 1 33 ? -10.729 -7.716  -2.462  1.00 0.00 ? 33 LEU A HD22 1 
ATOM 525  H HD23 . LEU A 1 33 ? -9.617  -7.734  -1.074  1.00 0.00 ? 33 LEU A HD23 1 
ATOM 526  N N    . GLY A 1 34 ? -13.841 -6.618  1.625   1.00 0.00 ? 34 GLY A N    1 
ATOM 527  C CA   . GLY A 1 34 ? -14.937 -6.411  2.555   1.00 0.00 ? 34 GLY A CA   1 
ATOM 528  C C    . GLY A 1 34 ? -14.625 -7.029  3.919   1.00 0.00 ? 34 GLY A C    1 
ATOM 529  O O    . GLY A 1 34 ? -15.441 -7.764  4.473   1.00 0.00 ? 34 GLY A O    1 
ATOM 530  H H    . GLY A 1 34 ? -12.979 -6.183  1.885   1.00 0.00 ? 34 GLY A H    1 
ATOM 531  H HA2  . GLY A 1 34 ? -15.124 -5.342  2.671   1.00 0.00 ? 34 GLY A HA2  1 
ATOM 532  H HA3  . GLY A 1 34 ? -15.849 -6.851  2.153   1.00 0.00 ? 34 GLY A HA3  1 
ATOM 533  N N    . HIS A 1 35 ? -13.442 -6.709  4.421   1.00 0.00 ? 35 HIS A N    1 
ATOM 534  C CA   . HIS A 1 35 ? -13.010 -7.224  5.710   1.00 0.00 ? 35 HIS A CA   1 
ATOM 535  C C    . HIS A 1 35 ? -11.861 -6.369  6.246   1.00 0.00 ? 35 HIS A C    1 
ATOM 536  O O    . HIS A 1 35 ? -11.060 -5.844  5.475   1.00 0.00 ? 35 HIS A O    1 
ATOM 537  C CB   . HIS A 1 35 ? -12.648 -8.708  5.608   1.00 0.00 ? 35 HIS A CB   1 
ATOM 538  C CG   . HIS A 1 35 ? -13.779 -9.642  5.963   1.00 0.00 ? 35 HIS A CG   1 
ATOM 539  N ND1  . HIS A 1 35 ? -13.756 -10.994 5.667   1.00 0.00 ? 35 HIS A ND1  1 
ATOM 540  C CD2  . HIS A 1 35 ? -14.966 -9.406  6.593   1.00 0.00 ? 35 HIS A CD2  1 
ATOM 541  C CE1  . HIS A 1 35 ? -14.883 -11.537 6.103   1.00 0.00 ? 35 HIS A CE1  1 
ATOM 542  N NE2  . HIS A 1 35 ? -15.632 -10.551 6.676   1.00 0.00 ? 35 HIS A NE2  1 
ATOM 543  H H    . HIS A 1 35 ? -12.783 -6.111  3.964   1.00 0.00 ? 35 HIS A H    1 
ATOM 544  H HA   . HIS A 1 35 ? -13.863 -7.136  6.383   1.00 0.00 ? 35 HIS A HA   1 
ATOM 545  H HB2  . HIS A 1 35 ? -12.319 -8.922  4.591   1.00 0.00 ? 35 HIS A HB2  1 
ATOM 546  H HB3  . HIS A 1 35 ? -11.803 -8.910  6.266   1.00 0.00 ? 35 HIS A HB3  1 
ATOM 547  H HD1  . HIS A 1 35 ? -13.014 -11.478 5.203   1.00 0.00 ? 35 HIS A HD1  1 
ATOM 548  H HD2  . HIS A 1 35 ? -15.309 -8.441  6.965   1.00 0.00 ? 35 HIS A HD2  1 
ATOM 549  H HE1  . HIS A 1 35 ? -15.163 -12.586 6.019   1.00 0.00 ? 35 HIS A HE1  1 
ATOM 550  N N    . ASP A 1 36 ? -11.818 -6.255  7.566   1.00 0.00 ? 36 ASP A N    1 
ATOM 551  C CA   . ASP A 1 36 ? -10.780 -5.471  8.215   1.00 0.00 ? 36 ASP A CA   1 
ATOM 552  C C    . ASP A 1 36 ? -9.895  -6.398  9.052   1.00 0.00 ? 36 ASP A C    1 
ATOM 553  O O    . ASP A 1 36 ? -9.718  -6.180  10.249  1.00 0.00 ? 36 ASP A O    1 
ATOM 554  C CB   . ASP A 1 36 ? -11.385 -4.423  9.152   1.00 0.00 ? 36 ASP A CB   1 
ATOM 555  C CG   . ASP A 1 36 ? -12.208 -3.336  8.460   1.00 0.00 ? 36 ASP A CG   1 
ATOM 556  O OD1  . ASP A 1 36 ? -11.974 -3.006  7.287   1.00 0.00 ? 36 ASP A OD1  1 
ATOM 557  O OD2  . ASP A 1 36 ? -13.136 -2.809  9.185   1.00 0.00 ? 36 ASP A OD2  1 
ATOM 558  H H    . ASP A 1 36 ? -12.473 -6.684  8.187   1.00 0.00 ? 36 ASP A H    1 
ATOM 559  H HA   . ASP A 1 36 ? -10.232 -4.992  7.403   1.00 0.00 ? 36 ASP A HA   1 
ATOM 560  H HB2  . ASP A 1 36 ? -12.020 -4.932  9.879   1.00 0.00 ? 36 ASP A HB2  1 
ATOM 561  H HB3  . ASP A 1 36 ? -10.579 -3.949  9.711   1.00 0.00 ? 36 ASP A HB3  1 
ATOM 562  H HD2  . ASP A 1 36 ? -13.094 -1.812  9.124   1.00 0.00 ? 36 ASP A HD2  1 
ATOM 563  N N    . ASP A 1 37 ? -9.363  -7.413  8.387   1.00 0.00 ? 37 ASP A N    1 
ATOM 564  C CA   . ASP A 1 37 ? -8.500  -8.374  9.053   1.00 0.00 ? 37 ASP A CA   1 
ATOM 565  C C    . ASP A 1 37 ? -7.241  -8.591  8.213   1.00 0.00 ? 37 ASP A C    1 
ATOM 566  O O    . ASP A 1 37 ? -7.241  -9.396  7.283   1.00 0.00 ? 37 ASP A O    1 
ATOM 567  C CB   . ASP A 1 37 ? -9.202  -9.724  9.213   1.00 0.00 ? 37 ASP A CB   1 
ATOM 568  C CG   . ASP A 1 37 ? -10.705 -9.645  9.487   1.00 0.00 ? 37 ASP A CG   1 
ATOM 569  O OD1  . ASP A 1 37 ? -11.197 -8.662  10.062  1.00 0.00 ? 37 ASP A OD1  1 
ATOM 570  O OD2  . ASP A 1 37 ? -11.388 -10.660 9.079   1.00 0.00 ? 37 ASP A OD2  1 
ATOM 571  H H    . ASP A 1 37 ? -9.512  -7.583  7.412   1.00 0.00 ? 37 ASP A H    1 
ATOM 572  H HA   . ASP A 1 37 ? -8.281  -7.935  10.027  1.00 0.00 ? 37 ASP A HA   1 
ATOM 573  H HB2  . ASP A 1 37 ? -9.043  -10.308 8.306   1.00 0.00 ? 37 ASP A HB2  1 
ATOM 574  H HB3  . ASP A 1 37 ? -8.726  -10.269 10.029  1.00 0.00 ? 37 ASP A HB3  1 
ATOM 575  H HD2  . ASP A 1 37 ? -11.683 -11.210 9.861   1.00 0.00 ? 37 ASP A HD2  1 
ATOM 576  N N    . PRO A 1 38 ? -6.168  -7.839  8.579   1.00 0.00 ? 38 PRO A N    1 
ATOM 577  C CA   . PRO A 1 38 ? -4.905  -7.943  7.869   1.00 0.00 ? 38 PRO A CA   1 
ATOM 578  C C    . PRO A 1 38 ? -4.170  -9.232  8.240   1.00 0.00 ? 38 PRO A C    1 
ATOM 579  O O    . PRO A 1 38 ? -3.401  -9.765  7.442   1.00 0.00 ? 38 PRO A O    1 
ATOM 580  C CB   . PRO A 1 38 ? -4.134  -6.690  8.253   1.00 0.00 ? 38 PRO A CB   1 
ATOM 581  C CG   . PRO A 1 38 ? -4.796  -6.165  9.519   1.00 0.00 ? 38 PRO A CG   1 
ATOM 582  C CD   . PRO A 1 38 ? -6.130  -6.876  9.675   1.00 0.00 ? 38 PRO A CD   1 
ATOM 583  H HA   . PRO A 1 38 ? -5.063  -7.992  6.883   1.00 0.00 ? 38 PRO A HA   1 
ATOM 584  H HB2  . PRO A 1 38 ? -3.082  -6.916  8.428   1.00 0.00 ? 38 PRO A HB2  1 
ATOM 585  H HB3  . PRO A 1 38 ? -4.173  -5.948  7.456   1.00 0.00 ? 38 PRO A HB3  1 
ATOM 586  H HG2  . PRO A 1 38 ? -4.161  -6.348  10.385  1.00 0.00 ? 38 PRO A HG2  1 
ATOM 587  H HG3  . PRO A 1 38 ? -4.943  -5.088  9.453   1.00 0.00 ? 38 PRO A HG3  1 
ATOM 588  H HD2  . PRO A 1 38 ? -6.204  -7.373  10.643  1.00 0.00 ? 38 PRO A HD2  1 
ATOM 589  H HD3  . PRO A 1 38 ? -6.962  -6.173  9.614   1.00 0.00 ? 38 PRO A HD3  1 
ATOM 590  N N    . LYS A 1 39 ? -4.435  -9.698  9.452   1.00 0.00 ? 39 LYS A N    1 
ATOM 591  C CA   . LYS A 1 39 ? -3.809  -10.916 9.939   1.00 0.00 ? 39 LYS A CA   1 
ATOM 592  C C    . LYS A 1 39 ? -3.870  -11.987 8.847   1.00 0.00 ? 39 LYS A C    1 
ATOM 593  O O    . LYS A 1 39 ? -2.914  -12.737 8.654   1.00 0.00 ? 39 LYS A O    1 
ATOM 594  C CB   . LYS A 1 39 ? -4.440  -11.351 11.262  1.00 0.00 ? 39 LYS A CB   1 
ATOM 595  C CG   . LYS A 1 39 ? -3.478  -11.124 12.430  1.00 0.00 ? 39 LYS A CG   1 
ATOM 596  C CD   . LYS A 1 39 ? -4.169  -11.384 13.769  1.00 0.00 ? 39 LYS A CD   1 
ATOM 597  C CE   . LYS A 1 39 ? -3.145  -11.519 14.898  1.00 0.00 ? 39 LYS A CE   1 
ATOM 598  N NZ   . LYS A 1 39 ? -3.732  -12.241 16.049  1.00 0.00 ? 39 LYS A NZ   1 
ATOM 599  H H    . LYS A 1 39 ? -5.062  -9.260  10.095  1.00 0.00 ? 39 LYS A H    1 
ATOM 600  H HA   . LYS A 1 39 ? -2.763  -10.688 10.140  1.00 0.00 ? 39 LYS A HA   1 
ATOM 601  H HB2  . LYS A 1 39 ? -5.361  -10.793 11.432  1.00 0.00 ? 39 LYS A HB2  1 
ATOM 602  H HB3  . LYS A 1 39 ? -4.713  -12.405 11.211  1.00 0.00 ? 39 LYS A HB3  1 
ATOM 603  H HG2  . LYS A 1 39 ? -2.615  -11.782 12.327  1.00 0.00 ? 39 LYS A HG2  1 
ATOM 604  H HG3  . LYS A 1 39 ? -3.103  -10.100 12.403  1.00 0.00 ? 39 LYS A HG3  1 
ATOM 605  H HD2  . LYS A 1 39 ? -4.857  -10.570 13.993  1.00 0.00 ? 39 LYS A HD2  1 
ATOM 606  H HD3  . LYS A 1 39 ? -4.765  -12.295 13.705  1.00 0.00 ? 39 LYS A HD3  1 
ATOM 607  H HE2  . LYS A 1 39 ? -2.265  -12.051 14.537  1.00 0.00 ? 39 LYS A HE2  1 
ATOM 608  H HE3  . LYS A 1 39 ? -2.811  -10.529 15.214  1.00 0.00 ? 39 LYS A HE3  1 
ATOM 609  H HZ1  . LYS A 1 39 ? -3.857  -11.638 16.853  1.00 0.00 ? 39 LYS A HZ1  1 
ATOM 610  H HZ3  . LYS A 1 39 ? -3.149  -13.014 16.349  1.00 0.00 ? 39 LYS A HZ3  1 
ATOM 611  N N    . ALA A 1 40 ? -5.004  -12.024 8.161   1.00 0.00 ? 40 ALA A N    1 
ATOM 612  C CA   . ALA A 1 40 ? -5.202  -12.990 7.095   1.00 0.00 ? 40 ALA A CA   1 
ATOM 613  C C    . ALA A 1 40 ? -4.800  -12.360 5.760   1.00 0.00 ? 40 ALA A C    1 
ATOM 614  O O    . ALA A 1 40 ? -5.477  -12.549 4.751   1.00 0.00 ? 40 ALA A O    1 
ATOM 615  C CB   . ALA A 1 40 ? -6.656  -13.465 7.100   1.00 0.00 ? 40 ALA A CB   1 
ATOM 616  H H    . ALA A 1 40 ? -5.776  -11.409 8.325   1.00 0.00 ? 40 ALA A H    1 
ATOM 617  H HA   . ALA A 1 40 ? -4.553  -13.843 7.295   1.00 0.00 ? 40 ALA A HA   1 
ATOM 618  H HB1  . ALA A 1 40 ? -6.866  -14.004 6.176   1.00 0.00 ? 40 ALA A HB1  1 
ATOM 619  H HB2  . ALA A 1 40 ? -6.819  -14.126 7.952   1.00 0.00 ? 40 ALA A HB2  1 
ATOM 620  H HB3  . ALA A 1 40 ? -7.319  -12.604 7.177   1.00 0.00 ? 40 ALA A HB3  1 
ATOM 621  N N    . VAL A 1 41 ? -3.699  -11.623 5.798   1.00 0.00 ? 41 VAL A N    1 
ATOM 622  C CA   . VAL A 1 41 ? -3.198  -10.964 4.604   1.00 0.00 ? 41 VAL A CA   1 
ATOM 623  C C    . VAL A 1 41 ? -1.689  -10.750 4.740   1.00 0.00 ? 41 VAL A C    1 
ATOM 624  O O    . VAL A 1 41 ? -1.201  -10.416 5.818   1.00 0.00 ? 41 VAL A O    1 
ATOM 625  C CB   . VAL A 1 41 ? -3.967  -9.664  4.363   1.00 0.00 ? 41 VAL A CB   1 
ATOM 626  C CG1  . VAL A 1 41 ? -3.316  -8.839  3.251   1.00 0.00 ? 41 VAL A CG1  1 
ATOM 627  C CG2  . VAL A 1 41 ? -5.437  -9.946  4.047   1.00 0.00 ? 41 VAL A CG2  1 
ATOM 628  H H    . VAL A 1 41 ? -3.153  -11.475 6.623   1.00 0.00 ? 41 VAL A H    1 
ATOM 629  H HA   . VAL A 1 41 ? -3.383  -11.627 3.759   1.00 0.00 ? 41 VAL A HA   1 
ATOM 630  H HB   . VAL A 1 41 ? -3.929  -9.076  5.281   1.00 0.00 ? 41 VAL A HB   1 
ATOM 631  H HG11 . VAL A 1 41 ? -3.541  -9.291  2.285   1.00 0.00 ? 41 VAL A HG11 1 
ATOM 632  H HG12 . VAL A 1 41 ? -3.705  -7.822  3.277   1.00 0.00 ? 41 VAL A HG12 1 
ATOM 633  H HG13 . VAL A 1 41 ? -2.236  -8.819  3.399   1.00 0.00 ? 41 VAL A HG13 1 
ATOM 634  H HG21 . VAL A 1 41 ? -5.501  -10.630 3.200   1.00 0.00 ? 41 VAL A HG21 1 
ATOM 635  H HG22 . VAL A 1 41 ? -5.915  -10.398 4.916   1.00 0.00 ? 41 VAL A HG22 1 
ATOM 636  H HG23 . VAL A 1 41 ? -5.942  -9.013  3.800   1.00 0.00 ? 41 VAL A HG23 1 
ATOM 637  N N    . ARG A 1 42 ? -0.993  -10.950 3.631   1.00 0.00 ? 42 ARG A N    1 
ATOM 638  C CA   . ARG A 1 42 ? 0.450   -10.783 3.612   1.00 0.00 ? 42 ARG A CA   1 
ATOM 639  C C    . ARG A 1 42 ? 0.839   -9.631  2.684   1.00 0.00 ? 42 ARG A C    1 
ATOM 640  O O    . ARG A 1 42 ? -0.014  -9.057  2.010   1.00 0.00 ? 42 ARG A O    1 
ATOM 641  C CB   . ARG A 1 42 ? 1.147   -12.063 3.145   1.00 0.00 ? 42 ARG A CB   1 
ATOM 642  C CG   . ARG A 1 42 ? 1.690   -12.858 4.334   1.00 0.00 ? 42 ARG A CG   1 
ATOM 643  C CD   . ARG A 1 42 ? 2.174   -14.240 3.894   1.00 0.00 ? 42 ARG A CD   1 
ATOM 644  N NE   . ARG A 1 42 ? 1.591   -15.283 4.767   1.00 0.00 ? 42 ARG A NE   1 
ATOM 645  C CZ   . ARG A 1 42 ? 2.316   -16.093 5.568   1.00 0.00 ? 42 ARG A CZ   1 
ATOM 646  N NH1  . ARG A 1 42 ? 3.661   -15.987 5.611   1.00 0.00 ? 42 ARG A NH1  1 
ATOM 647  N NH2  . ARG A 1 42 ? 1.690   -16.990 6.307   1.00 0.00 ? 42 ARG A NH2  1 
ATOM 648  H H    . ARG A 1 42 ? -1.398  -11.222 2.758   1.00 0.00 ? 42 ARG A H    1 
ATOM 649  H HA   . ARG A 1 42 ? 0.719   -10.563 4.646   1.00 0.00 ? 42 ARG A HA   1 
ATOM 650  H HB2  . ARG A 1 42 ? 0.446   -12.678 2.582   1.00 0.00 ? 42 ARG A HB2  1 
ATOM 651  H HB3  . ARG A 1 42 ? 1.963   -11.811 2.468   1.00 0.00 ? 42 ARG A HB3  1 
ATOM 652  H HG2  . ARG A 1 42 ? 2.511   -12.310 4.797   1.00 0.00 ? 42 ARG A HG2  1 
ATOM 653  H HG3  . ARG A 1 42 ? 0.913   -12.964 5.090   1.00 0.00 ? 42 ARG A HG3  1 
ATOM 654  H HD2  . ARG A 1 42 ? 1.890   -14.422 2.857   1.00 0.00 ? 42 ARG A HD2  1 
ATOM 655  H HD3  . ARG A 1 42 ? 3.263   -14.285 3.938   1.00 0.00 ? 42 ARG A HD3  1 
ATOM 656  H HE   . ARG A 1 42 ? 0.597   -15.394 4.765   1.00 0.00 ? 42 ARG A HE   1 
ATOM 657  H HH11 . ARG A 1 42 ? 4.128   -15.305 5.048   1.00 0.00 ? 42 ARG A HH11 1 
ATOM 658  H HH12 . ARG A 1 42 ? 4.191   -16.592 6.207   1.00 0.00 ? 42 ARG A HH12 1 
ATOM 659  H HH22 . ARG A 1 42 ? 2.152   -17.627 6.924   1.00 0.00 ? 42 ARG A HH22 1 
ATOM 660  N N    . ALA A 1 43 ? 2.129   -9.326  2.681   1.00 0.00 ? 43 ALA A N    1 
ATOM 661  C CA   . ALA A 1 43 ? 2.641   -8.252  1.847   1.00 0.00 ? 43 ALA A CA   1 
ATOM 662  C C    . ALA A 1 43 ? 2.967   -8.803  0.457   1.00 0.00 ? 43 ALA A C    1 
ATOM 663  O O    . ALA A 1 43 ? 2.955   -8.063  -0.526  1.00 0.00 ? 43 ALA A O    1 
ATOM 664  C CB   . ALA A 1 43 ? 3.859   -7.617  2.523   1.00 0.00 ? 43 ALA A CB   1 
ATOM 665  H H    . ALA A 1 43 ? 2.817   -9.798  3.232   1.00 0.00 ? 43 ALA A H    1 
ATOM 666  H HA   . ALA A 1 43 ? 1.858   -7.500  1.755   1.00 0.00 ? 43 ALA A HA   1 
ATOM 667  H HB1  . ALA A 1 43 ? 4.186   -6.753  1.944   1.00 0.00 ? 43 ALA A HB1  1 
ATOM 668  H HB2  . ALA A 1 43 ? 3.590   -7.300  3.530   1.00 0.00 ? 43 ALA A HB2  1 
ATOM 669  H HB3  . ALA A 1 43 ? 4.666   -8.347  2.575   1.00 0.00 ? 43 ALA A HB3  1 
ATOM 670  N N    . THR A 1 44 ? 3.251   -10.096 0.419   1.00 0.00 ? 44 THR A N    1 
ATOM 671  C CA   . THR A 1 44 ? 3.580   -10.755 -0.834  1.00 0.00 ? 44 THR A CA   1 
ATOM 672  C C    . THR A 1 44 ? 2.372   -11.531 -1.362  1.00 0.00 ? 44 THR A C    1 
ATOM 673  O O    . THR A 1 44 ? 2.526   -12.590 -1.968  1.00 0.00 ? 44 THR A O    1 
ATOM 674  C CB   . THR A 1 44 ? 4.811   -11.633 -0.598  1.00 0.00 ? 44 THR A CB   1 
ATOM 675  O OG1  . THR A 1 44 ? 4.561   -12.249 0.662   1.00 0.00 ? 44 THR A OG1  1 
ATOM 676  C CG2  . THR A 1 44 ? 6.080   -10.811 -0.366  1.00 0.00 ? 44 THR A CG2  1 
ATOM 677  H H    . THR A 1 44 ? 3.259   -10.691 1.224   1.00 0.00 ? 44 THR A H    1 
ATOM 678  H HA   . THR A 1 44 ? 3.816   -9.989  -1.572  1.00 0.00 ? 44 THR A HA   1 
ATOM 679  H HB   . THR A 1 44 ? 4.947   -12.339 -1.417  1.00 0.00 ? 44 THR A HB   1 
ATOM 680  H HG1  . THR A 1 44 ? 4.768   -13.226 0.613   1.00 0.00 ? 44 THR A HG1  1 
ATOM 681  H HG21 . THR A 1 44 ? 5.859   -9.982  0.305   1.00 0.00 ? 44 THR A HG21 1 
ATOM 682  H HG22 . THR A 1 44 ? 6.847   -11.446 0.080   1.00 0.00 ? 44 THR A HG22 1 
ATOM 683  H HG23 . THR A 1 44 ? 6.440   -10.422 -1.318  1.00 0.00 ? 44 THR A HG23 1 
ATOM 684  N N    . THR A 1 45 ? 1.196   -10.974 -1.112  1.00 0.00 ? 45 THR A N    1 
ATOM 685  C CA   . THR A 1 45 ? -0.038  -11.600 -1.555  1.00 0.00 ? 45 THR A CA   1 
ATOM 686  C C    . THR A 1 45 ? -0.504  -10.985 -2.876  1.00 0.00 ? 45 THR A C    1 
ATOM 687  O O    . THR A 1 45 ? -0.560  -9.764  -3.011  1.00 0.00 ? 45 THR A O    1 
ATOM 688  C CB   . THR A 1 45 ? -1.065  -11.469 -0.429  1.00 0.00 ? 45 THR A CB   1 
ATOM 689  O OG1  . THR A 1 45 ? -0.882  -12.650 0.347   1.00 0.00 ? 45 THR A OG1  1 
ATOM 690  C CG2  . THR A 1 45 ? -2.505  -11.575 -0.933  1.00 0.00 ? 45 THR A CG2  1 
ATOM 691  H H    . THR A 1 45 ? 1.079   -10.112 -0.618  1.00 0.00 ? 45 THR A H    1 
ATOM 692  H HA   . THR A 1 45 ? 0.161   -12.655 -1.745  1.00 0.00 ? 45 THR A HA   1 
ATOM 693  H HB   . THR A 1 45 ? -0.915  -10.545 0.129   1.00 0.00 ? 45 THR A HB   1 
ATOM 694  H HG1  . THR A 1 45 ? -1.071  -12.460 1.311   1.00 0.00 ? 45 THR A HG1  1 
ATOM 695  H HG21 . THR A 1 45 ? -2.963  -12.482 -0.539  1.00 0.00 ? 45 THR A HG21 1 
ATOM 696  H HG22 . THR A 1 45 ? -3.073  -10.706 -0.600  1.00 0.00 ? 45 THR A HG22 1 
ATOM 697  H HG23 . THR A 1 45 ? -2.506  -11.613 -2.023  1.00 0.00 ? 45 THR A HG23 1 
ATOM 698  N N    . PRO A 1 46 ? -0.835  -11.884 -3.843  1.00 0.00 ? 46 PRO A N    1 
ATOM 699  C CA   . PRO A 1 46 ? -1.294  -11.442 -5.149  1.00 0.00 ? 46 PRO A CA   1 
ATOM 700  C C    . PRO A 1 46 ? -2.735  -10.933 -5.080  1.00 0.00 ? 46 PRO A C    1 
ATOM 701  O O    . PRO A 1 46 ? -3.632  -11.653 -4.645  1.00 0.00 ? 46 PRO A O    1 
ATOM 702  C CB   . PRO A 1 46 ? -1.135  -12.654 -6.051  1.00 0.00 ? 46 PRO A CB   1 
ATOM 703  C CG   . PRO A 1 46 ? -1.035  -13.855 -5.124  1.00 0.00 ? 46 PRO A CG   1 
ATOM 704  C CD   . PRO A 1 46 ? -0.781  -13.337 -3.718  1.00 0.00 ? 46 PRO A CD   1 
ATOM 705  H HA   . PRO A 1 46 ? -0.746  -10.668 -5.466  1.00 0.00 ? 46 PRO A HA   1 
ATOM 706  H HB2  . PRO A 1 46 ? -1.986  -12.753 -6.727  1.00 0.00 ? 46 PRO A HB2  1 
ATOM 707  H HB3  . PRO A 1 46 ? -0.244  -12.564 -6.672  1.00 0.00 ? 46 PRO A HB3  1 
ATOM 708  H HG2  . PRO A 1 46 ? -1.953  -14.440 -5.156  1.00 0.00 ? 46 PRO A HG2  1 
ATOM 709  H HG3  . PRO A 1 46 ? -0.226  -14.514 -5.439  1.00 0.00 ? 46 PRO A HG3  1 
ATOM 710  H HD2  . PRO A 1 46 ? -1.534  -13.703 -3.019  1.00 0.00 ? 46 PRO A HD2  1 
ATOM 711  H HD3  . PRO A 1 46 ? 0.188   -13.666 -3.343  1.00 0.00 ? 46 PRO A HD3  1 
ATOM 712  N N    . PHE A 1 47 ? -2.913  -9.694  -5.515  1.00 0.00 ? 47 PHE A N    1 
ATOM 713  C CA   . PHE A 1 47 ? -4.230  -9.080  -5.508  1.00 0.00 ? 47 PHE A CA   1 
ATOM 714  C C    . PHE A 1 47 ? -5.265  -9.996  -6.163  1.00 0.00 ? 47 PHE A C    1 
ATOM 715  O O    . PHE A 1 47 ? -6.344  -10.211 -5.614  1.00 0.00 ? 47 PHE A O    1 
ATOM 716  C CB   . PHE A 1 47 ? -4.124  -7.786  -6.319  1.00 0.00 ? 47 PHE A CB   1 
ATOM 717  C CG   . PHE A 1 47 ? -3.684  -7.996  -7.770  1.00 0.00 ? 47 PHE A CG   1 
ATOM 718  C CD1  . PHE A 1 47 ? -2.361  -8.036  -8.080  1.00 0.00 ? 47 PHE A CD1  1 
ATOM 719  C CD2  . PHE A 1 47 ? -4.617  -8.143  -8.749  1.00 0.00 ? 47 PHE A CD2  1 
ATOM 720  C CE1  . PHE A 1 47 ? -1.953  -8.230  -9.426  1.00 0.00 ? 47 PHE A CE1  1 
ATOM 721  C CE2  . PHE A 1 47 ? -4.209  -8.338  -10.094 1.00 0.00 ? 47 PHE A CE2  1 
ATOM 722  C CZ   . PHE A 1 47 ? -2.885  -8.378  -10.406 1.00 0.00 ? 47 PHE A CZ   1 
ATOM 723  H H    . PHE A 1 47 ? -2.178  -9.114  -5.866  1.00 0.00 ? 47 PHE A H    1 
ATOM 724  H HA   . PHE A 1 47 ? -4.503  -8.911  -4.466  1.00 0.00 ? 47 PHE A HA   1 
ATOM 725  H HB2  . PHE A 1 47 ? -5.092  -7.286  -6.313  1.00 0.00 ? 47 PHE A HB2  1 
ATOM 726  H HB3  . PHE A 1 47 ? -3.416  -7.119  -5.829  1.00 0.00 ? 47 PHE A HB3  1 
ATOM 727  H HD1  . PHE A 1 47 ? -1.613  -7.918  -7.295  1.00 0.00 ? 47 PHE A HD1  1 
ATOM 728  H HD2  . PHE A 1 47 ? -5.678  -8.112  -8.500  1.00 0.00 ? 47 PHE A HD2  1 
ATOM 729  H HE1  . PHE A 1 47 ? -0.892  -8.262  -9.675  1.00 0.00 ? 47 PHE A HE1  1 
ATOM 730  H HE2  . PHE A 1 47 ? -4.956  -8.456  -10.879 1.00 0.00 ? 47 PHE A HE2  1 
ATOM 731  H HZ   . PHE A 1 47 ? -2.572  -8.527  -11.438 1.00 0.00 ? 47 PHE A HZ   1 
ATOM 732  N N    . LYS A 1 48 ? -4.900  -10.510 -7.329  1.00 0.00 ? 48 LYS A N    1 
ATOM 733  C CA   . LYS A 1 48 ? -5.784  -11.398 -8.064  1.00 0.00 ? 48 LYS A CA   1 
ATOM 734  C C    . LYS A 1 48 ? -6.479  -12.347 -7.084  1.00 0.00 ? 48 LYS A C    1 
ATOM 735  O O    . LYS A 1 48 ? -7.706  -12.407 -7.039  1.00 0.00 ? 48 LYS A O    1 
ATOM 736  C CB   . LYS A 1 48 ? -5.018  -12.116 -9.176  1.00 0.00 ? 48 LYS A CB   1 
ATOM 737  C CG   . LYS A 1 48 ? -5.877  -12.254 -10.435 1.00 0.00 ? 48 LYS A CG   1 
ATOM 738  C CD   . LYS A 1 48 ? -5.361  -13.381 -11.331 1.00 0.00 ? 48 LYS A CD   1 
ATOM 739  C CE   . LYS A 1 48 ? -6.348  -13.677 -12.462 1.00 0.00 ? 48 LYS A CE   1 
ATOM 740  N NZ   . LYS A 1 48 ? -5.876  -14.820 -13.277 1.00 0.00 ? 48 LYS A NZ   1 
ATOM 741  H H    . LYS A 1 48 ? -4.021  -10.329 -7.769  1.00 0.00 ? 48 LYS A H    1 
ATOM 742  H HA   . LYS A 1 48 ? -6.543  -10.780 -8.543  1.00 0.00 ? 48 LYS A HA   1 
ATOM 743  H HB2  . LYS A 1 48 ? -4.108  -11.565 -9.412  1.00 0.00 ? 48 LYS A HB2  1 
ATOM 744  H HB3  . LYS A 1 48 ? -4.710  -13.104 -8.832  1.00 0.00 ? 48 LYS A HB3  1 
ATOM 745  H HG2  . LYS A 1 48 ? -6.911  -12.452 -10.154 1.00 0.00 ? 48 LYS A HG2  1 
ATOM 746  H HG3  . LYS A 1 48 ? -5.871  -11.313 -10.987 1.00 0.00 ? 48 LYS A HG3  1 
ATOM 747  H HD2  . LYS A 1 48 ? -4.394  -13.103 -11.751 1.00 0.00 ? 48 LYS A HD2  1 
ATOM 748  H HD3  . LYS A 1 48 ? -5.204  -14.281 -10.736 1.00 0.00 ? 48 LYS A HD3  1 
ATOM 749  H HE2  . LYS A 1 48 ? -7.331  -13.902 -12.045 1.00 0.00 ? 48 LYS A HE2  1 
ATOM 750  H HE3  . LYS A 1 48 ? -6.464  -12.796 -13.093 1.00 0.00 ? 48 LYS A HE3  1 
ATOM 751  H HZ1  . LYS A 1 48 ? -4.920  -15.075 -13.054 1.00 0.00 ? 48 LYS A HZ1  1 
ATOM 752  H HZ3  . LYS A 1 48 ? -5.901  -14.614 -14.269 1.00 0.00 ? 48 LYS A HZ3  1 
ATOM 753  N N    . GLU A 1 49 ? -5.663  -13.062 -6.324  1.00 0.00 ? 49 GLU A N    1 
ATOM 754  C CA   . GLU A 1 49 ? -6.184  -14.004 -5.348  1.00 0.00 ? 49 GLU A CA   1 
ATOM 755  C C    . GLU A 1 49 ? -7.092  -13.285 -4.348  1.00 0.00 ? 49 GLU A C    1 
ATOM 756  O O    . GLU A 1 49 ? -8.150  -13.798 -3.986  1.00 0.00 ? 49 GLU A O    1 
ATOM 757  C CB   . GLU A 1 49 ? -5.047  -14.733 -4.630  1.00 0.00 ? 49 GLU A CB   1 
ATOM 758  C CG   . GLU A 1 49 ? -4.413  -15.790 -5.536  1.00 0.00 ? 49 GLU A CG   1 
ATOM 759  C CD   . GLU A 1 49 ? -5.217  -17.092 -5.505  1.00 0.00 ? 49 GLU A CD   1 
ATOM 760  O OE1  . GLU A 1 49 ? -6.455  -17.055 -5.442  1.00 0.00 ? 49 GLU A OE1  1 
ATOM 761  O OE2  . GLU A 1 49 ? -4.511  -18.170 -5.549  1.00 0.00 ? 49 GLU A OE2  1 
ATOM 762  H H    . GLU A 1 49 ? -4.665  -13.006 -6.367  1.00 0.00 ? 49 GLU A H    1 
ATOM 763  H HA   . GLU A 1 49 ? -6.763  -14.725 -5.923  1.00 0.00 ? 49 GLU A HA   1 
ATOM 764  H HB2  . GLU A 1 49 ? -4.288  -14.014 -4.318  1.00 0.00 ? 49 GLU A HB2  1 
ATOM 765  H HB3  . GLU A 1 49 ? -5.428  -15.206 -3.725  1.00 0.00 ? 49 GLU A HB3  1 
ATOM 766  H HG2  . GLU A 1 49 ? -4.362  -15.415 -6.558  1.00 0.00 ? 49 GLU A HG2  1 
ATOM 767  H HG3  . GLU A 1 49 ? -3.390  -15.983 -5.216  1.00 0.00 ? 49 GLU A HG3  1 
ATOM 768  H HE2  . GLU A 1 49 ? -4.933  -18.832 -6.168  1.00 0.00 ? 49 GLU A HE2  1 
ATOM 769  N N    . LEU A 1 50 ? -6.646  -12.109 -3.932  1.00 0.00 ? 50 LEU A N    1 
ATOM 770  C CA   . LEU A 1 50 ? -7.405  -11.315 -2.981  1.00 0.00 ? 50 LEU A CA   1 
ATOM 771  C C    . LEU A 1 50 ? -8.828  -11.119 -3.508  1.00 0.00 ? 50 LEU A C    1 
ATOM 772  O O    . LEU A 1 50 ? -9.780  -11.067 -2.732  1.00 0.00 ? 50 LEU A O    1 
ATOM 773  C CB   . LEU A 1 50 ? -6.678  -10.004 -2.675  1.00 0.00 ? 50 LEU A CB   1 
ATOM 774  C CG   . LEU A 1 50 ? -5.362  -10.132 -1.905  1.00 0.00 ? 50 LEU A CG   1 
ATOM 775  C CD1  . LEU A 1 50 ? -4.551  -8.838  -1.986  1.00 0.00 ? 50 LEU A CD1  1 
ATOM 776  C CD2  . LEU A 1 50 ? -5.613  -10.561 -0.457  1.00 0.00 ? 50 LEU A CD2  1 
ATOM 777  H H    . LEU A 1 50 ? -5.784  -11.700 -4.231  1.00 0.00 ? 50 LEU A H    1 
ATOM 778  H HA   . LEU A 1 50 ? -7.457  -11.880 -2.051  1.00 0.00 ? 50 LEU A HA   1 
ATOM 779  H HB2  . LEU A 1 50 ? -6.475  -9.496  -3.617  1.00 0.00 ? 50 LEU A HB2  1 
ATOM 780  H HB3  . LEU A 1 50 ? -7.349  -9.364  -2.105  1.00 0.00 ? 50 LEU A HB3  1 
ATOM 781  H HG   . LEU A 1 50 ? -4.766  -10.915 -2.373  1.00 0.00 ? 50 LEU A HG   1 
ATOM 782  H HD11 . LEU A 1 50 ? -4.204  -8.562  -0.990  1.00 0.00 ? 50 LEU A HD11 1 
ATOM 783  H HD12 . LEU A 1 50 ? -3.693  -8.987  -2.641  1.00 0.00 ? 50 LEU A HD12 1 
ATOM 784  H HD13 . LEU A 1 50 ? -5.178  -8.041  -2.385  1.00 0.00 ? 50 LEU A HD13 1 
ATOM 785  H HD21 . LEU A 1 50 ? -6.637  -10.923 -0.359  1.00 0.00 ? 50 LEU A HD21 1 
ATOM 786  H HD22 . LEU A 1 50 ? -4.919  -11.358 -0.189  1.00 0.00 ? 50 LEU A HD22 1 
ATOM 787  H HD23 . LEU A 1 50 ? -5.463  -9.709  0.205   1.00 0.00 ? 50 LEU A HD23 1 
ATOM 788  N N    . GLY A 1 51 ? -8.928  -11.016 -4.826  1.00 0.00 ? 51 GLY A N    1 
ATOM 789  C CA   . GLY A 1 51 ? -10.218 -10.827 -5.467  1.00 0.00 ? 51 GLY A CA   1 
ATOM 790  C C    . GLY A 1 51 ? -10.316 -9.441  -6.105  1.00 0.00 ? 51 GLY A C    1 
ATOM 791  O O    . GLY A 1 51 ? -11.220 -8.669  -5.790  1.00 0.00 ? 51 GLY A O    1 
ATOM 792  H H    . GLY A 1 51 ? -8.148  -11.059 -5.451  1.00 0.00 ? 51 GLY A H    1 
ATOM 793  H HA2  . GLY A 1 51 ? -10.366 -11.593 -6.228  1.00 0.00 ? 51 GLY A HA2  1 
ATOM 794  H HA3  . GLY A 1 51 ? -11.014 -10.949 -4.732  1.00 0.00 ? 51 GLY A HA3  1 
ATOM 795  N N    . PHE A 1 52 ? -9.371  -9.165  -6.993  1.00 0.00 ? 52 PHE A N    1 
ATOM 796  C CA   . PHE A 1 52 ? -9.338  -7.885  -7.679  1.00 0.00 ? 52 PHE A CA   1 
ATOM 797  C C    . PHE A 1 52 ? -9.305  -8.077  -9.197  1.00 0.00 ? 52 PHE A C    1 
ATOM 798  O O    . PHE A 1 52 ? -8.519  -8.872  -9.708  1.00 0.00 ? 52 PHE A O    1 
ATOM 799  C CB   . PHE A 1 52 ? -8.057  -7.173  -7.239  1.00 0.00 ? 52 PHE A CB   1 
ATOM 800  C CG   . PHE A 1 52 ? -8.135  -6.562  -5.839  1.00 0.00 ? 52 PHE A CG   1 
ATOM 801  C CD1  . PHE A 1 52 ? -8.597  -5.293  -5.676  1.00 0.00 ? 52 PHE A CD1  1 
ATOM 802  C CD2  . PHE A 1 52 ? -7.744  -7.286  -4.757  1.00 0.00 ? 52 PHE A CD2  1 
ATOM 803  C CE1  . PHE A 1 52 ? -8.668  -4.725  -4.377  1.00 0.00 ? 52 PHE A CE1  1 
ATOM 804  C CE2  . PHE A 1 52 ? -7.815  -6.718  -3.457  1.00 0.00 ? 52 PHE A CE2  1 
ATOM 805  C CZ   . PHE A 1 52 ? -8.277  -5.449  -3.295  1.00 0.00 ? 52 PHE A CZ   1 
ATOM 806  H H    . PHE A 1 52 ? -8.638  -9.798  -7.244  1.00 0.00 ? 52 PHE A H    1 
ATOM 807  H HA   . PHE A 1 52 ? -10.245 -7.346  -7.402  1.00 0.00 ? 52 PHE A HA   1 
ATOM 808  H HB2  . PHE A 1 52 ? -7.231  -7.883  -7.268  1.00 0.00 ? 52 PHE A HB2  1 
ATOM 809  H HB3  . PHE A 1 52 ? -7.827  -6.386  -7.956  1.00 0.00 ? 52 PHE A HB3  1 
ATOM 810  H HD1  . PHE A 1 52 ? -8.912  -4.711  -6.543  1.00 0.00 ? 52 PHE A HD1  1 
ATOM 811  H HD2  . PHE A 1 52 ? -7.374  -8.303  -4.887  1.00 0.00 ? 52 PHE A HD2  1 
ATOM 812  H HE1  . PHE A 1 52 ? -9.039  -3.707  -4.245  1.00 0.00 ? 52 PHE A HE1  1 
ATOM 813  H HE2  . PHE A 1 52 ? -7.502  -7.300  -2.590  1.00 0.00 ? 52 PHE A HE2  1 
ATOM 814  H HZ   . PHE A 1 52 ? -8.332  -5.013  -2.297  1.00 0.00 ? 52 PHE A HZ   1 
ATOM 815  N N    . ASP A 1 53 ? -10.169 -7.334  -9.874  1.00 0.00 ? 53 ASP A N    1 
ATOM 816  C CA   . ASP A 1 53 ? -10.249 -7.412  -11.322 1.00 0.00 ? 53 ASP A CA   1 
ATOM 817  C C    . ASP A 1 53 ? -10.387 -6.001  -11.898 1.00 0.00 ? 53 ASP A C    1 
ATOM 818  O O    . ASP A 1 53 ? -9.536  -5.554  -12.665 1.00 0.00 ? 53 ASP A O    1 
ATOM 819  C CB   . ASP A 1 53 ? -11.467 -8.225  -11.764 1.00 0.00 ? 53 ASP A CB   1 
ATOM 820  C CG   . ASP A 1 53 ? -11.373 -9.728  -11.495 1.00 0.00 ? 53 ASP A CG   1 
ATOM 821  O OD1  . ASP A 1 53 ? -11.263 -10.165 -10.341 1.00 0.00 ? 53 ASP A OD1  1 
ATOM 822  O OD2  . ASP A 1 53 ? -11.419 -10.473 -12.547 1.00 0.00 ? 53 ASP A OD2  1 
ATOM 823  H H    . ASP A 1 53 ? -10.805 -6.689  -9.450  1.00 0.00 ? 53 ASP A H    1 
ATOM 824  H HA   . ASP A 1 53 ? -9.325  -7.901  -11.633 1.00 0.00 ? 53 ASP A HA   1 
ATOM 825  H HB2  . ASP A 1 53 ? -12.349 -7.834  -11.256 1.00 0.00 ? 53 ASP A HB2  1 
ATOM 826  H HB3  . ASP A 1 53 ? -11.620 -8.070  -12.832 1.00 0.00 ? 53 ASP A HB3  1 
ATOM 827  H HD2  . ASP A 1 53 ? -10.677 -10.230 -13.171 1.00 0.00 ? 53 ASP A HD2  1 
ATOM 828  N N    . SER A 1 54 ? -11.466 -5.341  -11.506 1.00 0.00 ? 54 SER A N    1 
ATOM 829  C CA   . SER A 1 54 ? -11.727 -3.989  -11.974 1.00 0.00 ? 54 SER A CA   1 
ATOM 830  C C    . SER A 1 54 ? -12.388 -3.170  -10.864 1.00 0.00 ? 54 SER A C    1 
ATOM 831  O O    . SER A 1 54 ? -11.836 -2.167  -10.414 1.00 0.00 ? 54 SER A O    1 
ATOM 832  C CB   . SER A 1 54 ? -12.609 -4.000  -13.223 1.00 0.00 ? 54 SER A CB   1 
ATOM 833  O OG   . SER A 1 54 ? -12.092 -4.860  -14.235 1.00 0.00 ? 54 SER A OG   1 
ATOM 834  H H    . SER A 1 54 ? -12.153 -5.711  -10.882 1.00 0.00 ? 54 SER A H    1 
ATOM 835  H HA   . SER A 1 54 ? -10.749 -3.576  -12.223 1.00 0.00 ? 54 SER A HA   1 
ATOM 836  H HB2  . SER A 1 54 ? -13.616 -4.322  -12.953 1.00 0.00 ? 54 SER A HB2  1 
ATOM 837  H HB3  . SER A 1 54 ? -12.693 -2.986  -13.616 1.00 0.00 ? 54 SER A HB3  1 
ATOM 838  H HG   . SER A 1 54 ? -11.756 -4.317  -15.005 1.00 0.00 ? 54 SER A HG   1 
ATOM 839  N N    . LEU A 1 55 ? -13.562 -3.628  -10.453 1.00 0.00 ? 55 LEU A N    1 
ATOM 840  C CA   . LEU A 1 55 ? -14.305 -2.950  -9.404  1.00 0.00 ? 55 LEU A CA   1 
ATOM 841  C C    . LEU A 1 55 ? -13.426 -2.835  -8.156  1.00 0.00 ? 55 LEU A C    1 
ATOM 842  O O    . LEU A 1 55 ? -13.142 -1.731  -7.693  1.00 0.00 ? 55 LEU A O    1 
ATOM 843  C CB   . LEU A 1 55 ? -15.639 -3.653  -9.152  1.00 0.00 ? 55 LEU A CB   1 
ATOM 844  C CG   . LEU A 1 55 ? -16.896 -2.812  -9.388  1.00 0.00 ? 55 LEU A CG   1 
ATOM 845  C CD1  . LEU A 1 55 ? -17.671 -3.313  -10.607 1.00 0.00 ? 55 LEU A CD1  1 
ATOM 846  C CD2  . LEU A 1 55 ? -17.768 -2.766  -8.132  1.00 0.00 ? 55 LEU A CD2  1 
ATOM 847  H H    . LEU A 1 55 ? -14.004 -4.445  -10.823 1.00 0.00 ? 55 LEU A H    1 
ATOM 848  H HA   . LEU A 1 55 ? -14.531 -1.946  -9.761  1.00 0.00 ? 55 LEU A HA   1 
ATOM 849  H HB2  . LEU A 1 55 ? -15.691 -4.533  -9.794  1.00 0.00 ? 55 LEU A HB2  1 
ATOM 850  H HB3  . LEU A 1 55 ? -15.652 -4.009  -8.123  1.00 0.00 ? 55 LEU A HB3  1 
ATOM 851  H HG   . LEU A 1 55 ? -16.586 -1.788  -9.602  1.00 0.00 ? 55 LEU A HG   1 
ATOM 852  H HD11 . LEU A 1 55 ? -18.619 -2.778  -10.680 1.00 0.00 ? 55 LEU A HD11 1 
ATOM 853  H HD12 . LEU A 1 55 ? -17.084 -3.137  -11.508 1.00 0.00 ? 55 LEU A HD12 1 
ATOM 854  H HD13 . LEU A 1 55 ? -17.864 -4.380  -10.501 1.00 0.00 ? 55 LEU A HD13 1 
ATOM 855  H HD21 . LEU A 1 55 ? -17.538 -1.866  -7.561  1.00 0.00 ? 55 LEU A HD21 1 
ATOM 856  H HD22 . LEU A 1 55 ? -18.819 -2.755  -8.420  1.00 0.00 ? 55 LEU A HD22 1 
ATOM 857  H HD23 . LEU A 1 55 ? -17.569 -3.645  -7.518  1.00 0.00 ? 55 LEU A HD23 1 
ATOM 858  N N    . ALA A 1 56 ? -13.021 -3.989  -7.647  1.00 0.00 ? 56 ALA A N    1 
ATOM 859  C CA   . ALA A 1 56 ? -12.181 -4.031  -6.462  1.00 0.00 ? 56 ALA A CA   1 
ATOM 860  C C    . ALA A 1 56 ? -10.846 -3.349  -6.765  1.00 0.00 ? 56 ALA A C    1 
ATOM 861  O O    . ALA A 1 56 ? -10.264 -2.702  -5.896  1.00 0.00 ? 56 ALA A O    1 
ATOM 862  C CB   . ALA A 1 56 ? -12.005 -5.482  -6.013  1.00 0.00 ? 56 ALA A CB   1 
ATOM 863  H H    . ALA A 1 56 ? -13.257 -4.882  -8.030  1.00 0.00 ? 56 ALA A H    1 
ATOM 864  H HA   . ALA A 1 56 ? -12.691 -3.479  -5.674  1.00 0.00 ? 56 ALA A HA   1 
ATOM 865  H HB1  . ALA A 1 56 ? -12.929 -5.835  -5.552  1.00 0.00 ? 56 ALA A HB1  1 
ATOM 866  H HB2  . ALA A 1 56 ? -11.770 -6.105  -6.876  1.00 0.00 ? 56 ALA A HB2  1 
ATOM 867  H HB3  . ALA A 1 56 ? -11.192 -5.542  -5.289  1.00 0.00 ? 56 ALA A HB3  1 
ATOM 868  N N    . ALA A 1 57 ? -10.398 -3.517  -8.001  1.00 0.00 ? 57 ALA A N    1 
ATOM 869  C CA   . ALA A 1 57 ? -9.142  -2.925  -8.429  1.00 0.00 ? 57 ALA A CA   1 
ATOM 870  C C    . ALA A 1 57 ? -9.273  -1.401  -8.422  1.00 0.00 ? 57 ALA A C    1 
ATOM 871  O O    . ALA A 1 57 ? -8.304  -0.692  -8.155  1.00 0.00 ? 57 ALA A O    1 
ATOM 872  C CB   . ALA A 1 57 ? -8.763  -3.472  -9.807  1.00 0.00 ? 57 ALA A CB   1 
ATOM 873  H H    . ALA A 1 57 ? -10.878 -4.044  -8.702  1.00 0.00 ? 57 ALA A H    1 
ATOM 874  H HA   . ALA A 1 57 ? -8.376  -3.218  -7.712  1.00 0.00 ? 57 ALA A HA   1 
ATOM 875  H HB1  . ALA A 1 57 ? -7.696  -3.327  -9.974  1.00 0.00 ? 57 ALA A HB1  1 
ATOM 876  H HB2  . ALA A 1 57 ? -8.996  -4.536  -9.852  1.00 0.00 ? 57 ALA A HB2  1 
ATOM 877  H HB3  . ALA A 1 57 ? -9.327  -2.943  -10.575 1.00 0.00 ? 57 ALA A HB3  1 
ATOM 878  N N    . VAL A 1 58 ? -10.479 -0.941  -8.720  1.00 0.00 ? 58 VAL A N    1 
ATOM 879  C CA   . VAL A 1 58 ? -10.749 0.487   -8.752  1.00 0.00 ? 58 VAL A CA   1 
ATOM 880  C C    . VAL A 1 58 ? -10.722 1.039   -7.326  1.00 0.00 ? 58 VAL A C    1 
ATOM 881  O O    . VAL A 1 58 ? -9.943  1.940   -7.020  1.00 0.00 ? 58 VAL A O    1 
ATOM 882  C CB   . VAL A 1 58 ? -12.074 0.753   -9.472  1.00 0.00 ? 58 VAL A CB   1 
ATOM 883  C CG1  . VAL A 1 58 ? -12.738 2.025   -8.944  1.00 0.00 ? 58 VAL A CG1  1 
ATOM 884  C CG2  . VAL A 1 58 ? -11.870 0.828   -10.987 1.00 0.00 ? 58 VAL A CG2  1 
ATOM 885  H H    . VAL A 1 58 ? -11.262 -1.524  -8.938  1.00 0.00 ? 58 VAL A H    1 
ATOM 886  H HA   . VAL A 1 58 ? -9.952  0.959   -9.328  1.00 0.00 ? 58 VAL A HA   1 
ATOM 887  H HB   . VAL A 1 58 ? -12.741 -0.084  -9.265  1.00 0.00 ? 58 VAL A HB   1 
ATOM 888  H HG11 . VAL A 1 58 ? -13.386 2.443   -9.714  1.00 0.00 ? 58 VAL A HG11 1 
ATOM 889  H HG12 . VAL A 1 58 ? -13.330 1.787   -8.060  1.00 0.00 ? 58 VAL A HG12 1 
ATOM 890  H HG13 . VAL A 1 58 ? -11.971 2.754   -8.681  1.00 0.00 ? 58 VAL A HG13 1 
ATOM 891  H HG21 . VAL A 1 58 ? -12.797 1.146   -11.462 1.00 0.00 ? 58 VAL A HG21 1 
ATOM 892  H HG22 . VAL A 1 58 ? -11.080 1.546   -11.212 1.00 0.00 ? 58 VAL A HG22 1 
ATOM 893  H HG23 . VAL A 1 58 ? -11.585 -0.154  -11.364 1.00 0.00 ? 58 VAL A HG23 1 
ATOM 894  N N    . ARG A 1 59 ? -11.582 0.475   -6.492  1.00 0.00 ? 59 ARG A N    1 
ATOM 895  C CA   . ARG A 1 59 ? -11.667 0.899   -5.104  1.00 0.00 ? 59 ARG A CA   1 
ATOM 896  C C    . ARG A 1 59 ? -10.266 1.051   -4.510  1.00 0.00 ? 59 ARG A C    1 
ATOM 897  O O    . ARG A 1 59 ? -10.003 1.993   -3.763  1.00 0.00 ? 59 ARG A O    1 
ATOM 898  C CB   . ARG A 1 59 ? -12.462 -0.106  -4.268  1.00 0.00 ? 59 ARG A CB   1 
ATOM 899  C CG   . ARG A 1 59 ? -13.604 0.585   -3.521  1.00 0.00 ? 59 ARG A CG   1 
ATOM 900  C CD   . ARG A 1 59 ? -14.392 -0.418  -2.676  1.00 0.00 ? 59 ARG A CD   1 
ATOM 901  N NE   . ARG A 1 59 ? -15.356 0.297   -1.809  1.00 0.00 ? 59 ARG A NE   1 
ATOM 902  C CZ   . ARG A 1 59 ? -16.153 -0.309  -0.903  1.00 0.00 ? 59 ARG A CZ   1 
ATOM 903  N NH1  . ARG A 1 59 ? -16.108 -1.647  -0.738  1.00 0.00 ? 59 ARG A NH1  1 
ATOM 904  N NH2  . ARG A 1 59 ? -16.976 0.428   -0.181  1.00 0.00 ? 59 ARG A NH2  1 
ATOM 905  H H    . ARG A 1 59 ? -12.213 -0.258  -6.749  1.00 0.00 ? 59 ARG A H    1 
ATOM 906  H HA   . ARG A 1 59 ? -12.185 1.858   -5.137  1.00 0.00 ? 59 ARG A HA   1 
ATOM 907  H HB2  . ARG A 1 59 ? -12.865 -0.884  -4.915  1.00 0.00 ? 59 ARG A HB2  1 
ATOM 908  H HB3  . ARG A 1 59 ? -11.800 -0.595  -3.555  1.00 0.00 ? 59 ARG A HB3  1 
ATOM 909  H HG2  . ARG A 1 59 ? -13.202 1.369   -2.879  1.00 0.00 ? 59 ARG A HG2  1 
ATOM 910  H HG3  . ARG A 1 59 ? -14.271 1.069   -4.234  1.00 0.00 ? 59 ARG A HG3  1 
ATOM 911  H HD2  . ARG A 1 59 ? -14.923 -1.115  -3.326  1.00 0.00 ? 59 ARG A HD2  1 
ATOM 912  H HD3  . ARG A 1 59 ? -13.710 -1.008  -2.065  1.00 0.00 ? 59 ARG A HD3  1 
ATOM 913  H HE   . ARG A 1 59 ? -15.420 1.291   -1.901  1.00 0.00 ? 59 ARG A HE   1 
ATOM 914  H HH11 . ARG A 1 59 ? -15.481 -2.198  -1.289  1.00 0.00 ? 59 ARG A HH11 1 
ATOM 915  H HH12 . ARG A 1 59 ? -16.702 -2.089  -0.065  1.00 0.00 ? 59 ARG A HH12 1 
ATOM 916  H HH22 . ARG A 1 59 ? -17.598 0.059   0.510   1.00 0.00 ? 59 ARG A HH22 1 
ATOM 917  N N    . LEU A 1 60 ? -9.402  0.110   -4.862  1.00 0.00 ? 60 LEU A N    1 
ATOM 918  C CA   . LEU A 1 60 ? -8.034  0.128   -4.373  1.00 0.00 ? 60 LEU A CA   1 
ATOM 919  C C    . LEU A 1 60 ? -7.391  1.473   -4.717  1.00 0.00 ? 60 LEU A C    1 
ATOM 920  O O    . LEU A 1 60 ? -7.242  2.333   -3.851  1.00 0.00 ? 60 LEU A O    1 
ATOM 921  C CB   . LEU A 1 60 ? -7.259  -1.078  -4.906  1.00 0.00 ? 60 LEU A CB   1 
ATOM 922  C CG   . LEU A 1 60 ? -5.971  -1.432  -4.158  1.00 0.00 ? 60 LEU A CG   1 
ATOM 923  C CD1  . LEU A 1 60 ? -6.271  -1.846  -2.717  1.00 0.00 ? 60 LEU A CD1  1 
ATOM 924  C CD2  . LEU A 1 60 ? -5.178  -2.503  -4.909  1.00 0.00 ? 60 LEU A CD2  1 
ATOM 925  H H    . LEU A 1 60 ? -9.624  -0.652  -5.470  1.00 0.00 ? 60 LEU A H    1 
ATOM 926  H HA   . LEU A 1 60 ? -8.075  0.031   -3.287  1.00 0.00 ? 60 LEU A HA   1 
ATOM 927  H HB2  . LEU A 1 60 ? -7.918  -1.947  -4.885  1.00 0.00 ? 60 LEU A HB2  1 
ATOM 928  H HB3  . LEU A 1 60 ? -7.009  -0.892  -5.950  1.00 0.00 ? 60 LEU A HB3  1 
ATOM 929  H HG   . LEU A 1 60 ? -5.346  -0.540  -4.113  1.00 0.00 ? 60 LEU A HG   1 
ATOM 930  H HD11 . LEU A 1 60 ? -5.396  -2.339  -2.291  1.00 0.00 ? 60 LEU A HD11 1 
ATOM 931  H HD12 . LEU A 1 60 ? -6.513  -0.962  -2.127  1.00 0.00 ? 60 LEU A HD12 1 
ATOM 932  H HD13 . LEU A 1 60 ? -7.116  -2.533  -2.704  1.00 0.00 ? 60 LEU A HD13 1 
ATOM 933  H HD21 . LEU A 1 60 ? -4.542  -2.027  -5.656  1.00 0.00 ? 60 LEU A HD21 1 
ATOM 934  H HD22 . LEU A 1 60 ? -4.557  -3.057  -4.204  1.00 0.00 ? 60 LEU A HD22 1 
ATOM 935  H HD23 . LEU A 1 60 ? -5.868  -3.187  -5.403  1.00 0.00 ? 60 LEU A HD23 1 
ATOM 936  N N    . ARG A 1 61 ? -7.029  1.612   -5.984  1.00 0.00 ? 61 ARG A N    1 
ATOM 937  C CA   . ARG A 1 61 ? -6.405  2.838   -6.453  1.00 0.00 ? 61 ARG A CA   1 
ATOM 938  C C    . ARG A 1 61 ? -7.025  4.050   -5.755  1.00 0.00 ? 61 ARG A C    1 
ATOM 939  O O    . ARG A 1 61 ? -6.311  4.943   -5.303  1.00 0.00 ? 61 ARG A O    1 
ATOM 940  C CB   . ARG A 1 61 ? -6.565  2.993   -7.966  1.00 0.00 ? 61 ARG A CB   1 
ATOM 941  C CG   . ARG A 1 61 ? -5.626  4.073   -8.509  1.00 0.00 ? 61 ARG A CG   1 
ATOM 942  C CD   . ARG A 1 61 ? -6.365  5.401   -8.688  1.00 0.00 ? 61 ARG A CD   1 
ATOM 943  N NE   . ARG A 1 61 ? -6.539  5.693   -10.128 1.00 0.00 ? 61 ARG A NE   1 
ATOM 944  C CZ   . ARG A 1 61 ? -7.638  5.361   -10.840 1.00 0.00 ? 61 ARG A CZ   1 
ATOM 945  N NH1  . ARG A 1 61 ? -8.670  4.722   -10.248 1.00 0.00 ? 61 ARG A NH1  1 
ATOM 946  N NH2  . ARG A 1 61 ? -7.688  5.672   -12.122 1.00 0.00 ? 61 ARG A NH2  1 
ATOM 947  H H    . ARG A 1 61 ? -7.154  0.907   -6.682  1.00 0.00 ? 61 ARG A H    1 
ATOM 948  H HA   . ARG A 1 61 ? -5.352  2.732   -6.192  1.00 0.00 ? 61 ARG A HA   1 
ATOM 949  H HB2  . ARG A 1 61 ? -6.353  2.042   -8.456  1.00 0.00 ? 61 ARG A HB2  1 
ATOM 950  H HB3  . ARG A 1 61 ? -7.597  3.250   -8.202  1.00 0.00 ? 61 ARG A HB3  1 
ATOM 951  H HG2  . ARG A 1 61 ? -4.788  4.207   -7.826  1.00 0.00 ? 61 ARG A HG2  1 
ATOM 952  H HG3  . ARG A 1 61 ? -5.211  3.752   -9.464  1.00 0.00 ? 61 ARG A HG3  1 
ATOM 953  H HD2  . ARG A 1 61 ? -7.336  5.355   -8.196  1.00 0.00 ? 61 ARG A HD2  1 
ATOM 954  H HD3  . ARG A 1 61 ? -5.803  6.205   -8.211  1.00 0.00 ? 61 ARG A HD3  1 
ATOM 955  H HE   . ARG A 1 61 ? -5.798  6.166   -10.604 1.00 0.00 ? 61 ARG A HE   1 
ATOM 956  H HH11 . ARG A 1 61 ? -8.624  4.490   -9.276  1.00 0.00 ? 61 ARG A HH11 1 
ATOM 957  H HH12 . ARG A 1 61 ? -9.480  4.480   -10.782 1.00 0.00 ? 61 ARG A HH12 1 
ATOM 958  H HH22 . ARG A 1 61 ? -8.462  5.461   -12.718 1.00 0.00 ? 61 ARG A HH22 1 
ATOM 959  N N    . ASN A 1 62 ? -8.349  4.042   -5.688  1.00 0.00 ? 62 ASN A N    1 
ATOM 960  C CA   . ASN A 1 62 ? -9.073  5.129   -5.054  1.00 0.00 ? 62 ASN A CA   1 
ATOM 961  C C    . ASN A 1 62 ? -8.551  5.320   -3.629  1.00 0.00 ? 62 ASN A C    1 
ATOM 962  O O    . ASN A 1 62 ? -8.099  6.407   -3.270  1.00 0.00 ? 62 ASN A O    1 
ATOM 963  C CB   . ASN A 1 62 ? -10.569 4.819   -4.970  1.00 0.00 ? 62 ASN A CB   1 
ATOM 964  C CG   . ASN A 1 62 ? -11.329 5.471   -6.128  1.00 0.00 ? 62 ASN A CG   1 
ATOM 965  O OD1  . ASN A 1 62 ? -12.127 6.377   -5.948  1.00 0.00 ? 62 ASN A OD1  1 
ATOM 966  N ND2  . ASN A 1 62 ? -11.038 4.962   -7.321  1.00 0.00 ? 62 ASN A ND2  1 
ATOM 967  H H    . ASN A 1 62 ? -8.922  3.310   -6.058  1.00 0.00 ? 62 ASN A H    1 
ATOM 968  H HA   . ASN A 1 62 ? -8.894  6.000   -5.684  1.00 0.00 ? 62 ASN A HA   1 
ATOM 969  H HB2  . ASN A 1 62 ? -10.723 3.741   -4.992  1.00 0.00 ? 62 ASN A HB2  1 
ATOM 970  H HB3  . ASN A 1 62 ? -10.967 5.178   -4.021  1.00 0.00 ? 62 ASN A HB3  1 
ATOM 971  H HD21 . ASN A 1 62 ? -10.373 4.219   -7.399  1.00 0.00 ? 62 ASN A HD21 1 
ATOM 972  H HD22 . ASN A 1 62 ? -11.483 5.322   -8.141  1.00 0.00 ? 62 ASN A HD22 1 
ATOM 973  N N    . LEU A 1 63 ? -8.630  4.248   -2.854  1.00 0.00 ? 63 LEU A N    1 
ATOM 974  C CA   . LEU A 1 63 ? -8.169  4.285   -1.476  1.00 0.00 ? 63 LEU A CA   1 
ATOM 975  C C    . LEU A 1 63 ? -6.663  4.549   -1.452  1.00 0.00 ? 63 LEU A C    1 
ATOM 976  O O    . LEU A 1 63 ? -6.186  5.369   -0.669  1.00 0.00 ? 63 LEU A O    1 
ATOM 977  C CB   . LEU A 1 63 ? -8.582  3.009   -0.739  1.00 0.00 ? 63 LEU A CB   1 
ATOM 978  C CG   . LEU A 1 63 ? -9.033  3.187   0.712   1.00 0.00 ? 63 LEU A CG   1 
ATOM 979  C CD1  . LEU A 1 63 ? -9.870  1.994   1.176   1.00 0.00 ? 63 LEU A CD1  1 
ATOM 980  C CD2  . LEU A 1 63 ? -7.837  3.441   1.631   1.00 0.00 ? 63 LEU A CD2  1 
ATOM 981  H H    . LEU A 1 63 ? -8.998  3.369   -3.153  1.00 0.00 ? 63 LEU A H    1 
ATOM 982  H HA   . LEU A 1 63 ? -8.675  5.118   -0.985  1.00 0.00 ? 63 LEU A HA   1 
ATOM 983  H HB2  . LEU A 1 63 ? -9.392  2.537   -1.295  1.00 0.00 ? 63 LEU A HB2  1 
ATOM 984  H HB3  . LEU A 1 63 ? -7.740  2.316   -0.755  1.00 0.00 ? 63 LEU A HB3  1 
ATOM 985  H HG   . LEU A 1 63 ? -9.671  4.069   0.765   1.00 0.00 ? 63 LEU A HG   1 
ATOM 986  H HD11 . LEU A 1 63 ? -9.261  1.090   1.148   1.00 0.00 ? 63 LEU A HD11 1 
ATOM 987  H HD12 . LEU A 1 63 ? -10.217 2.168   2.195   1.00 0.00 ? 63 LEU A HD12 1 
ATOM 988  H HD13 . LEU A 1 63 ? -10.729 1.874   0.517   1.00 0.00 ? 63 LEU A HD13 1 
ATOM 989  H HD21 . LEU A 1 63 ? -7.717  2.598   2.312   1.00 0.00 ? 63 LEU A HD21 1 
ATOM 990  H HD22 . LEU A 1 63 ? -6.934  3.552   1.029   1.00 0.00 ? 63 LEU A HD22 1 
ATOM 991  H HD23 . LEU A 1 63 ? -8.005  4.352   2.205   1.00 0.00 ? 63 LEU A HD23 1 
ATOM 992  N N    . LEU A 1 64 ? -5.956  3.839   -2.319  1.00 0.00 ? 64 LEU A N    1 
ATOM 993  C CA   . LEU A 1 64 ? -4.513  3.988   -2.407  1.00 0.00 ? 64 LEU A CA   1 
ATOM 994  C C    . LEU A 1 64 ? -4.163  5.473   -2.519  1.00 0.00 ? 64 LEU A C    1 
ATOM 995  O O    . LEU A 1 64 ? -3.174  5.926   -1.945  1.00 0.00 ? 64 LEU A O    1 
ATOM 996  C CB   . LEU A 1 64 ? -3.957  3.136   -3.551  1.00 0.00 ? 64 LEU A CB   1 
ATOM 997  C CG   . LEU A 1 64 ? -3.767  1.648   -3.249  1.00 0.00 ? 64 LEU A CG   1 
ATOM 998  C CD1  . LEU A 1 64 ? -2.375  1.379   -2.674  1.00 0.00 ? 64 LEU A CD1  1 
ATOM 999  C CD2  . LEU A 1 64 ? -4.876  1.130   -2.331  1.00 0.00 ? 64 LEU A CD2  1 
ATOM 1000 H H    . LEU A 1 64 ? -6.353  3.175   -2.953  1.00 0.00 ? 64 LEU A H    1 
ATOM 1001 H HA   . LEU A 1 64 ? -4.088  3.601   -1.482  1.00 0.00 ? 64 LEU A HA   1 
ATOM 1002 H HB2  . LEU A 1 64 ? -4.625  3.231   -4.406  1.00 0.00 ? 64 LEU A HB2  1 
ATOM 1003 H HB3  . LEU A 1 64 ? -2.995  3.551   -3.851  1.00 0.00 ? 64 LEU A HB3  1 
ATOM 1004 H HG   . LEU A 1 64 ? -3.841  1.098   -4.186  1.00 0.00 ? 64 LEU A HG   1 
ATOM 1005 H HD11 . LEU A 1 64 ? -1.845  0.679   -3.319  1.00 0.00 ? 64 LEU A HD11 1 
ATOM 1006 H HD12 . LEU A 1 64 ? -1.818  2.314   -2.616  1.00 0.00 ? 64 LEU A HD12 1 
ATOM 1007 H HD13 . LEU A 1 64 ? -2.471  0.952   -1.675  1.00 0.00 ? 64 LEU A HD13 1 
ATOM 1008 H HD21 . LEU A 1 64 ? -4.570  0.180   -1.893  1.00 0.00 ? 64 LEU A HD21 1 
ATOM 1009 H HD22 . LEU A 1 64 ? -5.061  1.854   -1.539  1.00 0.00 ? 64 LEU A HD22 1 
ATOM 1010 H HD23 . LEU A 1 64 ? -5.789  0.985   -2.910  1.00 0.00 ? 64 LEU A HD23 1 
ATOM 1011 N N    . ASN A 1 65 ? -4.993  6.189   -3.263  1.00 0.00 ? 65 ASN A N    1 
ATOM 1012 C CA   . ASN A 1 65 ? -4.783  7.614   -3.457  1.00 0.00 ? 65 ASN A CA   1 
ATOM 1013 C C    . ASN A 1 65 ? -4.587  8.287   -2.097  1.00 0.00 ? 65 ASN A C    1 
ATOM 1014 O O    . ASN A 1 65 ? -3.647  9.058   -1.913  1.00 0.00 ? 65 ASN A O    1 
ATOM 1015 C CB   . ASN A 1 65 ? -5.993  8.261   -4.135  1.00 0.00 ? 65 ASN A CB   1 
ATOM 1016 C CG   . ASN A 1 65 ? -5.557  9.162   -5.291  1.00 0.00 ? 65 ASN A CG   1 
ATOM 1017 O OD1  . ASN A 1 65 ? -5.272  10.337  -5.124  1.00 0.00 ? 65 ASN A OD1  1 
ATOM 1018 N ND2  . ASN A 1 65 ? -5.520  8.549   -6.471  1.00 0.00 ? 65 ASN A ND2  1 
ATOM 1019 H H    . ASN A 1 65 ? -5.795  5.813   -3.727  1.00 0.00 ? 65 ASN A H    1 
ATOM 1020 H HA   . ASN A 1 65 ? -3.900  7.689   -4.092  1.00 0.00 ? 65 ASN A HA   1 
ATOM 1021 H HB2  . ASN A 1 65 ? -6.665  7.486   -4.506  1.00 0.00 ? 65 ASN A HB2  1 
ATOM 1022 H HB3  . ASN A 1 65 ? -6.554  8.846   -3.405  1.00 0.00 ? 65 ASN A HB3  1 
ATOM 1023 H HD21 . ASN A 1 65 ? -5.767  7.583   -6.539  1.00 0.00 ? 65 ASN A HD21 1 
ATOM 1024 H HD22 . ASN A 1 65 ? -5.247  9.055   -7.289  1.00 0.00 ? 65 ASN A HD22 1 
ATOM 1025 N N    . ALA A 1 66 ? -5.489  7.969   -1.180  1.00 0.00 ? 66 ALA A N    1 
ATOM 1026 C CA   . ALA A 1 66 ? -5.426  8.533   0.157   1.00 0.00 ? 66 ALA A CA   1 
ATOM 1027 C C    . ALA A 1 66 ? -4.082  8.177   0.794   1.00 0.00 ? 66 ALA A C    1 
ATOM 1028 O O    . ALA A 1 66 ? -3.657  8.815   1.756   1.00 0.00 ? 66 ALA A O    1 
ATOM 1029 C CB   . ALA A 1 66 ? -6.613  8.028   0.981   1.00 0.00 ? 66 ALA A CB   1 
ATOM 1030 H H    . ALA A 1 66 ? -6.250  7.340   -1.338  1.00 0.00 ? 66 ALA A H    1 
ATOM 1031 H HA   . ALA A 1 66 ? -5.499  9.616   0.065   1.00 0.00 ? 66 ALA A HA   1 
ATOM 1032 H HB1  . ALA A 1 66 ? -7.453  7.820   0.318   1.00 0.00 ? 66 ALA A HB1  1 
ATOM 1033 H HB2  . ALA A 1 66 ? -6.329  7.114   1.504   1.00 0.00 ? 66 ALA A HB2  1 
ATOM 1034 H HB3  . ALA A 1 66 ? -6.902  8.787   1.706   1.00 0.00 ? 66 ALA A HB3  1 
ATOM 1035 N N    . ALA A 1 67 ? -3.448  7.158   0.231   1.00 0.00 ? 67 ALA A N    1 
ATOM 1036 C CA   . ALA A 1 67 ? -2.160  6.709   0.732   1.00 0.00 ? 67 ALA A CA   1 
ATOM 1037 C C    . ALA A 1 67 ? -1.058  7.610   0.172   1.00 0.00 ? 67 ALA A C    1 
ATOM 1038 O O    . ALA A 1 67 ? -0.026  7.806   0.812   1.00 0.00 ? 67 ALA A O    1 
ATOM 1039 C CB   . ALA A 1 67 ? -1.954  5.239   0.365   1.00 0.00 ? 67 ALA A CB   1 
ATOM 1040 H H    . ALA A 1 67 ? -3.800  6.644   -0.551  1.00 0.00 ? 67 ALA A H    1 
ATOM 1041 H HA   . ALA A 1 67 ? -2.175  6.801   1.818   1.00 0.00 ? 67 ALA A HA   1 
ATOM 1042 H HB1  . ALA A 1 67 ? -1.229  5.165   -0.448  1.00 0.00 ? 67 ALA A HB1  1 
ATOM 1043 H HB2  . ALA A 1 67 ? -1.581  4.695   1.233   1.00 0.00 ? 67 ALA A HB2  1 
ATOM 1044 H HB3  . ALA A 1 67 ? -2.902  4.807   0.047   1.00 0.00 ? 67 ALA A HB3  1 
ATOM 1045 N N    . THR A 1 68 ? -1.313  8.135   -1.018  1.00 0.00 ? 68 THR A N    1 
ATOM 1046 C CA   . THR A 1 68 ? -0.356  9.011   -1.672  1.00 0.00 ? 68 THR A CA   1 
ATOM 1047 C C    . THR A 1 68 ? -0.907  10.435  -1.756  1.00 0.00 ? 68 THR A C    1 
ATOM 1048 O O    . THR A 1 68 ? -0.459  11.322  -1.032  1.00 0.00 ? 68 THR A O    1 
ATOM 1049 C CB   . THR A 1 68 ? -0.019  8.407   -3.037  1.00 0.00 ? 68 THR A CB   1 
ATOM 1050 O OG1  . THR A 1 68 ? -1.281  8.002   -3.558  1.00 0.00 ? 68 THR A OG1  1 
ATOM 1051 C CG2  . THR A 1 68 ? 0.773   7.104   -2.921  1.00 0.00 ? 68 THR A CG2  1 
ATOM 1052 H H    . THR A 1 68 ? -2.155  7.971   -1.532  1.00 0.00 ? 68 THR A H    1 
ATOM 1053 H HA   . THR A 1 68 ? 0.545   9.052   -1.059  1.00 0.00 ? 68 THR A HA   1 
ATOM 1054 H HB   . THR A 1 68 ? 0.507   9.129   -3.662  1.00 0.00 ? 68 THR A HB   1 
ATOM 1055 H HG1  . THR A 1 68 ? -1.420  8.397   -4.466  1.00 0.00 ? 68 THR A HG1  1 
ATOM 1056 H HG21 . THR A 1 68 ? 1.705   7.193   -3.480  1.00 0.00 ? 68 THR A HG21 1 
ATOM 1057 H HG22 . THR A 1 68 ? 0.996   6.906   -1.873  1.00 0.00 ? 68 THR A HG22 1 
ATOM 1058 H HG23 . THR A 1 68 ? 0.184   6.283   -3.328  1.00 0.00 ? 68 THR A HG23 1 
ATOM 1059 N N    . GLY A 1 69 ? -1.871  10.610  -2.648  1.00 0.00 ? 69 GLY A N    1 
ATOM 1060 C CA   . GLY A 1 69 ? -2.489  11.912  -2.837  1.00 0.00 ? 69 GLY A CA   1 
ATOM 1061 C C    . GLY A 1 69 ? -2.458  12.325  -4.310  1.00 0.00 ? 69 GLY A C    1 
ATOM 1062 O O    . GLY A 1 69 ? -2.916  13.410  -4.663  1.00 0.00 ? 69 GLY A O    1 
ATOM 1063 H H    . GLY A 1 69 ? -2.230  9.883   -3.233  1.00 0.00 ? 69 GLY A H    1 
ATOM 1064 H HA2  . GLY A 1 69 ? -3.521  11.884  -2.485  1.00 0.00 ? 69 GLY A HA2  1 
ATOM 1065 H HA3  . GLY A 1 69 ? -1.967  12.657  -2.235  1.00 0.00 ? 69 GLY A HA3  1 
ATOM 1066 N N    . LEU A 1 70 ? -1.912  11.438  -5.128  1.00 0.00 ? 70 LEU A N    1 
ATOM 1067 C CA   . LEU A 1 70 ? -1.815  11.697  -6.554  1.00 0.00 ? 70 LEU A CA   1 
ATOM 1068 C C    . LEU A 1 70 ? -2.777  10.772  -7.303  1.00 0.00 ? 70 LEU A C    1 
ATOM 1069 O O    . LEU A 1 70 ? -3.486  9.978   -6.687  1.00 0.00 ? 70 LEU A O    1 
ATOM 1070 C CB   . LEU A 1 70 ? -0.363  11.582  -7.023  1.00 0.00 ? 70 LEU A CB   1 
ATOM 1071 C CG   . LEU A 1 70 ? 0.515   10.596  -6.250  1.00 0.00 ? 70 LEU A CG   1 
ATOM 1072 C CD1  . LEU A 1 70 ? 0.109   9.151   -6.548  1.00 0.00 ? 70 LEU A CD1  1 
ATOM 1073 C CD2  . LEU A 1 70 ? 1.998   10.845  -6.531  1.00 0.00 ? 70 LEU A CD2  1 
ATOM 1074 H H    . LEU A 1 70 ? -1.542  10.558  -4.832  1.00 0.00 ? 70 LEU A H    1 
ATOM 1075 H HA   . LEU A 1 70 ? -2.127  12.727  -6.722  1.00 0.00 ? 70 LEU A HA   1 
ATOM 1076 H HB2  . LEU A 1 70 ? -0.362  11.292  -8.073  1.00 0.00 ? 70 LEU A HB2  1 
ATOM 1077 H HB3  . LEU A 1 70 ? 0.095   12.569  -6.964  1.00 0.00 ? 70 LEU A HB3  1 
ATOM 1078 H HG   . LEU A 1 70 ? 0.357   10.761  -5.184  1.00 0.00 ? 70 LEU A HG   1 
ATOM 1079 H HD11 . LEU A 1 70 ? 0.552   8.837   -7.492  1.00 0.00 ? 70 LEU A HD11 1 
ATOM 1080 H HD12 . LEU A 1 70 ? 0.463   8.501   -5.746  1.00 0.00 ? 70 LEU A HD12 1 
ATOM 1081 H HD13 . LEU A 1 70 ? -0.977  9.085   -6.616  1.00 0.00 ? 70 LEU A HD13 1 
ATOM 1082 H HD21 . LEU A 1 70 ? 2.115   11.243  -7.539  1.00 0.00 ? 70 LEU A HD21 1 
ATOM 1083 H HD22 . LEU A 1 70 ? 2.390   11.561  -5.809  1.00 0.00 ? 70 LEU A HD22 1 
ATOM 1084 H HD23 . LEU A 1 70 ? 2.547   9.906   -6.446  1.00 0.00 ? 70 LEU A HD23 1 
ATOM 1085 N N    . ARG A 1 71 ? -2.770  10.905  -8.621  1.00 0.00 ? 71 ARG A N    1 
ATOM 1086 C CA   . ARG A 1 71 ? -3.633  10.091  -9.460  1.00 0.00 ? 71 ARG A CA   1 
ATOM 1087 C C    . ARG A 1 71 ? -2.954  8.759   -9.786  1.00 0.00 ? 71 ARG A C    1 
ATOM 1088 O O    . ARG A 1 71 ? -2.556  8.524   -10.926 1.00 0.00 ? 71 ARG A O    1 
ATOM 1089 C CB   . ARG A 1 71 ? -3.975  10.814  -10.765 1.00 0.00 ? 71 ARG A CB   1 
ATOM 1090 C CG   . ARG A 1 71 ? -5.231  11.673  -10.602 1.00 0.00 ? 71 ARG A CG   1 
ATOM 1091 C CD   . ARG A 1 71 ? -5.472  12.532  -11.845 1.00 0.00 ? 71 ARG A CD   1 
ATOM 1092 N NE   . ARG A 1 71 ? -6.014  13.851  -11.451 1.00 0.00 ? 71 ARG A NE   1 
ATOM 1093 C CZ   . ARG A 1 71 ? -6.284  14.849  -12.318 1.00 0.00 ? 71 ARG A CZ   1 
ATOM 1094 N NH1  . ARG A 1 71 ? -6.062  14.687  -13.641 1.00 0.00 ? 71 ARG A NH1  1 
ATOM 1095 N NH2  . ARG A 1 71 ? -6.768  15.987  -11.855 1.00 0.00 ? 71 ARG A NH2  1 
ATOM 1096 H H    . ARG A 1 71 ? -2.190  11.552  -9.115  1.00 0.00 ? 71 ARG A H    1 
ATOM 1097 H HA   . ARG A 1 71 ? -4.534  9.937   -8.866  1.00 0.00 ? 71 ARG A HA   1 
ATOM 1098 H HB2  . ARG A 1 71 ? -3.136  11.442  -11.067 1.00 0.00 ? 71 ARG A HB2  1 
ATOM 1099 H HB3  . ARG A 1 71 ? -4.129  10.084  -11.559 1.00 0.00 ? 71 ARG A HB3  1 
ATOM 1100 H HG2  . ARG A 1 71 ? -6.094  11.031  -10.427 1.00 0.00 ? 71 ARG A HG2  1 
ATOM 1101 H HG3  . ARG A 1 71 ? -5.127  12.314  -9.727  1.00 0.00 ? 71 ARG A HG3  1 
ATOM 1102 H HD2  . ARG A 1 71 ? -4.538  12.663  -12.392 1.00 0.00 ? 71 ARG A HD2  1 
ATOM 1103 H HD3  . ARG A 1 71 ? -6.167  12.029  -12.517 1.00 0.00 ? 71 ARG A HD3  1 
ATOM 1104 H HE   . ARG A 1 71 ? -6.193  14.013  -10.480 1.00 0.00 ? 71 ARG A HE   1 
ATOM 1105 H HH11 . ARG A 1 71 ? -5.695  13.821  -13.983 1.00 0.00 ? 71 ARG A HH11 1 
ATOM 1106 H HH12 . ARG A 1 71 ? -6.265  15.431  -14.277 1.00 0.00 ? 71 ARG A HH12 1 
ATOM 1107 H HH22 . ARG A 1 71 ? -6.994  16.773  -12.431 1.00 0.00 ? 71 ARG A HH22 1 
ATOM 1108 N N    . LEU A 1 72 ? -2.843  7.922   -8.765  1.00 0.00 ? 72 LEU A N    1 
ATOM 1109 C CA   . LEU A 1 72 ? -2.219  6.620   -8.929  1.00 0.00 ? 72 LEU A CA   1 
ATOM 1110 C C    . LEU A 1 72 ? -2.742  5.966   -10.209 1.00 0.00 ? 72 LEU A C    1 
ATOM 1111 O O    . LEU A 1 72 ? -3.793  6.350   -10.721 1.00 0.00 ? 72 LEU A O    1 
ATOM 1112 C CB   . LEU A 1 72 ? -2.421  5.768   -7.674  1.00 0.00 ? 72 LEU A CB   1 
ATOM 1113 C CG   . LEU A 1 72 ? -1.514  6.094   -6.487  1.00 0.00 ? 72 LEU A CG   1 
ATOM 1114 C CD1  . LEU A 1 72 ? -2.011  5.410   -5.213  1.00 0.00 ? 72 LEU A CD1  1 
ATOM 1115 C CD2  . LEU A 1 72 ? -0.058  5.741   -6.797  1.00 0.00 ? 72 LEU A CD2  1 
ATOM 1116 H H    . LEU A 1 72 ? -3.169  8.121   -7.841  1.00 0.00 ? 72 LEU A H    1 
ATOM 1117 H HA   . LEU A 1 72 ? -1.146  6.783   -9.038  1.00 0.00 ? 72 LEU A HA   1 
ATOM 1118 H HB2  . LEU A 1 72 ? -3.458  5.870   -7.354  1.00 0.00 ? 72 LEU A HB2  1 
ATOM 1119 H HB3  . LEU A 1 72 ? -2.273  4.721   -7.943  1.00 0.00 ? 72 LEU A HB3  1 
ATOM 1120 H HG   . LEU A 1 72 ? -1.554  7.169   -6.312  1.00 0.00 ? 72 LEU A HG   1 
ATOM 1121 H HD11 . LEU A 1 72 ? -1.483  5.819   -4.351  1.00 0.00 ? 72 LEU A HD11 1 
ATOM 1122 H HD12 . LEU A 1 72 ? -3.081  5.585   -5.100  1.00 0.00 ? 72 LEU A HD12 1 
ATOM 1123 H HD13 . LEU A 1 72 ? -1.823  4.338   -5.279  1.00 0.00 ? 72 LEU A HD13 1 
ATOM 1124 H HD21 . LEU A 1 72 ? 0.574   6.610   -6.613  1.00 0.00 ? 72 LEU A HD21 1 
ATOM 1125 H HD22 . LEU A 1 72 ? 0.261   4.918   -6.156  1.00 0.00 ? 72 LEU A HD22 1 
ATOM 1126 H HD23 . LEU A 1 72 ? 0.030   5.442   -7.842  1.00 0.00 ? 72 LEU A HD23 1 
ATOM 1127 N N    . PRO A 1 73 ? -1.966  4.963   -10.701 1.00 0.00 ? 73 PRO A N    1 
ATOM 1128 C CA   . PRO A 1 73 ? -2.341  4.252   -11.911 1.00 0.00 ? 73 PRO A CA   1 
ATOM 1129 C C    . PRO A 1 73 ? -3.490  3.277   -11.641 1.00 0.00 ? 73 PRO A C    1 
ATOM 1130 O O    . PRO A 1 73 ? -3.607  2.740   -10.541 1.00 0.00 ? 73 PRO A O    1 
ATOM 1131 C CB   . PRO A 1 73 ? -1.069  3.558   -12.369 1.00 0.00 ? 73 PRO A CB   1 
ATOM 1132 C CG   . PRO A 1 73 ? -0.152  3.524   -11.158 1.00 0.00 ? 73 PRO A CG   1 
ATOM 1133 C CD   . PRO A 1 73 ? -0.717  4.482   -10.120 1.00 0.00 ? 73 PRO A CD   1 
ATOM 1134 H HA   . PRO A 1 73 ? -2.682  4.893   -12.599 1.00 0.00 ? 73 PRO A HA   1 
ATOM 1135 H HB2  . PRO A 1 73 ? -1.280  2.550   -12.726 1.00 0.00 ? 73 PRO A HB2  1 
ATOM 1136 H HB3  . PRO A 1 73 ? -0.605  4.098   -13.195 1.00 0.00 ? 73 PRO A HB3  1 
ATOM 1137 H HG2  . PRO A 1 73 ? -0.092  2.515   -10.752 1.00 0.00 ? 73 PRO A HG2  1 
ATOM 1138 H HG3  . PRO A 1 73 ? 0.860   3.817   -11.437 1.00 0.00 ? 73 PRO A HG3  1 
ATOM 1139 H HD2  . PRO A 1 73 ? -0.890  3.978   -9.169  1.00 0.00 ? 73 PRO A HD2  1 
ATOM 1140 H HD3  . PRO A 1 73 ? -0.029  5.304   -9.924  1.00 0.00 ? 73 PRO A HD3  1 
ATOM 1141 N N    . SER A 1 74 ? -4.309  3.080   -12.664 1.00 0.00 ? 74 SER A N    1 
ATOM 1142 C CA   . SER A 1 74 ? -5.444  2.180   -12.550 1.00 0.00 ? 74 SER A CA   1 
ATOM 1143 C C    . SER A 1 74 ? -5.002  0.743   -12.837 1.00 0.00 ? 74 SER A C    1 
ATOM 1144 O O    . SER A 1 74 ? -5.700  -0.206  -12.485 1.00 0.00 ? 74 SER A O    1 
ATOM 1145 C CB   . SER A 1 74 ? -6.568  2.589   -13.503 1.00 0.00 ? 74 SER A CB   1 
ATOM 1146 O OG   . SER A 1 74 ? -6.130  2.639   -14.858 1.00 0.00 ? 74 SER A OG   1 
ATOM 1147 H H    . SER A 1 74 ? -4.207  3.521   -13.556 1.00 0.00 ? 74 SER A H    1 
ATOM 1148 H HA   . SER A 1 74 ? -5.787  2.276   -11.520 1.00 0.00 ? 74 SER A HA   1 
ATOM 1149 H HB2  . SER A 1 74 ? -7.394  1.883   -13.415 1.00 0.00 ? 74 SER A HB2  1 
ATOM 1150 H HB3  . SER A 1 74 ? -6.953  3.566   -13.210 1.00 0.00 ? 74 SER A HB3  1 
ATOM 1151 H HG   . SER A 1 74 ? -5.145  2.471   -14.905 1.00 0.00 ? 74 SER A HG   1 
ATOM 1152 N N    . THR A 1 75 ? -3.846  0.628   -13.474 1.00 0.00 ? 75 THR A N    1 
ATOM 1153 C CA   . THR A 1 75 ? -3.304  -0.676  -13.813 1.00 0.00 ? 75 THR A CA   1 
ATOM 1154 C C    . THR A 1 75 ? -2.417  -1.195  -12.679 1.00 0.00 ? 75 THR A C    1 
ATOM 1155 O O    . THR A 1 75 ? -1.892  -2.304  -12.755 1.00 0.00 ? 75 THR A O    1 
ATOM 1156 C CB   . THR A 1 75 ? -2.571  -0.552  -15.149 1.00 0.00 ? 75 THR A CB   1 
ATOM 1157 O OG1  . THR A 1 75 ? -1.597  0.462   -14.918 1.00 0.00 ? 75 THR A OG1  1 
ATOM 1158 C CG2  . THR A 1 75 ? -3.459  0.029   -16.253 1.00 0.00 ? 75 THR A CG2  1 
ATOM 1159 H H    . THR A 1 75 ? -3.284  1.406   -13.757 1.00 0.00 ? 75 THR A H    1 
ATOM 1160 H HA   . THR A 1 75 ? -4.133  -1.377  -13.915 1.00 0.00 ? 75 THR A HA   1 
ATOM 1161 H HB   . THR A 1 75 ? -2.149  -1.510  -15.453 1.00 0.00 ? 75 THR A HB   1 
ATOM 1162 H HG1  . THR A 1 75 ? -0.691  0.134   -15.184 1.00 0.00 ? 75 THR A HG1  1 
ATOM 1163 H HG21 . THR A 1 75 ? -3.124  1.037   -16.495 1.00 0.00 ? 75 THR A HG21 1 
ATOM 1164 H HG22 . THR A 1 75 ? -3.393  -0.600  -17.140 1.00 0.00 ? 75 THR A HG22 1 
ATOM 1165 H HG23 . THR A 1 75 ? -4.492  0.063   -15.906 1.00 0.00 ? 75 THR A HG23 1 
ATOM 1166 N N    . LEU A 1 76 ? -2.276  -0.367  -11.654 1.00 0.00 ? 76 LEU A N    1 
ATOM 1167 C CA   . LEU A 1 76 ? -1.462  -0.728  -10.507 1.00 0.00 ? 76 LEU A CA   1 
ATOM 1168 C C    . LEU A 1 76 ? -1.856  -2.126  -10.027 1.00 0.00 ? 76 LEU A C    1 
ATOM 1169 O O    . LEU A 1 76 ? -1.000  -2.992  -9.854  1.00 0.00 ? 76 LEU A O    1 
ATOM 1170 C CB   . LEU A 1 76 ? -1.559  0.346   -9.421  1.00 0.00 ? 76 LEU A CB   1 
ATOM 1171 C CG   . LEU A 1 76 ? -0.575  0.213   -8.257  1.00 0.00 ? 76 LEU A CG   1 
ATOM 1172 C CD1  . LEU A 1 76 ? -0.152  1.589   -7.738  1.00 0.00 ? 76 LEU A CD1  1 
ATOM 1173 C CD2  . LEU A 1 76 ? -1.156  -0.665  -7.146  1.00 0.00 ? 76 LEU A CD2  1 
ATOM 1174 H H    . LEU A 1 76 ? -2.706  0.534   -11.601 1.00 0.00 ? 76 LEU A H    1 
ATOM 1175 H HA   . LEU A 1 76 ? -0.423  -0.757  -10.839 1.00 0.00 ? 76 LEU A HA   1 
ATOM 1176 H HB2  . LEU A 1 76 ? -1.411  1.319   -9.888  1.00 0.00 ? 76 LEU A HB2  1 
ATOM 1177 H HB3  . LEU A 1 76 ? -2.571  0.336   -9.019  1.00 0.00 ? 76 LEU A HB3  1 
ATOM 1178 H HG   . LEU A 1 76 ? 0.323   -0.283  -8.623  1.00 0.00 ? 76 LEU A HG   1 
ATOM 1179 H HD11 . LEU A 1 76 ? -0.902  1.959   -7.039  1.00 0.00 ? 76 LEU A HD11 1 
ATOM 1180 H HD12 . LEU A 1 76 ? 0.809   1.505   -7.230  1.00 0.00 ? 76 LEU A HD12 1 
ATOM 1181 H HD13 . LEU A 1 76 ? -0.062  2.281   -8.575  1.00 0.00 ? 76 LEU A HD13 1 
ATOM 1182 H HD21 . LEU A 1 76 ? -2.227  -0.785  -7.301  1.00 0.00 ? 76 LEU A HD21 1 
ATOM 1183 H HD22 . LEU A 1 76 ? -0.674  -1.642  -7.167  1.00 0.00 ? 76 LEU A HD22 1 
ATOM 1184 H HD23 . LEU A 1 76 ? -0.978  -0.194  -6.179  1.00 0.00 ? 76 LEU A HD23 1 
ATOM 1185 N N    . VAL A 1 77 ? -3.153  -2.303  -9.823  1.00 0.00 ? 77 VAL A N    1 
ATOM 1186 C CA   . VAL A 1 77 ? -3.671  -3.581  -9.366  1.00 0.00 ? 77 VAL A CA   1 
ATOM 1187 C C    . VAL A 1 77 ? -3.156  -4.693  -10.282 1.00 0.00 ? 77 VAL A C    1 
ATOM 1188 O O    . VAL A 1 77 ? -3.171  -5.865  -9.910  1.00 0.00 ? 77 VAL A O    1 
ATOM 1189 C CB   . VAL A 1 77 ? -5.199  -3.529  -9.290  1.00 0.00 ? 77 VAL A CB   1 
ATOM 1190 C CG1  . VAL A 1 77 ? -5.775  -4.893  -8.905  1.00 0.00 ? 77 VAL A CG1  1 
ATOM 1191 C CG2  . VAL A 1 77 ? -5.663  -2.444  -8.317  1.00 0.00 ? 77 VAL A CG2  1 
ATOM 1192 H H    . VAL A 1 77 ? -3.844  -1.594  -9.965  1.00 0.00 ? 77 VAL A H    1 
ATOM 1193 H HA   . VAL A 1 77 ? -3.289  -3.750  -8.359  1.00 0.00 ? 77 VAL A HA   1 
ATOM 1194 H HB   . VAL A 1 77 ? -5.575  -3.274  -10.280 1.00 0.00 ? 77 VAL A HB   1 
ATOM 1195 H HG11 . VAL A 1 77 ? -6.854  -4.890  -9.062  1.00 0.00 ? 77 VAL A HG11 1 
ATOM 1196 H HG12 . VAL A 1 77 ? -5.320  -5.668  -9.524  1.00 0.00 ? 77 VAL A HG12 1 
ATOM 1197 H HG13 . VAL A 1 77 ? -5.561  -5.095  -7.856  1.00 0.00 ? 77 VAL A HG13 1 
ATOM 1198 H HG21 . VAL A 1 77 ? -5.410  -2.736  -7.298  1.00 0.00 ? 77 VAL A HG21 1 
ATOM 1199 H HG22 . VAL A 1 77 ? -5.167  -1.503  -8.559  1.00 0.00 ? 77 VAL A HG22 1 
ATOM 1200 H HG23 . VAL A 1 77 ? -6.742  -2.317  -8.401  1.00 0.00 ? 77 VAL A HG23 1 
ATOM 1201 N N    . PHE A 1 78 ? -2.711  -4.285  -11.461 1.00 0.00 ? 78 PHE A N    1 
ATOM 1202 C CA   . PHE A 1 78 ? -2.191  -5.232  -12.434 1.00 0.00 ? 78 PHE A CA   1 
ATOM 1203 C C    . PHE A 1 78 ? -0.662  -5.215  -12.452 1.00 0.00 ? 78 PHE A C    1 
ATOM 1204 O O    . PHE A 1 78 ? -0.026  -6.267  -12.437 1.00 0.00 ? 78 PHE A O    1 
ATOM 1205 C CB   . PHE A 1 78 ? -2.711  -4.796  -13.805 1.00 0.00 ? 78 PHE A CB   1 
ATOM 1206 C CG   . PHE A 1 78 ? -3.184  -5.953  -14.687 1.00 0.00 ? 78 PHE A CG   1 
ATOM 1207 C CD1  . PHE A 1 78 ? -2.280  -6.685  -15.391 1.00 0.00 ? 78 PHE A CD1  1 
ATOM 1208 C CD2  . PHE A 1 78 ? -4.509  -6.250  -14.768 1.00 0.00 ? 78 PHE A CD2  1 
ATOM 1209 C CE1  . PHE A 1 78 ? -2.719  -7.759  -16.211 1.00 0.00 ? 78 PHE A CE1  1 
ATOM 1210 C CE2  . PHE A 1 78 ? -4.949  -7.323  -15.587 1.00 0.00 ? 78 PHE A CE2  1 
ATOM 1211 C CZ   . PHE A 1 78 ? -4.044  -8.055  -16.292 1.00 0.00 ? 78 PHE A CZ   1 
ATOM 1212 H H    . PHE A 1 78 ? -2.702  -3.330  -11.756 1.00 0.00 ? 78 PHE A H    1 
ATOM 1213 H HA   . PHE A 1 78 ? -2.539  -6.222  -12.138 1.00 0.00 ? 78 PHE A HA   1 
ATOM 1214 H HB2  . PHE A 1 78 ? -3.537  -4.099  -13.664 1.00 0.00 ? 78 PHE A HB2  1 
ATOM 1215 H HB3  . PHE A 1 78 ? -1.922  -4.255  -14.326 1.00 0.00 ? 78 PHE A HB3  1 
ATOM 1216 H HD1  . PHE A 1 78 ? -1.218  -6.448  -15.327 1.00 0.00 ? 78 PHE A HD1  1 
ATOM 1217 H HD2  . PHE A 1 78 ? -5.235  -5.663  -14.203 1.00 0.00 ? 78 PHE A HD2  1 
ATOM 1218 H HE1  . PHE A 1 78 ? -1.995  -8.346  -16.775 1.00 0.00 ? 78 PHE A HE1  1 
ATOM 1219 H HE2  . PHE A 1 78 ? -6.011  -7.561  -15.651 1.00 0.00 ? 78 PHE A HE2  1 
ATOM 1220 H HZ   . PHE A 1 78 ? -4.381  -8.879  -16.920 1.00 0.00 ? 78 PHE A HZ   1 
ATOM 1221 N N    . ASP A 1 79 ? -0.116  -4.008  -12.486 1.00 0.00 ? 79 ASP A N    1 
ATOM 1222 C CA   . ASP A 1 79 ? 1.327   -3.841  -12.507 1.00 0.00 ? 79 ASP A CA   1 
ATOM 1223 C C    . ASP A 1 79 ? 1.908   -4.282  -11.162 1.00 0.00 ? 79 ASP A C    1 
ATOM 1224 O O    . ASP A 1 79 ? 3.095   -4.587  -11.064 1.00 0.00 ? 79 ASP A O    1 
ATOM 1225 C CB   . ASP A 1 79 ? 1.709   -2.375  -12.728 1.00 0.00 ? 79 ASP A CB   1 
ATOM 1226 C CG   . ASP A 1 79 ? 3.094   -2.152  -13.335 1.00 0.00 ? 79 ASP A CG   1 
ATOM 1227 O OD1  . ASP A 1 79 ? 4.015   -2.960  -13.141 1.00 0.00 ? 79 ASP A OD1  1 
ATOM 1228 O OD2  . ASP A 1 79 ? 3.214   -1.079  -14.043 1.00 0.00 ? 79 ASP A OD2  1 
ATOM 1229 H H    . ASP A 1 79 ? -0.640  -3.157  -12.499 1.00 0.00 ? 79 ASP A H    1 
ATOM 1230 H HA   . ASP A 1 79 ? 1.676   -4.459  -13.335 1.00 0.00 ? 79 ASP A HA   1 
ATOM 1231 H HB2  . ASP A 1 79 ? 0.964   -1.916  -13.379 1.00 0.00 ? 79 ASP A HB2  1 
ATOM 1232 H HB3  . ASP A 1 79 ? 1.659   -1.854  -11.771 1.00 0.00 ? 79 ASP A HB3  1 
ATOM 1233 H HD2  . ASP A 1 79 ? 2.344   -0.867  -14.489 1.00 0.00 ? 79 ASP A HD2  1 
ATOM 1234 N N    . HIS A 1 80 ? 1.043   -4.303  -10.158 1.00 0.00 ? 80 HIS A N    1 
ATOM 1235 C CA   . HIS A 1 80 ? 1.454   -4.701  -8.823  1.00 0.00 ? 80 HIS A CA   1 
ATOM 1236 C C    . HIS A 1 80 ? 1.157   -6.188  -8.618  1.00 0.00 ? 80 HIS A C    1 
ATOM 1237 O O    . HIS A 1 80 ? -0.004  -6.589  -8.554  1.00 0.00 ? 80 HIS A O    1 
ATOM 1238 C CB   . HIS A 1 80 ? 0.799   -3.814  -7.764  1.00 0.00 ? 80 HIS A CB   1 
ATOM 1239 C CG   . HIS A 1 80 ? -0.288  -4.502  -6.973  1.00 0.00 ? 80 HIS A CG   1 
ATOM 1240 N ND1  . HIS A 1 80 ? -1.565  -3.984  -6.847  1.00 0.00 ? 80 HIS A ND1  1 
ATOM 1241 C CD2  . HIS A 1 80 ? -0.276  -5.671  -6.271  1.00 0.00 ? 80 HIS A CD2  1 
ATOM 1242 C CE1  . HIS A 1 80 ? -2.280  -4.812  -6.100  1.00 0.00 ? 80 HIS A CE1  1 
ATOM 1243 N NE2  . HIS A 1 80 ? -1.479  -5.856  -5.743  1.00 0.00 ? 80 HIS A NE2  1 
ATOM 1244 H H    . HIS A 1 80 ? 0.079   -4.053  -10.246 1.00 0.00 ? 80 HIS A H    1 
ATOM 1245 H HA   . HIS A 1 80 ? 2.532   -4.544  -8.768  1.00 0.00 ? 80 HIS A HA   1 
ATOM 1246 H HB2  . HIS A 1 80 ? 1.566   -3.460  -7.076  1.00 0.00 ? 80 HIS A HB2  1 
ATOM 1247 H HB3  . HIS A 1 80 ? 0.378   -2.935  -8.252  1.00 0.00 ? 80 HIS A HB3  1 
ATOM 1248 H HD1  . HIS A 1 80 ? -1.893  -3.130  -7.252  1.00 0.00 ? 80 HIS A HD1  1 
ATOM 1249 H HD2  . HIS A 1 80 ? 0.578   -6.339  -6.161  1.00 0.00 ? 80 HIS A HD2  1 
ATOM 1250 H HE1  . HIS A 1 80 ? -3.326  -4.682  -5.819  1.00 0.00 ? 80 HIS A HE1  1 
ATOM 1251 N N    . PRO A 1 81 ? 2.254   -6.985  -8.517  1.00 0.00 ? 81 PRO A N    1 
ATOM 1252 C CA   . PRO A 1 81 ? 2.124   -8.419  -8.320  1.00 0.00 ? 81 PRO A CA   1 
ATOM 1253 C C    . PRO A 1 81 ? 1.715   -8.739  -6.880  1.00 0.00 ? 81 PRO A C    1 
ATOM 1254 O O    . PRO A 1 81 ? 0.976   -9.692  -6.638  1.00 0.00 ? 81 PRO A O    1 
ATOM 1255 C CB   . PRO A 1 81 ? 3.479   -8.994  -8.695  1.00 0.00 ? 81 PRO A CB   1 
ATOM 1256 C CG   . PRO A 1 81 ? 4.454   -7.830  -8.642  1.00 0.00 ? 81 PRO A CG   1 
ATOM 1257 C CD   . PRO A 1 81 ? 3.645   -6.544  -8.588  1.00 0.00 ? 81 PRO A CD   1 
ATOM 1258 H HA   . PRO A 1 81 ? 1.392   -8.783  -8.898  1.00 0.00 ? 81 PRO A HA   1 
ATOM 1259 H HB2  . PRO A 1 81 ? 3.774   -9.783  -8.003  1.00 0.00 ? 81 PRO A HB2  1 
ATOM 1260 H HB3  . PRO A 1 81 ? 3.453   -9.436  -9.691  1.00 0.00 ? 81 PRO A HB3  1 
ATOM 1261 H HG2  . PRO A 1 81 ? 5.099   -7.911  -7.766  1.00 0.00 ? 81 PRO A HG2  1 
ATOM 1262 H HG3  . PRO A 1 81 ? 5.105   -7.835  -9.517  1.00 0.00 ? 81 PRO A HG3  1 
ATOM 1263 H HD2  . PRO A 1 81 ? 3.914   -5.943  -7.720  1.00 0.00 ? 81 PRO A HD2  1 
ATOM 1264 H HD3  . PRO A 1 81 ? 3.821   -5.929  -9.470  1.00 0.00 ? 81 PRO A HD3  1 
ATOM 1265 N N    . ASN A 1 82 ? 2.215   -7.924  -5.962  1.00 0.00 ? 82 ASN A N    1 
ATOM 1266 C CA   . ASN A 1 82 ? 1.913   -8.109  -4.554  1.00 0.00 ? 82 ASN A CA   1 
ATOM 1267 C C    . ASN A 1 82 ? 1.922   -6.749  -3.852  1.00 0.00 ? 82 ASN A C    1 
ATOM 1268 O O    . ASN A 1 82 ? 2.368   -5.755  -4.422  1.00 0.00 ? 82 ASN A O    1 
ATOM 1269 C CB   . ASN A 1 82 ? 2.959   -8.997  -3.877  1.00 0.00 ? 82 ASN A CB   1 
ATOM 1270 C CG   . ASN A 1 82 ? 3.488   -10.057 -4.846  1.00 0.00 ? 82 ASN A CG   1 
ATOM 1271 O OD1  . ASN A 1 82 ? 4.376   -9.815  -5.648  1.00 0.00 ? 82 ASN A OD1  1 
ATOM 1272 N ND2  . ASN A 1 82 ? 2.895   -11.242 -4.729  1.00 0.00 ? 82 ASN A ND2  1 
ATOM 1273 H H    . ASN A 1 82 ? 2.816   -7.152  -6.168  1.00 0.00 ? 82 ASN A H    1 
ATOM 1274 H HA   . ASN A 1 82 ? 0.931   -8.583  -4.531  1.00 0.00 ? 82 ASN A HA   1 
ATOM 1275 H HB2  . ASN A 1 82 ? 3.785   -8.383  -3.517  1.00 0.00 ? 82 ASN A HB2  1 
ATOM 1276 H HB3  . ASN A 1 82 ? 2.520   -9.483  -3.006  1.00 0.00 ? 82 ASN A HB3  1 
ATOM 1277 H HD21 . ASN A 1 82 ? 2.172   -11.374 -4.051  1.00 0.00 ? 82 ASN A HD21 1 
ATOM 1278 H HD22 . ASN A 1 82 ? 3.171   -12.000 -5.319  1.00 0.00 ? 82 ASN A HD22 1 
ATOM 1279 N N    . ALA A 1 83 ? 1.425   -6.749  -2.624  1.00 0.00 ? 83 ALA A N    1 
ATOM 1280 C CA   . ALA A 1 83 ? 1.370   -5.528  -1.838  1.00 0.00 ? 83 ALA A CA   1 
ATOM 1281 C C    . ALA A 1 83 ? 2.772   -4.925  -1.744  1.00 0.00 ? 83 ALA A C    1 
ATOM 1282 O O    . ALA A 1 83 ? 2.980   -3.767  -2.104  1.00 0.00 ? 83 ALA A O    1 
ATOM 1283 C CB   . ALA A 1 83 ? 0.772   -5.832  -0.463  1.00 0.00 ? 83 ALA A CB   1 
ATOM 1284 H H    . ALA A 1 83 ? 1.063   -7.562  -2.167  1.00 0.00 ? 83 ALA A H    1 
ATOM 1285 H HA   . ALA A 1 83 ? 0.716   -4.828  -2.358  1.00 0.00 ? 83 ALA A HA   1 
ATOM 1286 H HB1  . ALA A 1 83 ? 1.540   -6.259  0.181   1.00 0.00 ? 83 ALA A HB1  1 
ATOM 1287 H HB2  . ALA A 1 83 ? 0.396   -4.910  -0.019  1.00 0.00 ? 83 ALA A HB2  1 
ATOM 1288 H HB3  . ALA A 1 83 ? -0.048  -6.542  -0.573  1.00 0.00 ? 83 ALA A HB3  1 
ATOM 1289 N N    . SER A 1 84 ? 3.699   -5.737  -1.257  1.00 0.00 ? 84 SER A N    1 
ATOM 1290 C CA   . SER A 1 84 ? 5.076   -5.298  -1.110  1.00 0.00 ? 84 SER A CA   1 
ATOM 1291 C C    . SER A 1 84 ? 5.462   -4.383  -2.274  1.00 0.00 ? 84 SER A C    1 
ATOM 1292 O O    . SER A 1 84 ? 6.157   -3.387  -2.082  1.00 0.00 ? 84 SER A O    1 
ATOM 1293 C CB   . SER A 1 84 ? 6.031   -6.492  -1.035  1.00 0.00 ? 84 SER A CB   1 
ATOM 1294 O OG   . SER A 1 84 ? 6.992   -6.343  0.007   1.00 0.00 ? 84 SER A OG   1 
ATOM 1295 H H    . SER A 1 84 ? 3.522   -6.677  -0.965  1.00 0.00 ? 84 SER A H    1 
ATOM 1296 H HA   . SER A 1 84 ? 5.106   -4.751  -0.167  1.00 0.00 ? 84 SER A HA   1 
ATOM 1297 H HB2  . SER A 1 84 ? 5.457   -7.405  -0.871  1.00 0.00 ? 84 SER A HB2  1 
ATOM 1298 H HB3  . SER A 1 84 ? 6.544   -6.606  -1.990  1.00 0.00 ? 84 SER A HB3  1 
ATOM 1299 H HG   . SER A 1 84 ? 7.133   -7.218  0.469   1.00 0.00 ? 84 SER A HG   1 
ATOM 1300 N N    . ALA A 1 85 ? 4.993   -4.755  -3.456  1.00 0.00 ? 85 ALA A N    1 
ATOM 1301 C CA   . ALA A 1 85 ? 5.278   -3.980  -4.651  1.00 0.00 ? 85 ALA A CA   1 
ATOM 1302 C C    . ALA A 1 85 ? 4.474   -2.679  -4.616  1.00 0.00 ? 85 ALA A C    1 
ATOM 1303 O O    . ALA A 1 85 ? 5.032   -1.594  -4.773  1.00 0.00 ? 85 ALA A O    1 
ATOM 1304 C CB   . ALA A 1 85 ? 4.971   -4.822  -5.892  1.00 0.00 ? 85 ALA A CB   1 
ATOM 1305 H H    . ALA A 1 85 ? 4.427   -5.566  -3.604  1.00 0.00 ? 85 ALA A H    1 
ATOM 1306 H HA   . ALA A 1 85 ? 6.341   -3.740  -4.646  1.00 0.00 ? 85 ALA A HA   1 
ATOM 1307 H HB1  . ALA A 1 85 ? 5.066   -5.879  -5.646  1.00 0.00 ? 85 ALA A HB1  1 
ATOM 1308 H HB2  . ALA A 1 85 ? 3.954   -4.617  -6.227  1.00 0.00 ? 85 ALA A HB2  1 
ATOM 1309 H HB3  . ALA A 1 85 ? 5.673   -4.569  -6.685  1.00 0.00 ? 85 ALA A HB3  1 
ATOM 1310 N N    . VAL A 1 86 ? 3.174   -2.830  -4.408  1.00 0.00 ? 86 VAL A N    1 
ATOM 1311 C CA   . VAL A 1 86 ? 2.287   -1.681  -4.349  1.00 0.00 ? 86 VAL A CA   1 
ATOM 1312 C C    . VAL A 1 86 ? 2.981   -0.544  -3.597  1.00 0.00 ? 86 VAL A C    1 
ATOM 1313 O O    . VAL A 1 86 ? 2.988   0.597   -4.056  1.00 0.00 ? 86 VAL A O    1 
ATOM 1314 C CB   . VAL A 1 86 ? 0.950   -2.083  -3.724  1.00 0.00 ? 86 VAL A CB   1 
ATOM 1315 C CG1  . VAL A 1 86 ? 0.126   -0.849  -3.350  1.00 0.00 ? 86 VAL A CG1  1 
ATOM 1316 C CG2  . VAL A 1 86 ? 0.163   -3.005  -4.657  1.00 0.00 ? 86 VAL A CG2  1 
ATOM 1317 H H    . VAL A 1 86 ? 2.727   -3.715  -4.281  1.00 0.00 ? 86 VAL A H    1 
ATOM 1318 H HA   . VAL A 1 86 ? 2.097   -1.360  -5.374  1.00 0.00 ? 86 VAL A HA   1 
ATOM 1319 H HB   . VAL A 1 86 ? 1.161   -2.634  -2.808  1.00 0.00 ? 86 VAL A HB   1 
ATOM 1320 H HG11 . VAL A 1 86 ? 0.199   -0.108  -4.146  1.00 0.00 ? 86 VAL A HG11 1 
ATOM 1321 H HG12 . VAL A 1 86 ? -0.917  -1.136  -3.215  1.00 0.00 ? 86 VAL A HG12 1 
ATOM 1322 H HG13 . VAL A 1 86 ? 0.510   -0.424  -2.422  1.00 0.00 ? 86 VAL A HG13 1 
ATOM 1323 H HG21 . VAL A 1 86 ? 0.588   -4.009  -4.620  1.00 0.00 ? 86 VAL A HG21 1 
ATOM 1324 H HG22 . VAL A 1 86 ? -0.879  -3.041  -4.340  1.00 0.00 ? 86 VAL A HG22 1 
ATOM 1325 H HG23 . VAL A 1 86 ? 0.220   -2.625  -5.676  1.00 0.00 ? 86 VAL A HG23 1 
ATOM 1326 N N    . ALA A 1 87 ? 3.549   -0.895  -2.453  1.00 0.00 ? 87 ALA A N    1 
ATOM 1327 C CA   . ALA A 1 87 ? 4.244   0.082   -1.632  1.00 0.00 ? 87 ALA A CA   1 
ATOM 1328 C C    . ALA A 1 87 ? 5.223   0.871   -2.504  1.00 0.00 ? 87 ALA A C    1 
ATOM 1329 O O    . ALA A 1 87 ? 5.168   2.098   -2.551  1.00 0.00 ? 87 ALA A O    1 
ATOM 1330 C CB   . ALA A 1 87 ? 4.942   -0.631  -0.471  1.00 0.00 ? 87 ALA A CB   1 
ATOM 1331 H H    . ALA A 1 87 ? 3.540   -1.825  -2.085  1.00 0.00 ? 87 ALA A H    1 
ATOM 1332 H HA   . ALA A 1 87 ? 3.499   0.766   -1.227  1.00 0.00 ? 87 ALA A HA   1 
ATOM 1333 H HB1  . ALA A 1 87 ? 5.739   -1.263  -0.859  1.00 0.00 ? 87 ALA A HB1  1 
ATOM 1334 H HB2  . ALA A 1 87 ? 5.364   0.110   0.209   1.00 0.00 ? 87 ALA A HB2  1 
ATOM 1335 H HB3  . ALA A 1 87 ? 4.218   -1.245  0.066   1.00 0.00 ? 87 ALA A HB3  1 
ATOM 1336 N N    . GLY A 1 88 ? 6.097   0.132   -3.173  1.00 0.00 ? 88 GLY A N    1 
ATOM 1337 C CA   . GLY A 1 88 ? 7.086   0.747   -4.042  1.00 0.00 ? 88 GLY A CA   1 
ATOM 1338 C C    . GLY A 1 88 ? 6.430   1.737   -5.006  1.00 0.00 ? 88 GLY A C    1 
ATOM 1339 O O    . GLY A 1 88 ? 6.690   2.938   -4.941  1.00 0.00 ? 88 GLY A O    1 
ATOM 1340 H H    . GLY A 1 88 ? 6.135   -0.866  -3.129  1.00 0.00 ? 88 GLY A H    1 
ATOM 1341 H HA2  . GLY A 1 88 ? 7.833   1.263   -3.438  1.00 0.00 ? 88 GLY A HA2  1 
ATOM 1342 H HA3  . GLY A 1 88 ? 7.609   -0.025  -4.606  1.00 0.00 ? 88 GLY A HA3  1 
ATOM 1343 N N    . PHE A 1 89 ? 5.592   1.197   -5.879  1.00 0.00 ? 89 PHE A N    1 
ATOM 1344 C CA   . PHE A 1 89 ? 4.896   2.018   -6.855  1.00 0.00 ? 89 PHE A CA   1 
ATOM 1345 C C    . PHE A 1 89 ? 4.415   3.327   -6.227  1.00 0.00 ? 89 PHE A C    1 
ATOM 1346 O O    . PHE A 1 89 ? 4.533   4.390   -6.834  1.00 0.00 ? 89 PHE A O    1 
ATOM 1347 C CB   . PHE A 1 89 ? 3.683   1.215   -7.329  1.00 0.00 ? 89 PHE A CB   1 
ATOM 1348 C CG   . PHE A 1 89 ? 3.605   1.043   -8.848  1.00 0.00 ? 89 PHE A CG   1 
ATOM 1349 C CD1  . PHE A 1 89 ? 2.975   1.978   -9.607  1.00 0.00 ? 89 PHE A CD1  1 
ATOM 1350 C CD2  . PHE A 1 89 ? 4.167   -0.045  -9.438  1.00 0.00 ? 89 PHE A CD2  1 
ATOM 1351 C CE1  . PHE A 1 89 ? 2.903   1.819   -11.017 1.00 0.00 ? 89 PHE A CE1  1 
ATOM 1352 C CE2  . PHE A 1 89 ? 4.096   -0.205  -10.847 1.00 0.00 ? 89 PHE A CE2  1 
ATOM 1353 C CZ   . PHE A 1 89 ? 3.465   0.730   -11.607 1.00 0.00 ? 89 PHE A CZ   1 
ATOM 1354 H H    . PHE A 1 89 ? 5.386   0.219   -5.924  1.00 0.00 ? 89 PHE A H    1 
ATOM 1355 H HA   . PHE A 1 89 ? 5.604   2.238   -7.655  1.00 0.00 ? 89 PHE A HA   1 
ATOM 1356 H HB2  . PHE A 1 89 ? 3.705   0.231   -6.863  1.00 0.00 ? 89 PHE A HB2  1 
ATOM 1357 H HB3  . PHE A 1 89 ? 2.775   1.711   -6.984  1.00 0.00 ? 89 PHE A HB3  1 
ATOM 1358 H HD1  . PHE A 1 89 ? 2.524   2.851   -9.134  1.00 0.00 ? 89 PHE A HD1  1 
ATOM 1359 H HD2  . PHE A 1 89 ? 4.673   -0.795  -8.830  1.00 0.00 ? 89 PHE A HD2  1 
ATOM 1360 H HE1  . PHE A 1 89 ? 2.398   2.569   -11.625 1.00 0.00 ? 89 PHE A HE1  1 
ATOM 1361 H HE2  . PHE A 1 89 ? 4.546   -1.078  -11.320 1.00 0.00 ? 89 PHE A HE2  1 
ATOM 1362 H HZ   . PHE A 1 89 ? 3.410   0.608   -12.688 1.00 0.00 ? 89 PHE A HZ   1 
ATOM 1363 N N    . LEU A 1 90 ? 3.882   3.207   -5.020  1.00 0.00 ? 90 LEU A N    1 
ATOM 1364 C CA   . LEU A 1 90 ? 3.382   4.367   -4.304  1.00 0.00 ? 90 LEU A CA   1 
ATOM 1365 C C    . LEU A 1 90 ? 4.559   5.252   -3.890  1.00 0.00 ? 90 LEU A C    1 
ATOM 1366 O O    . LEU A 1 90 ? 4.511   6.471   -4.050  1.00 0.00 ? 90 LEU A O    1 
ATOM 1367 C CB   . LEU A 1 90 ? 2.496   3.934   -3.134  1.00 0.00 ? 90 LEU A CB   1 
ATOM 1368 C CG   . LEU A 1 90 ? 1.046   3.591   -3.482  1.00 0.00 ? 90 LEU A CG   1 
ATOM 1369 C CD1  . LEU A 1 90 ? 0.875   2.086   -3.693  1.00 0.00 ? 90 LEU A CD1  1 
ATOM 1370 C CD2  . LEU A 1 90 ? 0.085   4.133   -2.422  1.00 0.00 ? 90 LEU A CD2  1 
ATOM 1371 H H    . LEU A 1 90 ? 3.790   2.338   -4.534  1.00 0.00 ? 90 LEU A H    1 
ATOM 1372 H HA   . LEU A 1 90 ? 2.753   4.931   -4.993  1.00 0.00 ? 90 LEU A HA   1 
ATOM 1373 H HB2  . LEU A 1 90 ? 2.951   3.064   -2.662  1.00 0.00 ? 90 LEU A HB2  1 
ATOM 1374 H HB3  . LEU A 1 90 ? 2.492   4.733   -2.393  1.00 0.00 ? 90 LEU A HB3  1 
ATOM 1375 H HG   . LEU A 1 90 ? 0.795   4.079   -4.423  1.00 0.00 ? 90 LEU A HG   1 
ATOM 1376 H HD11 . LEU A 1 90 ? 1.265   1.810   -4.674  1.00 0.00 ? 90 LEU A HD11 1 
ATOM 1377 H HD12 . LEU A 1 90 ? 1.420   1.545   -2.920  1.00 0.00 ? 90 LEU A HD12 1 
ATOM 1378 H HD13 . LEU A 1 90 ? -0.183  1.829   -3.638  1.00 0.00 ? 90 LEU A HD13 1 
ATOM 1379 H HD21 . LEU A 1 90 ? 0.561   4.954   -1.886  1.00 0.00 ? 90 LEU A HD21 1 
ATOM 1380 H HD22 . LEU A 1 90 ? -0.823  4.493   -2.905  1.00 0.00 ? 90 LEU A HD22 1 
ATOM 1381 H HD23 . LEU A 1 90 ? -0.167  3.340   -1.720  1.00 0.00 ? 90 LEU A HD23 1 
ATOM 1382 N N    . ASP A 1 91 ? 5.588   4.604   -3.364  1.00 0.00 ? 91 ASP A N    1 
ATOM 1383 C CA   . ASP A 1 91 ? 6.777   5.316   -2.926  1.00 0.00 ? 91 ASP A CA   1 
ATOM 1384 C C    . ASP A 1 91 ? 7.395   6.050   -4.117  1.00 0.00 ? 91 ASP A C    1 
ATOM 1385 O O    . ASP A 1 91 ? 7.726   7.231   -4.020  1.00 0.00 ? 91 ASP A O    1 
ATOM 1386 C CB   . ASP A 1 91 ? 7.825   4.350   -2.369  1.00 0.00 ? 91 ASP A CB   1 
ATOM 1387 C CG   . ASP A 1 91 ? 8.701   4.920   -1.253  1.00 0.00 ? 91 ASP A CG   1 
ATOM 1388 O OD1  . ASP A 1 91 ? 8.221   5.211   -0.147  1.00 0.00 ? 91 ASP A OD1  1 
ATOM 1389 O OD2  . ASP A 1 91 ? 9.946   5.065   -1.558  1.00 0.00 ? 91 ASP A OD2  1 
ATOM 1390 H H    . ASP A 1 91 ? 5.619   3.613   -3.237  1.00 0.00 ? 91 ASP A H    1 
ATOM 1391 H HA   . ASP A 1 91 ? 6.430   5.999   -2.149  1.00 0.00 ? 91 ASP A HA   1 
ATOM 1392 H HB2  . ASP A 1 91 ? 7.314   3.463   -1.993  1.00 0.00 ? 91 ASP A HB2  1 
ATOM 1393 H HB3  . ASP A 1 91 ? 8.468   4.026   -3.187  1.00 0.00 ? 91 ASP A HB3  1 
ATOM 1394 H HD2  . ASP A 1 91 ? 10.199  4.422   -2.281  1.00 0.00 ? 91 ASP A HD2  1 
ATOM 1395 N N    . ALA A 1 92 ? 7.533   5.320   -5.214  1.00 0.00 ? 92 ALA A N    1 
ATOM 1396 C CA   . ALA A 1 92 ? 8.106   5.887   -6.423  1.00 0.00 ? 92 ALA A CA   1 
ATOM 1397 C C    . ALA A 1 92 ? 7.227   7.042   -6.906  1.00 0.00 ? 92 ALA A C    1 
ATOM 1398 O O    . ALA A 1 92 ? 7.732   8.038   -7.422  1.00 0.00 ? 92 ALA A O    1 
ATOM 1399 C CB   . ALA A 1 92 ? 8.260   4.790   -7.478  1.00 0.00 ? 92 ALA A CB   1 
ATOM 1400 H H    . ALA A 1 92 ? 7.262   4.360   -5.285  1.00 0.00 ? 92 ALA A H    1 
ATOM 1401 H HA   . ALA A 1 92 ? 9.094   6.273   -6.172  1.00 0.00 ? 92 ALA A HA   1 
ATOM 1402 H HB1  . ALA A 1 92 ? 7.694   3.909   -7.172  1.00 0.00 ? 92 ALA A HB1  1 
ATOM 1403 H HB2  . ALA A 1 92 ? 7.879   5.150   -8.434  1.00 0.00 ? 92 ALA A HB2  1 
ATOM 1404 H HB3  . ALA A 1 92 ? 9.312   4.529   -7.580  1.00 0.00 ? 92 ALA A HB3  1 
ATOM 1405 N N    . GLU A 1 93 ? 5.926   6.871   -6.722  1.00 0.00 ? 93 GLU A N    1 
ATOM 1406 C CA   . GLU A 1 93 ? 4.972   7.886   -7.132  1.00 0.00 ? 93 GLU A CA   1 
ATOM 1407 C C    . GLU A 1 93 ? 5.038   9.089   -6.189  1.00 0.00 ? 93 GLU A C    1 
ATOM 1408 O O    . GLU A 1 93 ? 4.715   10.209  -6.582  1.00 0.00 ? 93 GLU A O    1 
ATOM 1409 C CB   . GLU A 1 93 ? 3.554   7.315   -7.192  1.00 0.00 ? 93 GLU A CB   1 
ATOM 1410 C CG   . GLU A 1 93 ? 3.398   6.359   -8.376  1.00 0.00 ? 93 GLU A CG   1 
ATOM 1411 C CD   . GLU A 1 93 ? 2.513   6.972   -9.464  1.00 0.00 ? 93 GLU A CD   1 
ATOM 1412 O OE1  . GLU A 1 93 ? 1.403   7.437   -9.170  1.00 0.00 ? 93 GLU A OE1  1 
ATOM 1413 O OE2  . GLU A 1 93 ? 3.019   6.957   -10.651 1.00 0.00 ? 93 GLU A OE2  1 
ATOM 1414 H H    . GLU A 1 93 ? 5.523   6.058   -6.301  1.00 0.00 ? 93 GLU A H    1 
ATOM 1415 H HA   . GLU A 1 93 ? 5.279   8.184   -8.134  1.00 0.00 ? 93 GLU A HA   1 
ATOM 1416 H HB2  . GLU A 1 93 ? 3.330   6.789   -6.264  1.00 0.00 ? 93 GLU A HB2  1 
ATOM 1417 H HB3  . GLU A 1 93 ? 2.833   8.128   -7.279  1.00 0.00 ? 93 GLU A HB3  1 
ATOM 1418 H HG2  . GLU A 1 93 ? 4.379   6.124   -8.790  1.00 0.00 ? 93 GLU A HG2  1 
ATOM 1419 H HG3  . GLU A 1 93 ? 2.962   5.419   -8.035  1.00 0.00 ? 93 GLU A HG3  1 
ATOM 1420 H HE2  . GLU A 1 93 ? 3.430   6.064   -10.835 1.00 0.00 ? 93 GLU A HE2  1 
ATOM 1421 N N    . LEU A 1 94 ? 5.460   8.817   -4.963  1.00 0.00 ? 94 LEU A N    1 
ATOM 1422 C CA   . LEU A 1 94 ? 5.574   9.863   -3.960  1.00 0.00 ? 94 LEU A CA   1 
ATOM 1423 C C    . LEU A 1 94 ? 6.942   10.536  -4.083  1.00 0.00 ? 94 LEU A C    1 
ATOM 1424 O O    . LEU A 1 94 ? 7.106   11.692  -3.698  1.00 0.00 ? 94 LEU A O    1 
ATOM 1425 C CB   . LEU A 1 94 ? 5.287   9.302   -2.566  1.00 0.00 ? 94 LEU A CB   1 
ATOM 1426 C CG   . LEU A 1 94 ? 3.826   8.959   -2.268  1.00 0.00 ? 94 LEU A CG   1 
ATOM 1427 C CD1  . LEU A 1 94 ? 3.700   8.192   -0.950  1.00 0.00 ? 94 LEU A CD1  1 
ATOM 1428 C CD2  . LEU A 1 94 ? 2.953   10.215  -2.286  1.00 0.00 ? 94 LEU A CD2  1 
ATOM 1429 H H    . LEU A 1 94 ? 5.721   7.903   -4.652  1.00 0.00 ? 94 LEU A H    1 
ATOM 1430 H HA   . LEU A 1 94 ? 4.803   10.604  -4.174  1.00 0.00 ? 94 LEU A HA   1 
ATOM 1431 H HB2  . LEU A 1 94 ? 5.886   8.402   -2.428  1.00 0.00 ? 94 LEU A HB2  1 
ATOM 1432 H HB3  . LEU A 1 94 ? 5.627   10.028  -1.828  1.00 0.00 ? 94 LEU A HB3  1 
ATOM 1433 H HG   . LEU A 1 94 ? 3.461   8.303   -3.059  1.00 0.00 ? 94 LEU A HG   1 
ATOM 1434 H HD11 . LEU A 1 94 ? 4.205   8.746   -0.158  1.00 0.00 ? 94 LEU A HD11 1 
ATOM 1435 H HD12 . LEU A 1 94 ? 2.647   8.076   -0.697  1.00 0.00 ? 94 LEU A HD12 1 
ATOM 1436 H HD13 . LEU A 1 94 ? 4.160   7.209   -1.056  1.00 0.00 ? 94 LEU A HD13 1 
ATOM 1437 H HD21 . LEU A 1 94 ? 2.440   10.288  -3.245  1.00 0.00 ? 94 LEU A HD21 1 
ATOM 1438 H HD22 . LEU A 1 94 ? 2.218   10.158  -1.484  1.00 0.00 ? 94 LEU A HD22 1 
ATOM 1439 H HD23 . LEU A 1 94 ? 3.580   11.095  -2.142  1.00 0.00 ? 94 LEU A HD23 1 
ATOM 1440 N N    . GLY A 1 95 ? 7.890   9.782   -4.623  1.00 0.00 ? 95 GLY A N    1 
ATOM 1441 C CA   . GLY A 1 95 ? 9.239   10.291  -4.802  1.00 0.00 ? 95 GLY A CA   1 
ATOM 1442 C C    . GLY A 1 95 ? 9.839   9.803   -6.122  1.00 0.00 ? 95 GLY A C    1 
ATOM 1443 O O    . GLY A 1 95 ? 10.621  10.512  -6.752  1.00 0.00 ? 95 GLY A O    1 
ATOM 1444 H H    . GLY A 1 95 ? 7.748   8.842   -4.934  1.00 0.00 ? 95 GLY A H    1 
ATOM 1445 H HA2  . GLY A 1 95 ? 9.225   11.381  -4.786  1.00 0.00 ? 95 GLY A HA2  1 
ATOM 1446 H HA3  . GLY A 1 95 ? 9.866   9.967   -3.971  1.00 0.00 ? 95 GLY A HA3  1 
# 
